data_1XK5
# 
_entry.id   1XK5 
# 
_audit_conform.dict_name       mmcif_pdbx.dic 
_audit_conform.dict_version    5.388 
_audit_conform.dict_location   http://mmcif.pdb.org/dictionaries/ascii/mmcif_pdbx.dic 
# 
loop_
_database_2.database_id 
_database_2.database_code 
_database_2.pdbx_database_accession 
_database_2.pdbx_DOI 
PDB   1XK5         pdb_00001xk5 10.2210/pdb1xk5/pdb 
RCSB  RCSB030447   ?            ?                   
WWPDB D_1000030447 ?            ?                   
# 
loop_
_pdbx_audit_revision_history.ordinal 
_pdbx_audit_revision_history.data_content_type 
_pdbx_audit_revision_history.major_revision 
_pdbx_audit_revision_history.minor_revision 
_pdbx_audit_revision_history.revision_date 
1 'Structure model' 1 0 2005-06-07 
2 'Structure model' 1 1 2008-04-30 
3 'Structure model' 1 2 2011-07-13 
4 'Structure model' 1 3 2024-03-13 
# 
_pdbx_audit_revision_details.ordinal             1 
_pdbx_audit_revision_details.revision_ordinal    1 
_pdbx_audit_revision_details.data_content_type   'Structure model' 
_pdbx_audit_revision_details.provider            repository 
_pdbx_audit_revision_details.type                'Initial release' 
_pdbx_audit_revision_details.description         ? 
_pdbx_audit_revision_details.details             ? 
# 
loop_
_pdbx_audit_revision_group.ordinal 
_pdbx_audit_revision_group.revision_ordinal 
_pdbx_audit_revision_group.data_content_type 
_pdbx_audit_revision_group.group 
1 2 'Structure model' 'Version format compliance' 
2 3 'Structure model' 'Version format compliance' 
3 4 'Structure model' 'Data collection'           
4 4 'Structure model' 'Database references'       
5 4 'Structure model' 'Derived calculations'      
# 
loop_
_pdbx_audit_revision_category.ordinal 
_pdbx_audit_revision_category.revision_ordinal 
_pdbx_audit_revision_category.data_content_type 
_pdbx_audit_revision_category.category 
1 4 'Structure model' chem_comp_atom 
2 4 'Structure model' chem_comp_bond 
3 4 'Structure model' database_2     
4 4 'Structure model' struct_site    
# 
loop_
_pdbx_audit_revision_item.ordinal 
_pdbx_audit_revision_item.revision_ordinal 
_pdbx_audit_revision_item.data_content_type 
_pdbx_audit_revision_item.item 
1 4 'Structure model' '_database_2.pdbx_DOI'                
2 4 'Structure model' '_database_2.pdbx_database_accession' 
3 4 'Structure model' '_struct_site.pdbx_auth_asym_id'      
4 4 'Structure model' '_struct_site.pdbx_auth_comp_id'      
5 4 'Structure model' '_struct_site.pdbx_auth_seq_id'       
# 
_pdbx_database_status.status_code                     REL 
_pdbx_database_status.entry_id                        1XK5 
_pdbx_database_status.recvd_initial_deposition_date   2004-09-27 
_pdbx_database_status.deposit_site                    RCSB 
_pdbx_database_status.process_site                    PDBJ 
_pdbx_database_status.status_code_sf                  REL 
_pdbx_database_status.status_code_mr                  ? 
_pdbx_database_status.SG_entry                        ? 
_pdbx_database_status.pdb_format_compatible           Y 
_pdbx_database_status.status_code_cs                  ? 
_pdbx_database_status.status_code_nmr_data            ? 
_pdbx_database_status.methods_development_category    ? 
# 
loop_
_audit_author.name 
_audit_author.pdbx_ordinal 
'Strasser, A.'  1 
'Dickmanns, A.' 2 
'Luehrmann, R.' 3 
'Ficner, R.'    4 
# 
loop_
_citation.id 
_citation.title 
_citation.journal_abbrev 
_citation.journal_volume 
_citation.page_first 
_citation.page_last 
_citation.year 
_citation.journal_id_ASTM 
_citation.country 
_citation.journal_id_ISSN 
_citation.journal_id_CSD 
_citation.book_publisher 
_citation.pdbx_database_id_PubMed 
_citation.pdbx_database_id_DOI 
primary 'Structural basis for m(3)G-cap-mediated nuclear import of spliceosomal UsnRNPs by snurportin1' 'Embo J.'                  
24 2235 2243 2005 EMJODG UK 0261-4189 0897 ? 15920472 10.1038/sj.emboj.7600701  
1       
;Purification, crystallization and preliminary crystallographic data of the m3G cap-binding domain of human snRNP import factor snurportin 1
;
'ACTA CRYSTALLOGR.,SECT.D' 60 1628 1631 2004 ABCRE6 DK 0907-4449 0766 ? 15333938 10.1107/S0907444904015380 
2       'Snurportin1, an m3G-cap-specific nuclear import receptor with a novel domain structure' 'Embo J.'                  17 
4114 4126 1998 EMJODG UK 0261-4189 0897 ? 9670026  10.1093/emboj/17.14.4114  
# 
loop_
_citation_author.citation_id 
_citation_author.name 
_citation_author.ordinal 
_citation_author.identifier_ORCID 
primary 'Strasser, A.'    1  ? 
primary 'Dickmanns, A.'   2  ? 
primary 'Luehrmann, R.'   3  ? 
primary 'Ficner, R.'      4  ? 
1       'Strasser, A.'    5  ? 
1       'Dickmanns, A.'   6  ? 
1       'Schmidt, U.'     7  ? 
1       'Penka, E.'       8  ? 
1       'Urlaub, H.'      9  ? 
1       'Sekine, M.'      10 ? 
1       'Luehrmann, R.'   11 ? 
1       'Ficner, R.'      12 ? 
2       'Huber, J.'       13 ? 
2       'Cronshagen, U.'  14 ? 
2       'Kadokura, M.'    15 ? 
2       'Marshallsay, C.' 16 ? 
2       'Wada, T.'        17 ? 
2       'Sekine, M.'      18 ? 
2       'Luehrmann, R.'   19 ? 
# 
loop_
_entity.id 
_entity.type 
_entity.src_method 
_entity.pdbx_description 
_entity.formula_weight 
_entity.pdbx_number_of_molecules 
_entity.pdbx_ec 
_entity.pdbx_mutation 
_entity.pdbx_fragment 
_entity.details 
1 polymer     man snurportin-1                                             23149.438 1  ? ? 
'm3G-cap-binding domain comprising amino acids 97-300' ? 
2 non-polymer syn "2,2,7-TRIMETHYL-GUANOSINE-5'-TRIPHOSPHATE-5'-GUANOSINE" 832.501   1  ? ? ? ? 
3 water       nat water                                                    18.015    82 ? ? ? ? 
# 
_entity_name_com.entity_id   1 
_entity_name_com.name        'RNA, U transporter 1, UsnRNPs' 
# 
_entity_poly.entity_id                      1 
_entity_poly.type                           'polypeptide(L)' 
_entity_poly.nstd_linkage                   no 
_entity_poly.nstd_monomer                   no 
_entity_poly.pdbx_seq_one_letter_code       
;HYANQLMLSEWLIDVPSDLGQEWIVVVCPVGKRALIVASRGSTSAYTKSGYCVNRFSSLLPGGNRRNSTAKDYTILDCIY
NEVNQTYYVLDVMCWRGHPFYDCQTDFRFYWMHSKLPEEEGLGEKTKLNPFKFVGLKNFPCTPESLCDVLSMDFPFEVDG
LLFYHKQTHYSPGSTPLVGWLRPYMVSDVLGVAVPAGPLTTKPD
;
_entity_poly.pdbx_seq_one_letter_code_can   
;HYANQLMLSEWLIDVPSDLGQEWIVVVCPVGKRALIVASRGSTSAYTKSGYCVNRFSSLLPGGNRRNSTAKDYTILDCIY
NEVNQTYYVLDVMCWRGHPFYDCQTDFRFYWMHSKLPEEEGLGEKTKLNPFKFVGLKNFPCTPESLCDVLSMDFPFEVDG
LLFYHKQTHYSPGSTPLVGWLRPYMVSDVLGVAVPAGPLTTKPD
;
_entity_poly.pdbx_strand_id                 A 
_entity_poly.pdbx_target_identifier         ? 
# 
loop_
_pdbx_entity_nonpoly.entity_id 
_pdbx_entity_nonpoly.name 
_pdbx_entity_nonpoly.comp_id 
2 "2,2,7-TRIMETHYL-GUANOSINE-5'-TRIPHOSPHATE-5'-GUANOSINE" TPG 
3 water                                                    HOH 
# 
loop_
_entity_poly_seq.entity_id 
_entity_poly_seq.num 
_entity_poly_seq.mon_id 
_entity_poly_seq.hetero 
1 1   HIS n 
1 2   TYR n 
1 3   ALA n 
1 4   ASN n 
1 5   GLN n 
1 6   LEU n 
1 7   MET n 
1 8   LEU n 
1 9   SER n 
1 10  GLU n 
1 11  TRP n 
1 12  LEU n 
1 13  ILE n 
1 14  ASP n 
1 15  VAL n 
1 16  PRO n 
1 17  SER n 
1 18  ASP n 
1 19  LEU n 
1 20  GLY n 
1 21  GLN n 
1 22  GLU n 
1 23  TRP n 
1 24  ILE n 
1 25  VAL n 
1 26  VAL n 
1 27  VAL n 
1 28  CYS n 
1 29  PRO n 
1 30  VAL n 
1 31  GLY n 
1 32  LYS n 
1 33  ARG n 
1 34  ALA n 
1 35  LEU n 
1 36  ILE n 
1 37  VAL n 
1 38  ALA n 
1 39  SER n 
1 40  ARG n 
1 41  GLY n 
1 42  SER n 
1 43  THR n 
1 44  SER n 
1 45  ALA n 
1 46  TYR n 
1 47  THR n 
1 48  LYS n 
1 49  SER n 
1 50  GLY n 
1 51  TYR n 
1 52  CYS n 
1 53  VAL n 
1 54  ASN n 
1 55  ARG n 
1 56  PHE n 
1 57  SER n 
1 58  SER n 
1 59  LEU n 
1 60  LEU n 
1 61  PRO n 
1 62  GLY n 
1 63  GLY n 
1 64  ASN n 
1 65  ARG n 
1 66  ARG n 
1 67  ASN n 
1 68  SER n 
1 69  THR n 
1 70  ALA n 
1 71  LYS n 
1 72  ASP n 
1 73  TYR n 
1 74  THR n 
1 75  ILE n 
1 76  LEU n 
1 77  ASP n 
1 78  CYS n 
1 79  ILE n 
1 80  TYR n 
1 81  ASN n 
1 82  GLU n 
1 83  VAL n 
1 84  ASN n 
1 85  GLN n 
1 86  THR n 
1 87  TYR n 
1 88  TYR n 
1 89  VAL n 
1 90  LEU n 
1 91  ASP n 
1 92  VAL n 
1 93  MET n 
1 94  CYS n 
1 95  TRP n 
1 96  ARG n 
1 97  GLY n 
1 98  HIS n 
1 99  PRO n 
1 100 PHE n 
1 101 TYR n 
1 102 ASP n 
1 103 CYS n 
1 104 GLN n 
1 105 THR n 
1 106 ASP n 
1 107 PHE n 
1 108 ARG n 
1 109 PHE n 
1 110 TYR n 
1 111 TRP n 
1 112 MET n 
1 113 HIS n 
1 114 SER n 
1 115 LYS n 
1 116 LEU n 
1 117 PRO n 
1 118 GLU n 
1 119 GLU n 
1 120 GLU n 
1 121 GLY n 
1 122 LEU n 
1 123 GLY n 
1 124 GLU n 
1 125 LYS n 
1 126 THR n 
1 127 LYS n 
1 128 LEU n 
1 129 ASN n 
1 130 PRO n 
1 131 PHE n 
1 132 LYS n 
1 133 PHE n 
1 134 VAL n 
1 135 GLY n 
1 136 LEU n 
1 137 LYS n 
1 138 ASN n 
1 139 PHE n 
1 140 PRO n 
1 141 CYS n 
1 142 THR n 
1 143 PRO n 
1 144 GLU n 
1 145 SER n 
1 146 LEU n 
1 147 CYS n 
1 148 ASP n 
1 149 VAL n 
1 150 LEU n 
1 151 SER n 
1 152 MET n 
1 153 ASP n 
1 154 PHE n 
1 155 PRO n 
1 156 PHE n 
1 157 GLU n 
1 158 VAL n 
1 159 ASP n 
1 160 GLY n 
1 161 LEU n 
1 162 LEU n 
1 163 PHE n 
1 164 TYR n 
1 165 HIS n 
1 166 LYS n 
1 167 GLN n 
1 168 THR n 
1 169 HIS n 
1 170 TYR n 
1 171 SER n 
1 172 PRO n 
1 173 GLY n 
1 174 SER n 
1 175 THR n 
1 176 PRO n 
1 177 LEU n 
1 178 VAL n 
1 179 GLY n 
1 180 TRP n 
1 181 LEU n 
1 182 ARG n 
1 183 PRO n 
1 184 TYR n 
1 185 MET n 
1 186 VAL n 
1 187 SER n 
1 188 ASP n 
1 189 VAL n 
1 190 LEU n 
1 191 GLY n 
1 192 VAL n 
1 193 ALA n 
1 194 VAL n 
1 195 PRO n 
1 196 ALA n 
1 197 GLY n 
1 198 PRO n 
1 199 LEU n 
1 200 THR n 
1 201 THR n 
1 202 LYS n 
1 203 PRO n 
1 204 ASP n 
# 
_entity_src_gen.entity_id                          1 
_entity_src_gen.pdbx_src_id                        1 
_entity_src_gen.pdbx_alt_source_flag               sample 
_entity_src_gen.pdbx_seq_type                      ? 
_entity_src_gen.pdbx_beg_seq_num                   ? 
_entity_src_gen.pdbx_end_seq_num                   ? 
_entity_src_gen.gene_src_common_name               human 
_entity_src_gen.gene_src_genus                     Homo 
_entity_src_gen.pdbx_gene_src_gene                 ? 
_entity_src_gen.gene_src_species                   ? 
_entity_src_gen.gene_src_strain                    ? 
_entity_src_gen.gene_src_tissue                    ? 
_entity_src_gen.gene_src_tissue_fraction           ? 
_entity_src_gen.gene_src_details                   ? 
_entity_src_gen.pdbx_gene_src_fragment             ? 
_entity_src_gen.pdbx_gene_src_scientific_name      'Homo sapiens' 
_entity_src_gen.pdbx_gene_src_ncbi_taxonomy_id     9606 
_entity_src_gen.pdbx_gene_src_variant              ? 
_entity_src_gen.pdbx_gene_src_cell_line            ? 
_entity_src_gen.pdbx_gene_src_atcc                 ? 
_entity_src_gen.pdbx_gene_src_organ                ? 
_entity_src_gen.pdbx_gene_src_organelle            ? 
_entity_src_gen.pdbx_gene_src_cell                 ? 
_entity_src_gen.pdbx_gene_src_cellular_location    ? 
_entity_src_gen.host_org_common_name               ? 
_entity_src_gen.pdbx_host_org_scientific_name      'Escherichia coli' 
_entity_src_gen.pdbx_host_org_ncbi_taxonomy_id     562 
_entity_src_gen.host_org_genus                     Escherichia 
_entity_src_gen.pdbx_host_org_gene                 ? 
_entity_src_gen.pdbx_host_org_organ                ? 
_entity_src_gen.host_org_species                   ? 
_entity_src_gen.pdbx_host_org_tissue               ? 
_entity_src_gen.pdbx_host_org_tissue_fraction      ? 
_entity_src_gen.pdbx_host_org_strain               'BL21(DE3)RIL' 
_entity_src_gen.pdbx_host_org_variant              ? 
_entity_src_gen.pdbx_host_org_cell_line            ? 
_entity_src_gen.pdbx_host_org_atcc                 ? 
_entity_src_gen.pdbx_host_org_culture_collection   ? 
_entity_src_gen.pdbx_host_org_cell                 ? 
_entity_src_gen.pdbx_host_org_organelle            ? 
_entity_src_gen.pdbx_host_org_cellular_location    ? 
_entity_src_gen.pdbx_host_org_vector_type          plasmid 
_entity_src_gen.pdbx_host_org_vector               ? 
_entity_src_gen.host_org_details                   ? 
_entity_src_gen.expression_system_id               ? 
_entity_src_gen.plasmid_name                       pGEX6P1 
_entity_src_gen.plasmid_details                    ? 
_entity_src_gen.pdbx_description                   ? 
# 
loop_
_chem_comp.id 
_chem_comp.type 
_chem_comp.mon_nstd_flag 
_chem_comp.name 
_chem_comp.pdbx_synonyms 
_chem_comp.formula 
_chem_comp.formula_weight 
ALA 'L-peptide linking' y ALANINE                                                  ? 'C3 H7 N O2'         89.093  
ARG 'L-peptide linking' y ARGININE                                                 ? 'C6 H15 N4 O2 1'     175.209 
ASN 'L-peptide linking' y ASPARAGINE                                               ? 'C4 H8 N2 O3'        132.118 
ASP 'L-peptide linking' y 'ASPARTIC ACID'                                          ? 'C4 H7 N O4'         133.103 
CYS 'L-peptide linking' y CYSTEINE                                                 ? 'C3 H7 N O2 S'       121.158 
GLN 'L-peptide linking' y GLUTAMINE                                                ? 'C5 H10 N2 O3'       146.144 
GLU 'L-peptide linking' y 'GLUTAMIC ACID'                                          ? 'C5 H9 N O4'         147.129 
GLY 'peptide linking'   y GLYCINE                                                  ? 'C2 H5 N O2'         75.067  
HIS 'L-peptide linking' y HISTIDINE                                                ? 'C6 H10 N3 O2 1'     156.162 
HOH non-polymer         . WATER                                                    ? 'H2 O'               18.015  
ILE 'L-peptide linking' y ISOLEUCINE                                               ? 'C6 H13 N O2'        131.173 
LEU 'L-peptide linking' y LEUCINE                                                  ? 'C6 H13 N O2'        131.173 
LYS 'L-peptide linking' y LYSINE                                                   ? 'C6 H15 N2 O2 1'     147.195 
MET 'L-peptide linking' y METHIONINE                                               ? 'C5 H11 N O2 S'      149.211 
PHE 'L-peptide linking' y PHENYLALANINE                                            ? 'C9 H11 N O2'        165.189 
PRO 'L-peptide linking' y PROLINE                                                  ? 'C5 H9 N O2'         115.130 
SER 'L-peptide linking' y SERINE                                                   ? 'C3 H7 N O3'         105.093 
THR 'L-peptide linking' y THREONINE                                                ? 'C4 H9 N O3'         119.119 
TPG 'RNA linking'       n "2,2,7-TRIMETHYL-GUANOSINE-5'-TRIPHOSPHATE-5'-GUANOSINE" ? 'C23 H35 N10 O18 P3' 832.501 
TRP 'L-peptide linking' y TRYPTOPHAN                                               ? 'C11 H12 N2 O2'      204.225 
TYR 'L-peptide linking' y TYROSINE                                                 ? 'C9 H11 N O3'        181.189 
VAL 'L-peptide linking' y VALINE                                                   ? 'C5 H11 N O2'        117.146 
# 
loop_
_pdbx_poly_seq_scheme.asym_id 
_pdbx_poly_seq_scheme.entity_id 
_pdbx_poly_seq_scheme.seq_id 
_pdbx_poly_seq_scheme.mon_id 
_pdbx_poly_seq_scheme.ndb_seq_num 
_pdbx_poly_seq_scheme.pdb_seq_num 
_pdbx_poly_seq_scheme.auth_seq_num 
_pdbx_poly_seq_scheme.pdb_mon_id 
_pdbx_poly_seq_scheme.auth_mon_id 
_pdbx_poly_seq_scheme.pdb_strand_id 
_pdbx_poly_seq_scheme.pdb_ins_code 
_pdbx_poly_seq_scheme.hetero 
A 1 1   HIS 1   97  97  HIS HIS A . n 
A 1 2   TYR 2   98  98  TYR TYR A . n 
A 1 3   ALA 3   99  99  ALA ALA A . n 
A 1 4   ASN 4   100 100 ASN ASP A . n 
A 1 5   GLN 5   101 101 GLN GLU A . n 
A 1 6   LEU 6   102 102 LEU LEU A . n 
A 1 7   MET 7   103 103 MET MET A . n 
A 1 8   LEU 8   104 104 LEU LEU A . n 
A 1 9   SER 9   105 105 SER SER A . n 
A 1 10  GLU 10  106 106 GLU GLU A . n 
A 1 11  TRP 11  107 107 TRP TRP A . n 
A 1 12  LEU 12  108 108 LEU LEU A . n 
A 1 13  ILE 13  109 109 ILE ILE A . n 
A 1 14  ASP 14  110 110 ASP ASP A . n 
A 1 15  VAL 15  111 111 VAL VAL A . n 
A 1 16  PRO 16  112 112 PRO PRO A . n 
A 1 17  SER 17  113 113 SER SER A . n 
A 1 18  ASP 18  114 114 ASP ASP A . n 
A 1 19  LEU 19  115 115 LEU LEU A . n 
A 1 20  GLY 20  116 116 GLY GLY A . n 
A 1 21  GLN 21  117 117 GLN GLN A . n 
A 1 22  GLU 22  118 118 GLU GLU A . n 
A 1 23  TRP 23  119 119 TRP TRP A . n 
A 1 24  ILE 24  120 120 ILE ILE A . n 
A 1 25  VAL 25  121 121 VAL VAL A . n 
A 1 26  VAL 26  122 122 VAL VAL A . n 
A 1 27  VAL 27  123 123 VAL VAL A . n 
A 1 28  CYS 28  124 124 CYS CYS A . n 
A 1 29  PRO 29  125 125 PRO PRO A . n 
A 1 30  VAL 30  126 126 VAL VAL A . n 
A 1 31  GLY 31  127 127 GLY GLY A . n 
A 1 32  LYS 32  128 128 LYS LYS A . n 
A 1 33  ARG 33  129 129 ARG ARG A . n 
A 1 34  ALA 34  130 130 ALA ALA A . n 
A 1 35  LEU 35  131 131 LEU LEU A . n 
A 1 36  ILE 36  132 132 ILE ILE A . n 
A 1 37  VAL 37  133 133 VAL VAL A . n 
A 1 38  ALA 38  134 134 ALA ALA A . n 
A 1 39  SER 39  135 135 SER SER A . n 
A 1 40  ARG 40  136 136 ARG ARG A . n 
A 1 41  GLY 41  137 137 GLY GLY A . n 
A 1 42  SER 42  138 138 SER SER A . n 
A 1 43  THR 43  139 139 THR THR A . n 
A 1 44  SER 44  140 140 SER SER A . n 
A 1 45  ALA 45  141 141 ALA ALA A . n 
A 1 46  TYR 46  142 142 TYR TYR A . n 
A 1 47  THR 47  143 143 THR THR A . n 
A 1 48  LYS 48  144 144 LYS LYS A . n 
A 1 49  SER 49  145 145 SER SER A . n 
A 1 50  GLY 50  146 146 GLY GLY A . n 
A 1 51  TYR 51  147 147 TYR TYR A . n 
A 1 52  CYS 52  148 148 CYS CYS A . n 
A 1 53  VAL 53  149 149 VAL VAL A . n 
A 1 54  ASN 54  150 150 ASN ASN A . n 
A 1 55  ARG 55  151 151 ARG ARG A . n 
A 1 56  PHE 56  152 152 PHE PHE A . n 
A 1 57  SER 57  153 153 SER SER A . n 
A 1 58  SER 58  154 154 SER SER A . n 
A 1 59  LEU 59  155 155 LEU LEU A . n 
A 1 60  LEU 60  156 156 LEU LEU A . n 
A 1 61  PRO 61  157 157 PRO PRO A . n 
A 1 62  GLY 62  158 158 GLY GLY A . n 
A 1 63  GLY 63  159 159 GLY GLY A . n 
A 1 64  ASN 64  160 160 ASN ASN A . n 
A 1 65  ARG 65  161 161 ARG ARG A . n 
A 1 66  ARG 66  162 162 ARG ARG A . n 
A 1 67  ASN 67  163 163 ASN ASN A . n 
A 1 68  SER 68  164 164 SER SER A . n 
A 1 69  THR 69  165 165 THR THR A . n 
A 1 70  ALA 70  166 166 ALA ALA A . n 
A 1 71  LYS 71  167 167 LYS LYS A . n 
A 1 72  ASP 72  168 168 ASP ASP A . n 
A 1 73  TYR 73  169 169 TYR TYR A . n 
A 1 74  THR 74  170 170 THR THR A . n 
A 1 75  ILE 75  171 171 ILE ILE A . n 
A 1 76  LEU 76  172 172 LEU LEU A . n 
A 1 77  ASP 77  173 173 ASP ASP A . n 
A 1 78  CYS 78  174 174 CYS CYS A . n 
A 1 79  ILE 79  175 175 ILE ILE A . n 
A 1 80  TYR 80  176 176 TYR TYR A . n 
A 1 81  ASN 81  177 177 ASN ASN A . n 
A 1 82  GLU 82  178 178 GLU GLU A . n 
A 1 83  VAL 83  179 179 VAL VAL A . n 
A 1 84  ASN 84  180 180 ASN ASN A . n 
A 1 85  GLN 85  181 181 GLN GLN A . n 
A 1 86  THR 86  182 182 THR THR A . n 
A 1 87  TYR 87  183 183 TYR TYR A . n 
A 1 88  TYR 88  184 184 TYR TYR A . n 
A 1 89  VAL 89  185 185 VAL VAL A . n 
A 1 90  LEU 90  186 186 LEU LEU A . n 
A 1 91  ASP 91  187 187 ASP ASP A . n 
A 1 92  VAL 92  188 188 VAL VAL A . n 
A 1 93  MET 93  189 189 MET MET A . n 
A 1 94  CYS 94  190 190 CYS CYS A . n 
A 1 95  TRP 95  191 191 TRP TRP A . n 
A 1 96  ARG 96  192 192 ARG ARG A . n 
A 1 97  GLY 97  193 193 GLY GLY A . n 
A 1 98  HIS 98  194 194 HIS HIS A . n 
A 1 99  PRO 99  195 195 PRO PRO A . n 
A 1 100 PHE 100 196 196 PHE PHE A . n 
A 1 101 TYR 101 197 197 TYR TYR A . n 
A 1 102 ASP 102 198 198 ASP ASP A . n 
A 1 103 CYS 103 199 199 CYS CYS A . n 
A 1 104 GLN 104 200 200 GLN GLN A . n 
A 1 105 THR 105 201 201 THR THR A . n 
A 1 106 ASP 106 202 202 ASP ASP A . n 
A 1 107 PHE 107 203 203 PHE PHE A . n 
A 1 108 ARG 108 204 204 ARG ARG A . n 
A 1 109 PHE 109 205 205 PHE PHE A . n 
A 1 110 TYR 110 206 206 TYR TYR A . n 
A 1 111 TRP 111 207 207 TRP TRP A . n 
A 1 112 MET 112 208 208 MET MET A . n 
A 1 113 HIS 113 209 209 HIS HIS A . n 
A 1 114 SER 114 210 210 SER SER A . n 
A 1 115 LYS 115 211 211 LYS LYS A . n 
A 1 116 LEU 116 212 212 LEU LEU A . n 
A 1 117 PRO 117 213 213 PRO PRO A . n 
A 1 118 GLU 118 214 214 GLU GLU A . n 
A 1 119 GLU 119 215 215 GLU GLU A . n 
A 1 120 GLU 120 216 216 GLU GLU A . n 
A 1 121 GLY 121 217 217 GLY GLY A . n 
A 1 122 LEU 122 218 218 LEU LEU A . n 
A 1 123 GLY 123 219 219 GLY GLY A . n 
A 1 124 GLU 124 220 220 GLU GLU A . n 
A 1 125 LYS 125 221 221 LYS LYS A . n 
A 1 126 THR 126 222 222 THR THR A . n 
A 1 127 LYS 127 223 223 LYS LYS A . n 
A 1 128 LEU 128 224 224 LEU LEU A . n 
A 1 129 ASN 129 225 225 ASN ASN A . n 
A 1 130 PRO 130 226 226 PRO PRO A . n 
A 1 131 PHE 131 227 227 PHE PHE A . n 
A 1 132 LYS 132 228 228 LYS LYS A . n 
A 1 133 PHE 133 229 229 PHE PHE A . n 
A 1 134 VAL 134 230 230 VAL VAL A . n 
A 1 135 GLY 135 231 231 GLY GLY A . n 
A 1 136 LEU 136 232 232 LEU LEU A . n 
A 1 137 LYS 137 233 233 LYS LYS A . n 
A 1 138 ASN 138 234 234 ASN ASN A . n 
A 1 139 PHE 139 235 235 PHE PHE A . n 
A 1 140 PRO 140 236 236 PRO PRO A . n 
A 1 141 CYS 141 237 237 CYS CYS A . n 
A 1 142 THR 142 238 238 THR THR A . n 
A 1 143 PRO 143 239 239 PRO PRO A . n 
A 1 144 GLU 144 240 240 GLU GLU A . n 
A 1 145 SER 145 241 241 SER SER A . n 
A 1 146 LEU 146 242 242 LEU LEU A . n 
A 1 147 CYS 147 243 243 CYS CYS A . n 
A 1 148 ASP 148 244 244 ASP ASP A . n 
A 1 149 VAL 149 245 245 VAL VAL A . n 
A 1 150 LEU 150 246 246 LEU LEU A . n 
A 1 151 SER 151 247 247 SER SER A . n 
A 1 152 MET 152 248 248 MET MET A . n 
A 1 153 ASP 153 249 249 ASP ASP A . n 
A 1 154 PHE 154 250 250 PHE PHE A . n 
A 1 155 PRO 155 251 251 PRO PRO A . n 
A 1 156 PHE 156 252 252 PHE PHE A . n 
A 1 157 GLU 157 253 253 GLU GLU A . n 
A 1 158 VAL 158 254 254 VAL VAL A . n 
A 1 159 ASP 159 255 255 ASP ASP A . n 
A 1 160 GLY 160 256 256 GLY GLY A . n 
A 1 161 LEU 161 257 257 LEU LEU A . n 
A 1 162 LEU 162 258 258 LEU LEU A . n 
A 1 163 PHE 163 259 259 PHE PHE A . n 
A 1 164 TYR 164 260 260 TYR TYR A . n 
A 1 165 HIS 165 261 261 HIS HIS A . n 
A 1 166 LYS 166 262 262 LYS LYS A . n 
A 1 167 GLN 167 263 263 GLN GLN A . n 
A 1 168 THR 168 264 264 THR THR A . n 
A 1 169 HIS 169 265 265 HIS HIS A . n 
A 1 170 TYR 170 266 266 TYR TYR A . n 
A 1 171 SER 171 267 267 SER SER A . n 
A 1 172 PRO 172 268 268 PRO PRO A . n 
A 1 173 GLY 173 269 269 GLY GLY A . n 
A 1 174 SER 174 270 270 SER SER A . n 
A 1 175 THR 175 271 271 THR THR A . n 
A 1 176 PRO 176 272 272 PRO PRO A . n 
A 1 177 LEU 177 273 273 LEU LEU A . n 
A 1 178 VAL 178 274 274 VAL VAL A . n 
A 1 179 GLY 179 275 275 GLY GLY A . n 
A 1 180 TRP 180 276 276 TRP TRP A . n 
A 1 181 LEU 181 277 277 LEU LEU A . n 
A 1 182 ARG 182 278 278 ARG ARG A . n 
A 1 183 PRO 183 279 279 PRO PRO A . n 
A 1 184 TYR 184 280 280 TYR TYR A . n 
A 1 185 MET 185 281 281 MET MET A . n 
A 1 186 VAL 186 282 282 VAL VAL A . n 
A 1 187 SER 187 283 283 SER SER A . n 
A 1 188 ASP 188 284 284 ASP ASP A . n 
A 1 189 VAL 189 285 285 VAL VAL A . n 
A 1 190 LEU 190 286 286 LEU LEU A . n 
A 1 191 GLY 191 287 287 GLY GLY A . n 
A 1 192 VAL 192 288 288 VAL VAL A . n 
A 1 193 ALA 193 289 289 ALA ALA A . n 
A 1 194 VAL 194 290 290 VAL VAL A . n 
A 1 195 PRO 195 291 291 PRO PRO A . n 
A 1 196 ALA 196 292 292 ALA ALA A . n 
A 1 197 GLY 197 293 293 GLY GLY A . n 
A 1 198 PRO 198 294 294 PRO PRO A . n 
A 1 199 LEU 199 295 295 LEU LEU A . n 
A 1 200 THR 200 296 296 THR THR A . n 
A 1 201 THR 201 297 297 THR THR A . n 
A 1 202 LYS 202 298 298 LYS LYS A . n 
A 1 203 PRO 203 299 299 PRO PRO A . n 
A 1 204 ASP 204 300 300 ASP ASP A . n 
# 
loop_
_pdbx_nonpoly_scheme.asym_id 
_pdbx_nonpoly_scheme.entity_id 
_pdbx_nonpoly_scheme.mon_id 
_pdbx_nonpoly_scheme.ndb_seq_num 
_pdbx_nonpoly_scheme.pdb_seq_num 
_pdbx_nonpoly_scheme.auth_seq_num 
_pdbx_nonpoly_scheme.pdb_mon_id 
_pdbx_nonpoly_scheme.auth_mon_id 
_pdbx_nonpoly_scheme.pdb_strand_id 
_pdbx_nonpoly_scheme.pdb_ins_code 
B 2 TPG 1  400 400 TPG DRG A . 
C 3 HOH 1  1   1   HOH HOH A . 
C 3 HOH 2  2   2   HOH HOH A . 
C 3 HOH 3  3   3   HOH HOH A . 
C 3 HOH 4  4   4   HOH HOH A . 
C 3 HOH 5  5   5   HOH HOH A . 
C 3 HOH 6  6   6   HOH HOH A . 
C 3 HOH 7  7   7   HOH HOH A . 
C 3 HOH 8  8   8   HOH HOH A . 
C 3 HOH 9  9   9   HOH HOH A . 
C 3 HOH 10 10  10  HOH HOH A . 
C 3 HOH 11 11  11  HOH HOH A . 
C 3 HOH 12 12  12  HOH HOH A . 
C 3 HOH 13 13  13  HOH HOH A . 
C 3 HOH 14 14  14  HOH HOH A . 
C 3 HOH 15 15  15  HOH HOH A . 
C 3 HOH 16 16  16  HOH HOH A . 
C 3 HOH 17 17  17  HOH HOH A . 
C 3 HOH 18 18  18  HOH HOH A . 
C 3 HOH 19 19  19  HOH HOH A . 
C 3 HOH 20 20  20  HOH HOH A . 
C 3 HOH 21 21  21  HOH HOH A . 
C 3 HOH 22 22  22  HOH HOH A . 
C 3 HOH 23 23  23  HOH HOH A . 
C 3 HOH 24 24  24  HOH HOH A . 
C 3 HOH 25 25  25  HOH HOH A . 
C 3 HOH 26 26  26  HOH HOH A . 
C 3 HOH 27 27  27  HOH HOH A . 
C 3 HOH 28 28  28  HOH HOH A . 
C 3 HOH 29 29  29  HOH HOH A . 
C 3 HOH 30 30  30  HOH HOH A . 
C 3 HOH 31 31  31  HOH HOH A . 
C 3 HOH 32 32  32  HOH HOH A . 
C 3 HOH 33 33  33  HOH HOH A . 
C 3 HOH 34 34  34  HOH HOH A . 
C 3 HOH 35 35  35  HOH HOH A . 
C 3 HOH 36 36  36  HOH HOH A . 
C 3 HOH 37 37  37  HOH HOH A . 
C 3 HOH 38 38  38  HOH HOH A . 
C 3 HOH 39 39  39  HOH HOH A . 
C 3 HOH 40 40  40  HOH HOH A . 
C 3 HOH 41 41  41  HOH HOH A . 
C 3 HOH 42 42  42  HOH HOH A . 
C 3 HOH 43 43  43  HOH HOH A . 
C 3 HOH 44 44  44  HOH HOH A . 
C 3 HOH 45 45  45  HOH HOH A . 
C 3 HOH 46 46  46  HOH HOH A . 
C 3 HOH 47 47  47  HOH HOH A . 
C 3 HOH 48 48  48  HOH HOH A . 
C 3 HOH 49 49  49  HOH HOH A . 
C 3 HOH 50 50  50  HOH HOH A . 
C 3 HOH 51 51  51  HOH HOH A . 
C 3 HOH 52 52  52  HOH HOH A . 
C 3 HOH 53 53  53  HOH HOH A . 
C 3 HOH 54 54  54  HOH HOH A . 
C 3 HOH 55 55  55  HOH HOH A . 
C 3 HOH 56 56  56  HOH HOH A . 
C 3 HOH 57 57  57  HOH HOH A . 
C 3 HOH 58 58  58  HOH HOH A . 
C 3 HOH 59 59  59  HOH HOH A . 
C 3 HOH 60 60  60  HOH HOH A . 
C 3 HOH 61 61  61  HOH HOH A . 
C 3 HOH 62 62  62  HOH HOH A . 
C 3 HOH 63 63  63  HOH HOH A . 
C 3 HOH 64 64  64  HOH HOH A . 
C 3 HOH 65 65  65  HOH HOH A . 
C 3 HOH 66 66  66  HOH HOH A . 
C 3 HOH 67 67  67  HOH HOH A . 
C 3 HOH 68 68  68  HOH HOH A . 
C 3 HOH 69 69  69  HOH HOH A . 
C 3 HOH 70 70  70  HOH HOH A . 
C 3 HOH 71 71  71  HOH HOH A . 
C 3 HOH 72 72  72  HOH HOH A . 
C 3 HOH 73 73  73  HOH HOH A . 
C 3 HOH 74 74  74  HOH HOH A . 
C 3 HOH 75 75  75  HOH HOH A . 
C 3 HOH 76 76  76  HOH HOH A . 
C 3 HOH 77 77  77  HOH HOH A . 
C 3 HOH 78 78  78  HOH HOH A . 
C 3 HOH 79 79  79  HOH HOH A . 
C 3 HOH 80 80  80  HOH HOH A . 
C 3 HOH 81 81  81  HOH HOH A . 
C 3 HOH 82 82  82  HOH HOH A . 
# 
loop_
_software.name 
_software.classification 
_software.version 
_software.citation_id 
_software.pdbx_ordinal 
DENZO     'data reduction' . ? 1 
SCALEPACK 'data scaling'   . ? 2 
SHARP     phasing          . ? 3 
CNS       refinement       . ? 4 
# 
_cell.entry_id           1XK5 
_cell.length_a           57.470 
_cell.length_b           57.470 
_cell.length_c           130.090 
_cell.angle_alpha        90.00 
_cell.angle_beta         90.00 
_cell.angle_gamma        90.00 
_cell.Z_PDB              8 
_cell.pdbx_unique_axis   ? 
# 
_symmetry.entry_id                         1XK5 
_symmetry.space_group_name_H-M             'P 41 21 2' 
_symmetry.pdbx_full_space_group_name_H-M   ? 
_symmetry.cell_setting                     ? 
_symmetry.Int_Tables_number                92 
_symmetry.space_group_name_Hall            ? 
# 
_exptl.entry_id          1XK5 
_exptl.method            'X-RAY DIFFRACTION' 
_exptl.crystals_number   4 
# 
_exptl_crystal.id                    1 
_exptl_crystal.density_meas          ? 
_exptl_crystal.density_Matthews      2.03 
_exptl_crystal.density_percent_sol   39.4 
_exptl_crystal.description           ? 
_exptl_crystal.F_000                 ? 
_exptl_crystal.preparation           ? 
# 
_exptl_crystal_grow.crystal_id      1 
_exptl_crystal_grow.method          'VAPOR DIFFUSION, SITTING DROP' 
_exptl_crystal_grow.temp            293 
_exptl_crystal_grow.temp_details    ? 
_exptl_crystal_grow.pH              5.5 
_exptl_crystal_grow.pdbx_details    
;8% PEG20K, 100mM MES pH6.0 for initial crystals and 200mM sodium citrate pH5.5 for larger crystals after seeding, VAPOR DIFFUSION, SITTING DROP, temperature 293K
;
_exptl_crystal_grow.pdbx_pH_range   . 
# 
_diffrn.id                     1 
_diffrn.ambient_temp           100 
_diffrn.ambient_temp_details   ? 
_diffrn.crystal_id             1 
# 
_diffrn_detector.diffrn_id              1 
_diffrn_detector.detector               CCD 
_diffrn_detector.type                   MARRESEARCH 
_diffrn_detector.pdbx_collection_date   2003-12-18 
_diffrn_detector.details                ? 
# 
_diffrn_radiation.diffrn_id                        1 
_diffrn_radiation.wavelength_id                    1 
_diffrn_radiation.pdbx_monochromatic_or_laue_m_l   M 
_diffrn_radiation.monochromator                    ? 
_diffrn_radiation.pdbx_diffrn_protocol             'SINGLE WAVELENGTH' 
_diffrn_radiation.pdbx_scattering_type             x-ray 
# 
_diffrn_radiation_wavelength.id           1 
_diffrn_radiation_wavelength.wavelength   0.98 
_diffrn_radiation_wavelength.wt           1.0 
# 
_diffrn_source.diffrn_id                   1 
_diffrn_source.source                      SYNCHROTRON 
_diffrn_source.type                        'BESSY BEAMLINE 14.1' 
_diffrn_source.pdbx_synchrotron_site       BESSY 
_diffrn_source.pdbx_synchrotron_beamline   14.1 
_diffrn_source.pdbx_wavelength             ? 
_diffrn_source.pdbx_wavelength_list        0.98 
# 
_reflns.entry_id                     1XK5 
_reflns.observed_criterion_sigma_F   ? 
_reflns.observed_criterion_sigma_I   ? 
_reflns.d_resolution_high            2.4 
_reflns.d_resolution_low             30.0 
_reflns.number_all                   ? 
_reflns.number_obs                   249994 
_reflns.percent_possible_obs         ? 
_reflns.pdbx_Rmerge_I_obs            0.09 
_reflns.pdbx_Rsym_value              ? 
_reflns.pdbx_netI_over_sigmaI        18.7 
_reflns.B_iso_Wilson_estimate        ? 
_reflns.pdbx_redundancy              11 
_reflns.R_free_details               ? 
_reflns.limit_h_max                  ? 
_reflns.limit_h_min                  ? 
_reflns.limit_k_max                  ? 
_reflns.limit_k_min                  ? 
_reflns.limit_l_max                  ? 
_reflns.limit_l_min                  ? 
_reflns.observed_criterion_F_max     ? 
_reflns.observed_criterion_F_min     ? 
_reflns.pdbx_chi_squared             ? 
_reflns.pdbx_scaling_rejects         ? 
_reflns.pdbx_diffrn_id               1 
_reflns.pdbx_ordinal                 1 
# 
_reflns_shell.d_res_high             2.4 
_reflns_shell.d_res_low              2.49 
_reflns_shell.percent_possible_all   ? 
_reflns_shell.Rmerge_I_obs           ? 
_reflns_shell.pdbx_Rsym_value        ? 
_reflns_shell.meanI_over_sigI_obs    ? 
_reflns_shell.pdbx_redundancy        ? 
_reflns_shell.percent_possible_obs   ? 
_reflns_shell.number_unique_all      ? 
_reflns_shell.number_measured_all    ? 
_reflns_shell.number_measured_obs    ? 
_reflns_shell.number_unique_obs      ? 
_reflns_shell.pdbx_chi_squared       ? 
_reflns_shell.pdbx_diffrn_id         ? 
_reflns_shell.pdbx_ordinal           1 
# 
_refine.entry_id                                 1XK5 
_refine.ls_d_res_high                            2.4 
_refine.ls_d_res_low                             20.0 
_refine.pdbx_ls_sigma_F                          ? 
_refine.pdbx_ls_sigma_I                          ? 
_refine.ls_number_reflns_all                     9065 
_refine.ls_number_reflns_obs                     8620 
_refine.ls_number_reflns_R_free                  449 
_refine.ls_percent_reflns_obs                    ? 
_refine.ls_R_factor_all                          ? 
_refine.ls_R_factor_obs                          ? 
_refine.ls_R_factor_R_work                       0.227 
_refine.ls_R_factor_R_free                       0.276 
_refine.ls_redundancy_reflns_obs                 ? 
_refine.pdbx_data_cutoff_high_absF               ? 
_refine.pdbx_data_cutoff_low_absF                ? 
_refine.ls_number_parameters                     ? 
_refine.ls_number_restraints                     ? 
_refine.ls_percent_reflns_R_free                 ? 
_refine.ls_R_factor_R_free_error                 ? 
_refine.ls_R_factor_R_free_error_details         ? 
_refine.pdbx_method_to_determine_struct          MIR 
_refine.pdbx_starting_model                      ? 
_refine.pdbx_ls_cross_valid_method               ? 
_refine.pdbx_R_Free_selection_details            RANDOM 
_refine.pdbx_stereochem_target_val_spec_case     ? 
_refine.pdbx_stereochemistry_target_values       'Engh & Huber' 
_refine.solvent_model_details                    ? 
_refine.solvent_model_param_bsol                 ? 
_refine.solvent_model_param_ksol                 ? 
_refine.occupancy_max                            ? 
_refine.occupancy_min                            ? 
_refine.pdbx_isotropic_thermal_model             ? 
_refine.B_iso_mean                               ? 
_refine.aniso_B[1][1]                            ? 
_refine.aniso_B[1][2]                            ? 
_refine.aniso_B[1][3]                            ? 
_refine.aniso_B[2][2]                            ? 
_refine.aniso_B[2][3]                            ? 
_refine.aniso_B[3][3]                            ? 
_refine.details                                  ? 
_refine.B_iso_min                                ? 
_refine.B_iso_max                                ? 
_refine.correlation_coeff_Fo_to_Fc               ? 
_refine.correlation_coeff_Fo_to_Fc_free          ? 
_refine.pdbx_solvent_vdw_probe_radii             ? 
_refine.pdbx_solvent_ion_probe_radii             ? 
_refine.pdbx_solvent_shrinkage_radii             ? 
_refine.overall_SU_R_Cruickshank_DPI             ? 
_refine.overall_SU_R_free                        ? 
_refine.overall_SU_B                             ? 
_refine.overall_SU_ML                            ? 
_refine.pdbx_overall_ESU_R                       ? 
_refine.pdbx_overall_ESU_R_Free                  ? 
_refine.pdbx_data_cutoff_high_rms_absF           ? 
_refine.ls_wR_factor_R_free                      ? 
_refine.ls_wR_factor_R_work                      ? 
_refine.overall_FOM_free_R_set                   ? 
_refine.overall_FOM_work_R_set                   ? 
_refine.pdbx_refine_id                           'X-RAY DIFFRACTION' 
_refine.pdbx_diffrn_id                           1 
_refine.pdbx_TLS_residual_ADP_flag               ? 
_refine.pdbx_overall_phase_error                 ? 
_refine.pdbx_overall_SU_R_free_Cruickshank_DPI   ? 
_refine.pdbx_overall_SU_R_Blow_DPI               ? 
_refine.pdbx_overall_SU_R_free_Blow_DPI          ? 
# 
_refine_hist.pdbx_refine_id                   'X-RAY DIFFRACTION' 
_refine_hist.cycle_id                         LAST 
_refine_hist.pdbx_number_atoms_protein        1629 
_refine_hist.pdbx_number_atoms_nucleic_acid   0 
_refine_hist.pdbx_number_atoms_ligand         54 
_refine_hist.number_atoms_solvent             82 
_refine_hist.number_atoms_total               1765 
_refine_hist.d_res_high                       2.4 
_refine_hist.d_res_low                        20.0 
# 
loop_
_refine_ls_restr.type 
_refine_ls_restr.dev_ideal 
_refine_ls_restr.dev_ideal_target 
_refine_ls_restr.weight 
_refine_ls_restr.number 
_refine_ls_restr.pdbx_refine_id 
_refine_ls_restr.pdbx_restraint_function 
x_mcbond_it  0.06  ? ? ? 'X-RAY DIFFRACTION' ? 
x_mcangle_it 0.66  ? ? ? 'X-RAY DIFFRACTION' ? 
x_bond_d     0.084 ? ? ? 'X-RAY DIFFRACTION' ? 
x_angle_d    0.672 ? ? ? 'X-RAY DIFFRACTION' ? 
# 
loop_
_refine_ls_shell.pdbx_total_number_of_bins_used 
_refine_ls_shell.d_res_high 
_refine_ls_shell.d_res_low 
_refine_ls_shell.number_reflns_R_work 
_refine_ls_shell.R_factor_R_work 
_refine_ls_shell.percent_reflns_obs 
_refine_ls_shell.R_factor_R_free 
_refine_ls_shell.R_factor_R_free_error 
_refine_ls_shell.percent_reflns_R_free 
_refine_ls_shell.number_reflns_R_free 
_refine_ls_shell.number_reflns_obs 
_refine_ls_shell.redundancy_reflns_obs 
_refine_ls_shell.number_reflns_all 
_refine_ls_shell.pdbx_refine_id 
_refine_ls_shell.R_factor_all 
6 2.40 2.51 . 0.3211 . 0.4035 . . 43 730  . . 'X-RAY DIFFRACTION' . 
6 2.51 2.64 . 0.306  . 0.4659 . . 65 1031 . . 'X-RAY DIFFRACTION' . 
6 2.64 2.81 . 0.2763 . 0.3468 . . 52 1107 . . 'X-RAY DIFFRACTION' . 
6 2.81 3.02 . 0.2634 . 0.3548 . . 64 1118 . . 'X-RAY DIFFRACTION' . 
6 3.02 3.32 . 0.2647 . 0.3501 . . 57 1113 . . 'X-RAY DIFFRACTION' . 
6 3.32 3.80 . 0.22   . 0.2903 . . 51 1135 . . 'X-RAY DIFFRACTION' . 
# 
_struct.entry_id                  1XK5 
_struct.title                     
'Crystal structure of the m3G-cap-binding domain of snurportin1 in complex with a m3GpppG-cap dinucleotide' 
_struct.pdbx_model_details        ? 
_struct.pdbx_CASP_flag            ? 
_struct.pdbx_model_type_details   ? 
# 
_struct_keywords.entry_id        1XK5 
_struct_keywords.pdbx_keywords   'TRANSPORT PROTEIN' 
_struct_keywords.text            'Protein-RNA-complex, TRANSPORT PROTEIN' 
# 
loop_
_struct_asym.id 
_struct_asym.pdbx_blank_PDB_chainid_flag 
_struct_asym.pdbx_modified 
_struct_asym.entity_id 
_struct_asym.details 
A N N 1 ? 
B N N 2 ? 
C N N 3 ? 
# 
_struct_ref.id                         1 
_struct_ref.db_name                    UNP 
_struct_ref.db_code                    O95149_HUMAN 
_struct_ref.pdbx_db_accession          O95149 
_struct_ref.entity_id                  1 
_struct_ref.pdbx_seq_one_letter_code   
;HYANQLMLSEWLIDVPSDLGQEWIVVVCPVGKRALIVASRGSTSAYTKSGYCVNRFSSLLPGGNRRNSTAKDYTILDCIY
NEVNQTYYVLDVMCWRGHPFYDCQTDFRFYWMHSKLPEEEGLGEKTKLNPFKFVGLKNFPCTPESLCDVLSMDFPFEVDG
LLFYHKQTHYSPGSTPLVGWLRPYMVSDVLGVAVPAGPLTTKPD
;
_struct_ref.pdbx_align_begin           97 
_struct_ref.pdbx_db_isoform            ? 
# 
_struct_ref_seq.align_id                      1 
_struct_ref_seq.ref_id                        1 
_struct_ref_seq.pdbx_PDB_id_code              1XK5 
_struct_ref_seq.pdbx_strand_id                A 
_struct_ref_seq.seq_align_beg                 1 
_struct_ref_seq.pdbx_seq_align_beg_ins_code   ? 
_struct_ref_seq.seq_align_end                 204 
_struct_ref_seq.pdbx_seq_align_end_ins_code   ? 
_struct_ref_seq.pdbx_db_accession             O95149 
_struct_ref_seq.db_align_beg                  97 
_struct_ref_seq.pdbx_db_align_beg_ins_code    ? 
_struct_ref_seq.db_align_end                  300 
_struct_ref_seq.pdbx_db_align_end_ins_code    ? 
_struct_ref_seq.pdbx_auth_seq_align_beg       97 
_struct_ref_seq.pdbx_auth_seq_align_end       300 
# 
_pdbx_struct_assembly.id                   1 
_pdbx_struct_assembly.details              author_defined_assembly 
_pdbx_struct_assembly.method_details       ? 
_pdbx_struct_assembly.oligomeric_details   monomeric 
_pdbx_struct_assembly.oligomeric_count     1 
# 
_pdbx_struct_assembly_gen.assembly_id       1 
_pdbx_struct_assembly_gen.oper_expression   1 
_pdbx_struct_assembly_gen.asym_id_list      A,B,C 
# 
_pdbx_struct_oper_list.id                   1 
_pdbx_struct_oper_list.type                 'identity operation' 
_pdbx_struct_oper_list.name                 1_555 
_pdbx_struct_oper_list.symmetry_operation   x,y,z 
_pdbx_struct_oper_list.matrix[1][1]         1.0000000000 
_pdbx_struct_oper_list.matrix[1][2]         0.0000000000 
_pdbx_struct_oper_list.matrix[1][3]         0.0000000000 
_pdbx_struct_oper_list.vector[1]            0.0000000000 
_pdbx_struct_oper_list.matrix[2][1]         0.0000000000 
_pdbx_struct_oper_list.matrix[2][2]         1.0000000000 
_pdbx_struct_oper_list.matrix[2][3]         0.0000000000 
_pdbx_struct_oper_list.vector[2]            0.0000000000 
_pdbx_struct_oper_list.matrix[3][1]         0.0000000000 
_pdbx_struct_oper_list.matrix[3][2]         0.0000000000 
_pdbx_struct_oper_list.matrix[3][3]         1.0000000000 
_pdbx_struct_oper_list.vector[3]            0.0000000000 
# 
loop_
_struct_conf.conf_type_id 
_struct_conf.id 
_struct_conf.pdbx_PDB_helix_id 
_struct_conf.beg_label_comp_id 
_struct_conf.beg_label_asym_id 
_struct_conf.beg_label_seq_id 
_struct_conf.pdbx_beg_PDB_ins_code 
_struct_conf.end_label_comp_id 
_struct_conf.end_label_asym_id 
_struct_conf.end_label_seq_id 
_struct_conf.pdbx_end_PDB_ins_code 
_struct_conf.beg_auth_comp_id 
_struct_conf.beg_auth_asym_id 
_struct_conf.beg_auth_seq_id 
_struct_conf.end_auth_comp_id 
_struct_conf.end_auth_asym_id 
_struct_conf.end_auth_seq_id 
_struct_conf.pdbx_PDB_helix_class 
_struct_conf.details 
_struct_conf.pdbx_PDB_helix_length 
HELX_P HELX_P1 1 ASP A 18  ? GLU A 22  ? ASP A 114 GLU A 118 1 ? 5  
HELX_P HELX_P2 2 GLU A 82  ? ASN A 84  ? GLU A 178 ASN A 180 5 ? 3  
HELX_P HELX_P3 3 GLN A 104 ? LEU A 116 ? GLN A 200 LEU A 212 1 ? 13 
HELX_P HELX_P4 4 THR A 142 ? SER A 151 ? THR A 238 SER A 247 1 ? 10 
HELX_P HELX_P5 5 ARG A 182 ? TYR A 184 ? ARG A 278 TYR A 280 5 ? 3  
HELX_P HELX_P6 6 MET A 185 ? GLY A 191 ? MET A 281 GLY A 287 1 ? 7  
HELX_P HELX_P7 7 GLY A 197 ? THR A 201 ? GLY A 293 THR A 297 5 ? 5  
# 
_struct_conf_type.id          HELX_P 
_struct_conf_type.criteria    ? 
_struct_conf_type.reference   ? 
# 
loop_
_struct_sheet.id 
_struct_sheet.type 
_struct_sheet.number_strands 
_struct_sheet.details 
A ? 5 ? 
B ? 6 ? 
C ? 6 ? 
# 
loop_
_struct_sheet_order.sheet_id 
_struct_sheet_order.range_id_1 
_struct_sheet_order.range_id_2 
_struct_sheet_order.offset 
_struct_sheet_order.sense 
A 1 2 ? parallel      
A 2 3 ? anti-parallel 
A 3 4 ? anti-parallel 
A 4 5 ? anti-parallel 
B 1 2 ? anti-parallel 
B 2 3 ? anti-parallel 
B 3 4 ? anti-parallel 
B 4 5 ? anti-parallel 
B 5 6 ? anti-parallel 
C 1 2 ? anti-parallel 
C 2 3 ? anti-parallel 
C 3 4 ? anti-parallel 
C 4 5 ? anti-parallel 
C 5 6 ? parallel      
# 
loop_
_struct_sheet_range.sheet_id 
_struct_sheet_range.id 
_struct_sheet_range.beg_label_comp_id 
_struct_sheet_range.beg_label_asym_id 
_struct_sheet_range.beg_label_seq_id 
_struct_sheet_range.pdbx_beg_PDB_ins_code 
_struct_sheet_range.end_label_comp_id 
_struct_sheet_range.end_label_asym_id 
_struct_sheet_range.end_label_seq_id 
_struct_sheet_range.pdbx_end_PDB_ins_code 
_struct_sheet_range.beg_auth_comp_id 
_struct_sheet_range.beg_auth_asym_id 
_struct_sheet_range.beg_auth_seq_id 
_struct_sheet_range.end_auth_comp_id 
_struct_sheet_range.end_auth_asym_id 
_struct_sheet_range.end_auth_seq_id 
A 1 MET A 7   ? TRP A 11  ? MET A 103 TRP A 107 
A 2 GLY A 173 ? LEU A 181 ? GLY A 269 LEU A 277 
A 3 VAL A 158 ? HIS A 165 ? VAL A 254 HIS A 261 
A 4 TRP A 23  ? PRO A 29  ? TRP A 119 PRO A 125 
A 5 ASN A 138 ? PRO A 140 ? ASN A 234 PRO A 236 
B 1 CYS A 52  ? PHE A 56  ? CYS A 148 PHE A 152 
B 2 SER A 42  ? TYR A 46  ? SER A 138 TYR A 142 
B 3 LYS A 32  ? SER A 39  ? LYS A 128 SER A 135 
B 4 THR A 74  ? ASN A 81  ? THR A 170 ASN A 177 
B 5 THR A 86  ? TRP A 95  ? THR A 182 TRP A 191 
B 6 HIS A 98  ? PRO A 99  ? HIS A 194 PRO A 195 
C 1 CYS A 52  ? PHE A 56  ? CYS A 148 PHE A 152 
C 2 SER A 42  ? TYR A 46  ? SER A 138 TYR A 142 
C 3 LYS A 32  ? SER A 39  ? LYS A 128 SER A 135 
C 4 THR A 74  ? ASN A 81  ? THR A 170 ASN A 177 
C 5 THR A 86  ? TRP A 95  ? THR A 182 TRP A 191 
C 6 LYS A 132 ? GLY A 135 ? LYS A 228 GLY A 231 
# 
loop_
_pdbx_struct_sheet_hbond.sheet_id 
_pdbx_struct_sheet_hbond.range_id_1 
_pdbx_struct_sheet_hbond.range_id_2 
_pdbx_struct_sheet_hbond.range_1_label_atom_id 
_pdbx_struct_sheet_hbond.range_1_label_comp_id 
_pdbx_struct_sheet_hbond.range_1_label_asym_id 
_pdbx_struct_sheet_hbond.range_1_label_seq_id 
_pdbx_struct_sheet_hbond.range_1_PDB_ins_code 
_pdbx_struct_sheet_hbond.range_1_auth_atom_id 
_pdbx_struct_sheet_hbond.range_1_auth_comp_id 
_pdbx_struct_sheet_hbond.range_1_auth_asym_id 
_pdbx_struct_sheet_hbond.range_1_auth_seq_id 
_pdbx_struct_sheet_hbond.range_2_label_atom_id 
_pdbx_struct_sheet_hbond.range_2_label_comp_id 
_pdbx_struct_sheet_hbond.range_2_label_asym_id 
_pdbx_struct_sheet_hbond.range_2_label_seq_id 
_pdbx_struct_sheet_hbond.range_2_PDB_ins_code 
_pdbx_struct_sheet_hbond.range_2_auth_atom_id 
_pdbx_struct_sheet_hbond.range_2_auth_comp_id 
_pdbx_struct_sheet_hbond.range_2_auth_asym_id 
_pdbx_struct_sheet_hbond.range_2_auth_seq_id 
A 1 2 N LEU A 8   ? N LEU A 104 O GLY A 173 ? O GLY A 269 
A 2 3 O GLY A 179 ? O GLY A 275 N PHE A 163 ? N PHE A 259 
A 3 4 O GLY A 160 ? O GLY A 256 N CYS A 28  ? N CYS A 124 
A 4 5 N VAL A 25  ? N VAL A 121 O PHE A 139 ? O PHE A 235 
B 1 2 O VAL A 53  ? O VAL A 149 N ALA A 45  ? N ALA A 141 
B 2 3 O TYR A 46  ? O TYR A 142 N LEU A 35  ? N LEU A 131 
B 3 4 N ALA A 34  ? N ALA A 130 O CYS A 78  ? O CYS A 174 
B 4 5 N ASN A 81  ? N ASN A 177 O THR A 86  ? O THR A 182 
B 5 6 N TRP A 95  ? N TRP A 191 O HIS A 98  ? O HIS A 194 
C 1 2 O VAL A 53  ? O VAL A 149 N ALA A 45  ? N ALA A 141 
C 2 3 O TYR A 46  ? O TYR A 142 N LEU A 35  ? N LEU A 131 
C 3 4 N ALA A 34  ? N ALA A 130 O CYS A 78  ? O CYS A 174 
C 4 5 N ASN A 81  ? N ASN A 177 O THR A 86  ? O THR A 182 
C 5 6 N TYR A 87  ? N TYR A 183 O LYS A 132 ? O LYS A 228 
# 
_struct_site.id                   AC1 
_struct_site.pdbx_evidence_code   Software 
_struct_site.pdbx_auth_asym_id    A 
_struct_site.pdbx_auth_comp_id    TPG 
_struct_site.pdbx_auth_seq_id     400 
_struct_site.pdbx_auth_ins_code   ? 
_struct_site.pdbx_num_residues    22 
_struct_site.details              'BINDING SITE FOR RESIDUE TPG A 400' 
# 
loop_
_struct_site_gen.id 
_struct_site_gen.site_id 
_struct_site_gen.pdbx_num_res 
_struct_site_gen.label_comp_id 
_struct_site_gen.label_asym_id 
_struct_site_gen.label_seq_id 
_struct_site_gen.pdbx_auth_ins_code 
_struct_site_gen.auth_comp_id 
_struct_site_gen.auth_asym_id 
_struct_site_gen.auth_seq_id 
_struct_site_gen.label_atom_id 
_struct_site_gen.label_alt_id 
_struct_site_gen.symmetry 
_struct_site_gen.details 
1  AC1 22 HOH C .   ? HOH A 1   . ? 1_555 ? 
2  AC1 22 HOH C .   ? HOH A 7   . ? 1_555 ? 
3  AC1 22 HOH C .   ? HOH A 9   . ? 1_555 ? 
4  AC1 22 HOH C .   ? HOH A 12  . ? 1_555 ? 
5  AC1 22 HOH C .   ? HOH A 23  . ? 1_555 ? 
6  AC1 22 HOH C .   ? HOH A 28  . ? 1_555 ? 
7  AC1 22 HOH C .   ? HOH A 45  . ? 1_555 ? 
8  AC1 22 HOH C .   ? HOH A 79  . ? 1_555 ? 
9  AC1 22 HOH C .   ? HOH A 80  . ? 1_555 ? 
10 AC1 22 SER A 9   ? SER A 105 . ? 1_555 ? 
11 AC1 22 GLU A 10  ? GLU A 106 . ? 1_555 ? 
12 AC1 22 TRP A 11  ? TRP A 107 . ? 1_555 ? 
13 AC1 22 GLN A 21  ? GLN A 117 . ? 5_545 ? 
14 AC1 22 GLU A 22  ? GLU A 118 . ? 5_545 ? 
15 AC1 22 GLY A 31  ? GLY A 127 . ? 1_555 ? 
16 AC1 22 LYS A 32  ? LYS A 128 . ? 1_555 ? 
17 AC1 22 ARG A 33  ? ARG A 129 . ? 1_555 ? 
18 AC1 22 LYS A 48  ? LYS A 144 . ? 1_555 ? 
19 AC1 22 ASP A 159 ? ASP A 255 . ? 1_555 ? 
20 AC1 22 LEU A 162 ? LEU A 258 . ? 1_555 ? 
21 AC1 22 LYS A 166 ? LYS A 262 . ? 5_545 ? 
22 AC1 22 TRP A 180 ? TRP A 276 . ? 1_555 ? 
# 
loop_
_pdbx_validate_torsion.id 
_pdbx_validate_torsion.PDB_model_num 
_pdbx_validate_torsion.auth_comp_id 
_pdbx_validate_torsion.auth_asym_id 
_pdbx_validate_torsion.auth_seq_id 
_pdbx_validate_torsion.PDB_ins_code 
_pdbx_validate_torsion.label_alt_id 
_pdbx_validate_torsion.phi 
_pdbx_validate_torsion.psi 
1 1 ARG A 136 ? ? 27.57   76.77  
2 1 ASN A 150 ? ? -176.52 149.74 
3 1 LEU A 155 ? ? -78.82  28.23  
4 1 ASN A 160 ? ? 159.59  154.76 
5 1 GLU A 216 ? ? -22.98  -89.55 
6 1 PRO A 251 ? ? -78.93  20.80  
7 1 TYR A 280 ? ? -69.80  15.45  
# 
loop_
_chem_comp_atom.comp_id 
_chem_comp_atom.atom_id 
_chem_comp_atom.type_symbol 
_chem_comp_atom.pdbx_aromatic_flag 
_chem_comp_atom.pdbx_stereo_config 
_chem_comp_atom.pdbx_ordinal 
ALA N      N N N 1   
ALA CA     C N S 2   
ALA C      C N N 3   
ALA O      O N N 4   
ALA CB     C N N 5   
ALA OXT    O N N 6   
ALA H      H N N 7   
ALA H2     H N N 8   
ALA HA     H N N 9   
ALA HB1    H N N 10  
ALA HB2    H N N 11  
ALA HB3    H N N 12  
ALA HXT    H N N 13  
ARG N      N N N 14  
ARG CA     C N S 15  
ARG C      C N N 16  
ARG O      O N N 17  
ARG CB     C N N 18  
ARG CG     C N N 19  
ARG CD     C N N 20  
ARG NE     N N N 21  
ARG CZ     C N N 22  
ARG NH1    N N N 23  
ARG NH2    N N N 24  
ARG OXT    O N N 25  
ARG H      H N N 26  
ARG H2     H N N 27  
ARG HA     H N N 28  
ARG HB2    H N N 29  
ARG HB3    H N N 30  
ARG HG2    H N N 31  
ARG HG3    H N N 32  
ARG HD2    H N N 33  
ARG HD3    H N N 34  
ARG HE     H N N 35  
ARG HH11   H N N 36  
ARG HH12   H N N 37  
ARG HH21   H N N 38  
ARG HH22   H N N 39  
ARG HXT    H N N 40  
ASN N      N N N 41  
ASN CA     C N S 42  
ASN C      C N N 43  
ASN O      O N N 44  
ASN CB     C N N 45  
ASN CG     C N N 46  
ASN OD1    O N N 47  
ASN ND2    N N N 48  
ASN OXT    O N N 49  
ASN H      H N N 50  
ASN H2     H N N 51  
ASN HA     H N N 52  
ASN HB2    H N N 53  
ASN HB3    H N N 54  
ASN HD21   H N N 55  
ASN HD22   H N N 56  
ASN HXT    H N N 57  
ASP N      N N N 58  
ASP CA     C N S 59  
ASP C      C N N 60  
ASP O      O N N 61  
ASP CB     C N N 62  
ASP CG     C N N 63  
ASP OD1    O N N 64  
ASP OD2    O N N 65  
ASP OXT    O N N 66  
ASP H      H N N 67  
ASP H2     H N N 68  
ASP HA     H N N 69  
ASP HB2    H N N 70  
ASP HB3    H N N 71  
ASP HD2    H N N 72  
ASP HXT    H N N 73  
CYS N      N N N 74  
CYS CA     C N R 75  
CYS C      C N N 76  
CYS O      O N N 77  
CYS CB     C N N 78  
CYS SG     S N N 79  
CYS OXT    O N N 80  
CYS H      H N N 81  
CYS H2     H N N 82  
CYS HA     H N N 83  
CYS HB2    H N N 84  
CYS HB3    H N N 85  
CYS HG     H N N 86  
CYS HXT    H N N 87  
GLN N      N N N 88  
GLN CA     C N S 89  
GLN C      C N N 90  
GLN O      O N N 91  
GLN CB     C N N 92  
GLN CG     C N N 93  
GLN CD     C N N 94  
GLN OE1    O N N 95  
GLN NE2    N N N 96  
GLN OXT    O N N 97  
GLN H      H N N 98  
GLN H2     H N N 99  
GLN HA     H N N 100 
GLN HB2    H N N 101 
GLN HB3    H N N 102 
GLN HG2    H N N 103 
GLN HG3    H N N 104 
GLN HE21   H N N 105 
GLN HE22   H N N 106 
GLN HXT    H N N 107 
GLU N      N N N 108 
GLU CA     C N S 109 
GLU C      C N N 110 
GLU O      O N N 111 
GLU CB     C N N 112 
GLU CG     C N N 113 
GLU CD     C N N 114 
GLU OE1    O N N 115 
GLU OE2    O N N 116 
GLU OXT    O N N 117 
GLU H      H N N 118 
GLU H2     H N N 119 
GLU HA     H N N 120 
GLU HB2    H N N 121 
GLU HB3    H N N 122 
GLU HG2    H N N 123 
GLU HG3    H N N 124 
GLU HE2    H N N 125 
GLU HXT    H N N 126 
GLY N      N N N 127 
GLY CA     C N N 128 
GLY C      C N N 129 
GLY O      O N N 130 
GLY OXT    O N N 131 
GLY H      H N N 132 
GLY H2     H N N 133 
GLY HA2    H N N 134 
GLY HA3    H N N 135 
GLY HXT    H N N 136 
HIS N      N N N 137 
HIS CA     C N S 138 
HIS C      C N N 139 
HIS O      O N N 140 
HIS CB     C N N 141 
HIS CG     C Y N 142 
HIS ND1    N Y N 143 
HIS CD2    C Y N 144 
HIS CE1    C Y N 145 
HIS NE2    N Y N 146 
HIS OXT    O N N 147 
HIS H      H N N 148 
HIS H2     H N N 149 
HIS HA     H N N 150 
HIS HB2    H N N 151 
HIS HB3    H N N 152 
HIS HD1    H N N 153 
HIS HD2    H N N 154 
HIS HE1    H N N 155 
HIS HE2    H N N 156 
HIS HXT    H N N 157 
HOH O      O N N 158 
HOH H1     H N N 159 
HOH H2     H N N 160 
ILE N      N N N 161 
ILE CA     C N S 162 
ILE C      C N N 163 
ILE O      O N N 164 
ILE CB     C N S 165 
ILE CG1    C N N 166 
ILE CG2    C N N 167 
ILE CD1    C N N 168 
ILE OXT    O N N 169 
ILE H      H N N 170 
ILE H2     H N N 171 
ILE HA     H N N 172 
ILE HB     H N N 173 
ILE HG12   H N N 174 
ILE HG13   H N N 175 
ILE HG21   H N N 176 
ILE HG22   H N N 177 
ILE HG23   H N N 178 
ILE HD11   H N N 179 
ILE HD12   H N N 180 
ILE HD13   H N N 181 
ILE HXT    H N N 182 
LEU N      N N N 183 
LEU CA     C N S 184 
LEU C      C N N 185 
LEU O      O N N 186 
LEU CB     C N N 187 
LEU CG     C N N 188 
LEU CD1    C N N 189 
LEU CD2    C N N 190 
LEU OXT    O N N 191 
LEU H      H N N 192 
LEU H2     H N N 193 
LEU HA     H N N 194 
LEU HB2    H N N 195 
LEU HB3    H N N 196 
LEU HG     H N N 197 
LEU HD11   H N N 198 
LEU HD12   H N N 199 
LEU HD13   H N N 200 
LEU HD21   H N N 201 
LEU HD22   H N N 202 
LEU HD23   H N N 203 
LEU HXT    H N N 204 
LYS N      N N N 205 
LYS CA     C N S 206 
LYS C      C N N 207 
LYS O      O N N 208 
LYS CB     C N N 209 
LYS CG     C N N 210 
LYS CD     C N N 211 
LYS CE     C N N 212 
LYS NZ     N N N 213 
LYS OXT    O N N 214 
LYS H      H N N 215 
LYS H2     H N N 216 
LYS HA     H N N 217 
LYS HB2    H N N 218 
LYS HB3    H N N 219 
LYS HG2    H N N 220 
LYS HG3    H N N 221 
LYS HD2    H N N 222 
LYS HD3    H N N 223 
LYS HE2    H N N 224 
LYS HE3    H N N 225 
LYS HZ1    H N N 226 
LYS HZ2    H N N 227 
LYS HZ3    H N N 228 
LYS HXT    H N N 229 
MET N      N N N 230 
MET CA     C N S 231 
MET C      C N N 232 
MET O      O N N 233 
MET CB     C N N 234 
MET CG     C N N 235 
MET SD     S N N 236 
MET CE     C N N 237 
MET OXT    O N N 238 
MET H      H N N 239 
MET H2     H N N 240 
MET HA     H N N 241 
MET HB2    H N N 242 
MET HB3    H N N 243 
MET HG2    H N N 244 
MET HG3    H N N 245 
MET HE1    H N N 246 
MET HE2    H N N 247 
MET HE3    H N N 248 
MET HXT    H N N 249 
PHE N      N N N 250 
PHE CA     C N S 251 
PHE C      C N N 252 
PHE O      O N N 253 
PHE CB     C N N 254 
PHE CG     C Y N 255 
PHE CD1    C Y N 256 
PHE CD2    C Y N 257 
PHE CE1    C Y N 258 
PHE CE2    C Y N 259 
PHE CZ     C Y N 260 
PHE OXT    O N N 261 
PHE H      H N N 262 
PHE H2     H N N 263 
PHE HA     H N N 264 
PHE HB2    H N N 265 
PHE HB3    H N N 266 
PHE HD1    H N N 267 
PHE HD2    H N N 268 
PHE HE1    H N N 269 
PHE HE2    H N N 270 
PHE HZ     H N N 271 
PHE HXT    H N N 272 
PRO N      N N N 273 
PRO CA     C N S 274 
PRO C      C N N 275 
PRO O      O N N 276 
PRO CB     C N N 277 
PRO CG     C N N 278 
PRO CD     C N N 279 
PRO OXT    O N N 280 
PRO H      H N N 281 
PRO HA     H N N 282 
PRO HB2    H N N 283 
PRO HB3    H N N 284 
PRO HG2    H N N 285 
PRO HG3    H N N 286 
PRO HD2    H N N 287 
PRO HD3    H N N 288 
PRO HXT    H N N 289 
SER N      N N N 290 
SER CA     C N S 291 
SER C      C N N 292 
SER O      O N N 293 
SER CB     C N N 294 
SER OG     O N N 295 
SER OXT    O N N 296 
SER H      H N N 297 
SER H2     H N N 298 
SER HA     H N N 299 
SER HB2    H N N 300 
SER HB3    H N N 301 
SER HG     H N N 302 
SER HXT    H N N 303 
THR N      N N N 304 
THR CA     C N S 305 
THR C      C N N 306 
THR O      O N N 307 
THR CB     C N R 308 
THR OG1    O N N 309 
THR CG2    C N N 310 
THR OXT    O N N 311 
THR H      H N N 312 
THR H2     H N N 313 
THR HA     H N N 314 
THR HB     H N N 315 
THR HG1    H N N 316 
THR HG21   H N N 317 
THR HG22   H N N 318 
THR HG23   H N N 319 
THR HXT    H N N 320 
TPG OBB    O N N 321 
TPG CBF    C N N 322 
TPG NBE    N N N 323 
TPG CBM    C N N 324 
TPG NBV    N N N 325 
TPG CBZ    C N N 326 
TPG CBW    C N N 327 
TPG NBN    N N N 328 
TPG CBO    C N N 329 
TPG CBG    C N N 330 
TPG NBH    N N N 331 
TPG CBC    C N N 332 
TPG CBI    C N N 333 
TPG NBP    N N N 334 
TPG CBQ    C N R 335 
TPG OBR    O N N 336 
TPG CBX    C N R 337 
TPG OCA    O N N 338 
TPG CBY    C N S 339 
TPG OCB    O N N 340 
TPG CBS    C N R 341 
TPG CBT    C N N 342 
TPG OBU    O N N 343 
TPG PBK    P N S 344 
TPG OBL    O N N 345 
TPG OBJ    O N N 346 
TPG OBD    O N N 347 
TPG PAZ    P N N 348 
TPG OBA    O N N 349 
TPG OAY    O N N 350 
TPG OAX    O N N 351 
TPG PAT    P N S 352 
TPG OAU    O N N 353 
TPG OAS    O N N 354 
TPG "O5'"  O N N 355 
TPG "C5'"  C N N 356 
TPG "C4'"  C N R 357 
TPG "O4'"  O N N 358 
TPG "C3'"  C N S 359 
TPG "O3'"  O N N 360 
TPG "C2'"  C N R 361 
TPG "O2'"  O N N 362 
TPG "C1'"  C N R 363 
TPG N9     N Y N 364 
TPG C8     C Y N 365 
TPG N7     N Y N 366 
TPG C5     C Y N 367 
TPG C4     C Y N 368 
TPG N3     N N N 369 
TPG C2     C N N 370 
TPG N2     N N N 371 
TPG N1     N N N 372 
TPG C6     C N N 373 
TPG O6     O N N 374 
TPG HBE    H N N 375 
TPG HBZ1   H N N 376 
TPG HBZ2   H N N 377 
TPG HBZ3   H N N 378 
TPG HBW1   H N N 379 
TPG HBW2   H N N 380 
TPG HBW3   H N N 381 
TPG HBC1   H N N 382 
TPG HBC2   H N N 383 
TPG HBC3   H N N 384 
TPG HBI1   H N N 385 
TPG HBI2   H N N 386 
TPG HBQ    H N N 387 
TPG HBX    H N N 388 
TPG HCA    H N N 389 
TPG HBY    H N N 390 
TPG HCB    H N N 391 
TPG HBS    H N N 392 
TPG HBT1   H N N 393 
TPG HBT2   H N N 394 
TPG HBJ    H N N 395 
TPG HAY    H N N 396 
TPG HAS    H N N 397 
TPG "H5'"  H N N 398 
TPG "H5''" H N N 399 
TPG "H4'"  H N N 400 
TPG "H3'"  H N N 401 
TPG H2     H N N 402 
TPG H1     H N N 403 
TPG "H2'"  H N N 404 
TPG "H1'"  H N N 405 
TPG H8     H N N 406 
TPG HN21   H N N 407 
TPG HN22   H N N 408 
TPG HN1    H N N 409 
TRP N      N N N 410 
TRP CA     C N S 411 
TRP C      C N N 412 
TRP O      O N N 413 
TRP CB     C N N 414 
TRP CG     C Y N 415 
TRP CD1    C Y N 416 
TRP CD2    C Y N 417 
TRP NE1    N Y N 418 
TRP CE2    C Y N 419 
TRP CE3    C Y N 420 
TRP CZ2    C Y N 421 
TRP CZ3    C Y N 422 
TRP CH2    C Y N 423 
TRP OXT    O N N 424 
TRP H      H N N 425 
TRP H2     H N N 426 
TRP HA     H N N 427 
TRP HB2    H N N 428 
TRP HB3    H N N 429 
TRP HD1    H N N 430 
TRP HE1    H N N 431 
TRP HE3    H N N 432 
TRP HZ2    H N N 433 
TRP HZ3    H N N 434 
TRP HH2    H N N 435 
TRP HXT    H N N 436 
TYR N      N N N 437 
TYR CA     C N S 438 
TYR C      C N N 439 
TYR O      O N N 440 
TYR CB     C N N 441 
TYR CG     C Y N 442 
TYR CD1    C Y N 443 
TYR CD2    C Y N 444 
TYR CE1    C Y N 445 
TYR CE2    C Y N 446 
TYR CZ     C Y N 447 
TYR OH     O N N 448 
TYR OXT    O N N 449 
TYR H      H N N 450 
TYR H2     H N N 451 
TYR HA     H N N 452 
TYR HB2    H N N 453 
TYR HB3    H N N 454 
TYR HD1    H N N 455 
TYR HD2    H N N 456 
TYR HE1    H N N 457 
TYR HE2    H N N 458 
TYR HH     H N N 459 
TYR HXT    H N N 460 
VAL N      N N N 461 
VAL CA     C N S 462 
VAL C      C N N 463 
VAL O      O N N 464 
VAL CB     C N N 465 
VAL CG1    C N N 466 
VAL CG2    C N N 467 
VAL OXT    O N N 468 
VAL H      H N N 469 
VAL H2     H N N 470 
VAL HA     H N N 471 
VAL HB     H N N 472 
VAL HG11   H N N 473 
VAL HG12   H N N 474 
VAL HG13   H N N 475 
VAL HG21   H N N 476 
VAL HG22   H N N 477 
VAL HG23   H N N 478 
VAL HXT    H N N 479 
# 
loop_
_chem_comp_bond.comp_id 
_chem_comp_bond.atom_id_1 
_chem_comp_bond.atom_id_2 
_chem_comp_bond.value_order 
_chem_comp_bond.pdbx_aromatic_flag 
_chem_comp_bond.pdbx_stereo_config 
_chem_comp_bond.pdbx_ordinal 
ALA N     CA     sing N N 1   
ALA N     H      sing N N 2   
ALA N     H2     sing N N 3   
ALA CA    C      sing N N 4   
ALA CA    CB     sing N N 5   
ALA CA    HA     sing N N 6   
ALA C     O      doub N N 7   
ALA C     OXT    sing N N 8   
ALA CB    HB1    sing N N 9   
ALA CB    HB2    sing N N 10  
ALA CB    HB3    sing N N 11  
ALA OXT   HXT    sing N N 12  
ARG N     CA     sing N N 13  
ARG N     H      sing N N 14  
ARG N     H2     sing N N 15  
ARG CA    C      sing N N 16  
ARG CA    CB     sing N N 17  
ARG CA    HA     sing N N 18  
ARG C     O      doub N N 19  
ARG C     OXT    sing N N 20  
ARG CB    CG     sing N N 21  
ARG CB    HB2    sing N N 22  
ARG CB    HB3    sing N N 23  
ARG CG    CD     sing N N 24  
ARG CG    HG2    sing N N 25  
ARG CG    HG3    sing N N 26  
ARG CD    NE     sing N N 27  
ARG CD    HD2    sing N N 28  
ARG CD    HD3    sing N N 29  
ARG NE    CZ     sing N N 30  
ARG NE    HE     sing N N 31  
ARG CZ    NH1    sing N N 32  
ARG CZ    NH2    doub N N 33  
ARG NH1   HH11   sing N N 34  
ARG NH1   HH12   sing N N 35  
ARG NH2   HH21   sing N N 36  
ARG NH2   HH22   sing N N 37  
ARG OXT   HXT    sing N N 38  
ASN N     CA     sing N N 39  
ASN N     H      sing N N 40  
ASN N     H2     sing N N 41  
ASN CA    C      sing N N 42  
ASN CA    CB     sing N N 43  
ASN CA    HA     sing N N 44  
ASN C     O      doub N N 45  
ASN C     OXT    sing N N 46  
ASN CB    CG     sing N N 47  
ASN CB    HB2    sing N N 48  
ASN CB    HB3    sing N N 49  
ASN CG    OD1    doub N N 50  
ASN CG    ND2    sing N N 51  
ASN ND2   HD21   sing N N 52  
ASN ND2   HD22   sing N N 53  
ASN OXT   HXT    sing N N 54  
ASP N     CA     sing N N 55  
ASP N     H      sing N N 56  
ASP N     H2     sing N N 57  
ASP CA    C      sing N N 58  
ASP CA    CB     sing N N 59  
ASP CA    HA     sing N N 60  
ASP C     O      doub N N 61  
ASP C     OXT    sing N N 62  
ASP CB    CG     sing N N 63  
ASP CB    HB2    sing N N 64  
ASP CB    HB3    sing N N 65  
ASP CG    OD1    doub N N 66  
ASP CG    OD2    sing N N 67  
ASP OD2   HD2    sing N N 68  
ASP OXT   HXT    sing N N 69  
CYS N     CA     sing N N 70  
CYS N     H      sing N N 71  
CYS N     H2     sing N N 72  
CYS CA    C      sing N N 73  
CYS CA    CB     sing N N 74  
CYS CA    HA     sing N N 75  
CYS C     O      doub N N 76  
CYS C     OXT    sing N N 77  
CYS CB    SG     sing N N 78  
CYS CB    HB2    sing N N 79  
CYS CB    HB3    sing N N 80  
CYS SG    HG     sing N N 81  
CYS OXT   HXT    sing N N 82  
GLN N     CA     sing N N 83  
GLN N     H      sing N N 84  
GLN N     H2     sing N N 85  
GLN CA    C      sing N N 86  
GLN CA    CB     sing N N 87  
GLN CA    HA     sing N N 88  
GLN C     O      doub N N 89  
GLN C     OXT    sing N N 90  
GLN CB    CG     sing N N 91  
GLN CB    HB2    sing N N 92  
GLN CB    HB3    sing N N 93  
GLN CG    CD     sing N N 94  
GLN CG    HG2    sing N N 95  
GLN CG    HG3    sing N N 96  
GLN CD    OE1    doub N N 97  
GLN CD    NE2    sing N N 98  
GLN NE2   HE21   sing N N 99  
GLN NE2   HE22   sing N N 100 
GLN OXT   HXT    sing N N 101 
GLU N     CA     sing N N 102 
GLU N     H      sing N N 103 
GLU N     H2     sing N N 104 
GLU CA    C      sing N N 105 
GLU CA    CB     sing N N 106 
GLU CA    HA     sing N N 107 
GLU C     O      doub N N 108 
GLU C     OXT    sing N N 109 
GLU CB    CG     sing N N 110 
GLU CB    HB2    sing N N 111 
GLU CB    HB3    sing N N 112 
GLU CG    CD     sing N N 113 
GLU CG    HG2    sing N N 114 
GLU CG    HG3    sing N N 115 
GLU CD    OE1    doub N N 116 
GLU CD    OE2    sing N N 117 
GLU OE2   HE2    sing N N 118 
GLU OXT   HXT    sing N N 119 
GLY N     CA     sing N N 120 
GLY N     H      sing N N 121 
GLY N     H2     sing N N 122 
GLY CA    C      sing N N 123 
GLY CA    HA2    sing N N 124 
GLY CA    HA3    sing N N 125 
GLY C     O      doub N N 126 
GLY C     OXT    sing N N 127 
GLY OXT   HXT    sing N N 128 
HIS N     CA     sing N N 129 
HIS N     H      sing N N 130 
HIS N     H2     sing N N 131 
HIS CA    C      sing N N 132 
HIS CA    CB     sing N N 133 
HIS CA    HA     sing N N 134 
HIS C     O      doub N N 135 
HIS C     OXT    sing N N 136 
HIS CB    CG     sing N N 137 
HIS CB    HB2    sing N N 138 
HIS CB    HB3    sing N N 139 
HIS CG    ND1    sing Y N 140 
HIS CG    CD2    doub Y N 141 
HIS ND1   CE1    doub Y N 142 
HIS ND1   HD1    sing N N 143 
HIS CD2   NE2    sing Y N 144 
HIS CD2   HD2    sing N N 145 
HIS CE1   NE2    sing Y N 146 
HIS CE1   HE1    sing N N 147 
HIS NE2   HE2    sing N N 148 
HIS OXT   HXT    sing N N 149 
HOH O     H1     sing N N 150 
HOH O     H2     sing N N 151 
ILE N     CA     sing N N 152 
ILE N     H      sing N N 153 
ILE N     H2     sing N N 154 
ILE CA    C      sing N N 155 
ILE CA    CB     sing N N 156 
ILE CA    HA     sing N N 157 
ILE C     O      doub N N 158 
ILE C     OXT    sing N N 159 
ILE CB    CG1    sing N N 160 
ILE CB    CG2    sing N N 161 
ILE CB    HB     sing N N 162 
ILE CG1   CD1    sing N N 163 
ILE CG1   HG12   sing N N 164 
ILE CG1   HG13   sing N N 165 
ILE CG2   HG21   sing N N 166 
ILE CG2   HG22   sing N N 167 
ILE CG2   HG23   sing N N 168 
ILE CD1   HD11   sing N N 169 
ILE CD1   HD12   sing N N 170 
ILE CD1   HD13   sing N N 171 
ILE OXT   HXT    sing N N 172 
LEU N     CA     sing N N 173 
LEU N     H      sing N N 174 
LEU N     H2     sing N N 175 
LEU CA    C      sing N N 176 
LEU CA    CB     sing N N 177 
LEU CA    HA     sing N N 178 
LEU C     O      doub N N 179 
LEU C     OXT    sing N N 180 
LEU CB    CG     sing N N 181 
LEU CB    HB2    sing N N 182 
LEU CB    HB3    sing N N 183 
LEU CG    CD1    sing N N 184 
LEU CG    CD2    sing N N 185 
LEU CG    HG     sing N N 186 
LEU CD1   HD11   sing N N 187 
LEU CD1   HD12   sing N N 188 
LEU CD1   HD13   sing N N 189 
LEU CD2   HD21   sing N N 190 
LEU CD2   HD22   sing N N 191 
LEU CD2   HD23   sing N N 192 
LEU OXT   HXT    sing N N 193 
LYS N     CA     sing N N 194 
LYS N     H      sing N N 195 
LYS N     H2     sing N N 196 
LYS CA    C      sing N N 197 
LYS CA    CB     sing N N 198 
LYS CA    HA     sing N N 199 
LYS C     O      doub N N 200 
LYS C     OXT    sing N N 201 
LYS CB    CG     sing N N 202 
LYS CB    HB2    sing N N 203 
LYS CB    HB3    sing N N 204 
LYS CG    CD     sing N N 205 
LYS CG    HG2    sing N N 206 
LYS CG    HG3    sing N N 207 
LYS CD    CE     sing N N 208 
LYS CD    HD2    sing N N 209 
LYS CD    HD3    sing N N 210 
LYS CE    NZ     sing N N 211 
LYS CE    HE2    sing N N 212 
LYS CE    HE3    sing N N 213 
LYS NZ    HZ1    sing N N 214 
LYS NZ    HZ2    sing N N 215 
LYS NZ    HZ3    sing N N 216 
LYS OXT   HXT    sing N N 217 
MET N     CA     sing N N 218 
MET N     H      sing N N 219 
MET N     H2     sing N N 220 
MET CA    C      sing N N 221 
MET CA    CB     sing N N 222 
MET CA    HA     sing N N 223 
MET C     O      doub N N 224 
MET C     OXT    sing N N 225 
MET CB    CG     sing N N 226 
MET CB    HB2    sing N N 227 
MET CB    HB3    sing N N 228 
MET CG    SD     sing N N 229 
MET CG    HG2    sing N N 230 
MET CG    HG3    sing N N 231 
MET SD    CE     sing N N 232 
MET CE    HE1    sing N N 233 
MET CE    HE2    sing N N 234 
MET CE    HE3    sing N N 235 
MET OXT   HXT    sing N N 236 
PHE N     CA     sing N N 237 
PHE N     H      sing N N 238 
PHE N     H2     sing N N 239 
PHE CA    C      sing N N 240 
PHE CA    CB     sing N N 241 
PHE CA    HA     sing N N 242 
PHE C     O      doub N N 243 
PHE C     OXT    sing N N 244 
PHE CB    CG     sing N N 245 
PHE CB    HB2    sing N N 246 
PHE CB    HB3    sing N N 247 
PHE CG    CD1    doub Y N 248 
PHE CG    CD2    sing Y N 249 
PHE CD1   CE1    sing Y N 250 
PHE CD1   HD1    sing N N 251 
PHE CD2   CE2    doub Y N 252 
PHE CD2   HD2    sing N N 253 
PHE CE1   CZ     doub Y N 254 
PHE CE1   HE1    sing N N 255 
PHE CE2   CZ     sing Y N 256 
PHE CE2   HE2    sing N N 257 
PHE CZ    HZ     sing N N 258 
PHE OXT   HXT    sing N N 259 
PRO N     CA     sing N N 260 
PRO N     CD     sing N N 261 
PRO N     H      sing N N 262 
PRO CA    C      sing N N 263 
PRO CA    CB     sing N N 264 
PRO CA    HA     sing N N 265 
PRO C     O      doub N N 266 
PRO C     OXT    sing N N 267 
PRO CB    CG     sing N N 268 
PRO CB    HB2    sing N N 269 
PRO CB    HB3    sing N N 270 
PRO CG    CD     sing N N 271 
PRO CG    HG2    sing N N 272 
PRO CG    HG3    sing N N 273 
PRO CD    HD2    sing N N 274 
PRO CD    HD3    sing N N 275 
PRO OXT   HXT    sing N N 276 
SER N     CA     sing N N 277 
SER N     H      sing N N 278 
SER N     H2     sing N N 279 
SER CA    C      sing N N 280 
SER CA    CB     sing N N 281 
SER CA    HA     sing N N 282 
SER C     O      doub N N 283 
SER C     OXT    sing N N 284 
SER CB    OG     sing N N 285 
SER CB    HB2    sing N N 286 
SER CB    HB3    sing N N 287 
SER OG    HG     sing N N 288 
SER OXT   HXT    sing N N 289 
THR N     CA     sing N N 290 
THR N     H      sing N N 291 
THR N     H2     sing N N 292 
THR CA    C      sing N N 293 
THR CA    CB     sing N N 294 
THR CA    HA     sing N N 295 
THR C     O      doub N N 296 
THR C     OXT    sing N N 297 
THR CB    OG1    sing N N 298 
THR CB    CG2    sing N N 299 
THR CB    HB     sing N N 300 
THR OG1   HG1    sing N N 301 
THR CG2   HG21   sing N N 302 
THR CG2   HG22   sing N N 303 
THR CG2   HG23   sing N N 304 
THR OXT   HXT    sing N N 305 
TPG OBB   CBF    doub N N 306 
TPG CBF   NBE    sing N N 307 
TPG CBF   CBG    sing N N 308 
TPG NBE   CBM    sing N N 309 
TPG NBE   HBE    sing N N 310 
TPG CBM   NBV    sing N N 311 
TPG CBM   NBN    doub N N 312 
TPG NBV   CBZ    sing N N 313 
TPG NBV   CBW    sing N N 314 
TPG CBZ   HBZ1   sing N N 315 
TPG CBZ   HBZ2   sing N N 316 
TPG CBZ   HBZ3   sing N N 317 
TPG CBW   HBW1   sing N N 318 
TPG CBW   HBW2   sing N N 319 
TPG CBW   HBW3   sing N N 320 
TPG NBN   CBO    sing N N 321 
TPG CBO   CBG    doub N N 322 
TPG CBO   NBP    sing N N 323 
TPG CBG   NBH    sing N N 324 
TPG NBH   CBC    sing N N 325 
TPG NBH   CBI    sing N N 326 
TPG CBC   HBC1   sing N N 327 
TPG CBC   HBC2   sing N N 328 
TPG CBC   HBC3   sing N N 329 
TPG CBI   NBP    sing N N 330 
TPG CBI   HBI1   sing N N 331 
TPG CBI   HBI2   sing N N 332 
TPG NBP   CBQ    sing N N 333 
TPG CBQ   OBR    sing N N 334 
TPG CBQ   CBX    sing N N 335 
TPG CBQ   HBQ    sing N N 336 
TPG OBR   CBS    sing N N 337 
TPG CBX   OCA    sing N N 338 
TPG CBX   CBY    sing N N 339 
TPG CBX   HBX    sing N N 340 
TPG OCA   HCA    sing N N 341 
TPG CBY   OCB    sing N N 342 
TPG CBY   CBS    sing N N 343 
TPG CBY   HBY    sing N N 344 
TPG OCB   HCB    sing N N 345 
TPG CBS   CBT    sing N N 346 
TPG CBS   HBS    sing N N 347 
TPG CBT   OBU    sing N N 348 
TPG CBT   HBT1   sing N N 349 
TPG CBT   HBT2   sing N N 350 
TPG OBU   PBK    sing N N 351 
TPG PBK   OBL    doub N N 352 
TPG PBK   OBJ    sing N N 353 
TPG PBK   OBD    sing N N 354 
TPG OBJ   HBJ    sing N N 355 
TPG OBD   PAZ    sing N N 356 
TPG PAZ   OBA    doub N N 357 
TPG PAZ   OAY    sing N N 358 
TPG PAZ   OAX    sing N N 359 
TPG OAY   HAY    sing N N 360 
TPG OAX   PAT    sing N N 361 
TPG PAT   OAU    doub N N 362 
TPG PAT   OAS    sing N N 363 
TPG PAT   "O5'"  sing N N 364 
TPG OAS   HAS    sing N N 365 
TPG "O5'" "C5'"  sing N N 366 
TPG "C5'" "C4'"  sing N N 367 
TPG "C5'" "H5'"  sing N N 368 
TPG "C5'" "H5''" sing N N 369 
TPG "C4'" "O4'"  sing N N 370 
TPG "C4'" "C3'"  sing N N 371 
TPG "C4'" "H4'"  sing N N 372 
TPG "O4'" "C1'"  sing N N 373 
TPG "C3'" "O3'"  sing N N 374 
TPG "C3'" "C2'"  sing N N 375 
TPG "C3'" "H3'"  sing N N 376 
TPG "O3'" H2     sing N N 377 
TPG "C2'" "O2'"  sing N N 378 
TPG "C2'" "C1'"  sing N N 379 
TPG "C2'" H1     sing N N 380 
TPG "O2'" "H2'"  sing N N 381 
TPG "C1'" N9     sing N N 382 
TPG "C1'" "H1'"  sing N N 383 
TPG N9    C8     sing Y N 384 
TPG N9    C4     sing Y N 385 
TPG C8    N7     doub Y N 386 
TPG C8    H8     sing N N 387 
TPG N7    C5     sing Y N 388 
TPG C5    C4     doub Y N 389 
TPG C5    C6     sing N N 390 
TPG C4    N3     sing N N 391 
TPG N3    C2     doub N N 392 
TPG C2    N2     sing N N 393 
TPG C2    N1     sing N N 394 
TPG N2    HN21   sing N N 395 
TPG N2    HN22   sing N N 396 
TPG N1    C6     sing N N 397 
TPG N1    HN1    sing N N 398 
TPG C6    O6     doub N N 399 
TRP N     CA     sing N N 400 
TRP N     H      sing N N 401 
TRP N     H2     sing N N 402 
TRP CA    C      sing N N 403 
TRP CA    CB     sing N N 404 
TRP CA    HA     sing N N 405 
TRP C     O      doub N N 406 
TRP C     OXT    sing N N 407 
TRP CB    CG     sing N N 408 
TRP CB    HB2    sing N N 409 
TRP CB    HB3    sing N N 410 
TRP CG    CD1    doub Y N 411 
TRP CG    CD2    sing Y N 412 
TRP CD1   NE1    sing Y N 413 
TRP CD1   HD1    sing N N 414 
TRP CD2   CE2    doub Y N 415 
TRP CD2   CE3    sing Y N 416 
TRP NE1   CE2    sing Y N 417 
TRP NE1   HE1    sing N N 418 
TRP CE2   CZ2    sing Y N 419 
TRP CE3   CZ3    doub Y N 420 
TRP CE3   HE3    sing N N 421 
TRP CZ2   CH2    doub Y N 422 
TRP CZ2   HZ2    sing N N 423 
TRP CZ3   CH2    sing Y N 424 
TRP CZ3   HZ3    sing N N 425 
TRP CH2   HH2    sing N N 426 
TRP OXT   HXT    sing N N 427 
TYR N     CA     sing N N 428 
TYR N     H      sing N N 429 
TYR N     H2     sing N N 430 
TYR CA    C      sing N N 431 
TYR CA    CB     sing N N 432 
TYR CA    HA     sing N N 433 
TYR C     O      doub N N 434 
TYR C     OXT    sing N N 435 
TYR CB    CG     sing N N 436 
TYR CB    HB2    sing N N 437 
TYR CB    HB3    sing N N 438 
TYR CG    CD1    doub Y N 439 
TYR CG    CD2    sing Y N 440 
TYR CD1   CE1    sing Y N 441 
TYR CD1   HD1    sing N N 442 
TYR CD2   CE2    doub Y N 443 
TYR CD2   HD2    sing N N 444 
TYR CE1   CZ     doub Y N 445 
TYR CE1   HE1    sing N N 446 
TYR CE2   CZ     sing Y N 447 
TYR CE2   HE2    sing N N 448 
TYR CZ    OH     sing N N 449 
TYR OH    HH     sing N N 450 
TYR OXT   HXT    sing N N 451 
VAL N     CA     sing N N 452 
VAL N     H      sing N N 453 
VAL N     H2     sing N N 454 
VAL CA    C      sing N N 455 
VAL CA    CB     sing N N 456 
VAL CA    HA     sing N N 457 
VAL C     O      doub N N 458 
VAL C     OXT    sing N N 459 
VAL CB    CG1    sing N N 460 
VAL CB    CG2    sing N N 461 
VAL CB    HB     sing N N 462 
VAL CG1   HG11   sing N N 463 
VAL CG1   HG12   sing N N 464 
VAL CG1   HG13   sing N N 465 
VAL CG2   HG21   sing N N 466 
VAL CG2   HG22   sing N N 467 
VAL CG2   HG23   sing N N 468 
VAL OXT   HXT    sing N N 469 
# 
_atom_sites.entry_id                    1XK5 
_atom_sites.fract_transf_matrix[1][1]   0.00941472 
_atom_sites.fract_transf_matrix[1][2]   0.01459570 
_atom_sites.fract_transf_matrix[1][3]   0.00104337 
_atom_sites.fract_transf_matrix[2][1]   0.01395205 
_atom_sites.fract_transf_matrix[2][2]   -0.00932785 
_atom_sites.fract_transf_matrix[2][3]   0.00459256 
_atom_sites.fract_transf_matrix[3][1]   0.00194902 
_atom_sites.fract_transf_matrix[3][2]   -0.00072819 
_atom_sites.fract_transf_matrix[3][3]   -0.00740007 
_atom_sites.fract_transf_vector[1]      0.206868 
_atom_sites.fract_transf_vector[2]      0.840439 
_atom_sites.fract_transf_vector[3]      0.053904 
# 
loop_
_atom_type.symbol 
C 
N 
O 
P 
S 
# 
loop_
_atom_site.group_PDB 
_atom_site.id 
_atom_site.type_symbol 
_atom_site.label_atom_id 
_atom_site.label_alt_id 
_atom_site.label_comp_id 
_atom_site.label_asym_id 
_atom_site.label_entity_id 
_atom_site.label_seq_id 
_atom_site.pdbx_PDB_ins_code 
_atom_site.Cartn_x 
_atom_site.Cartn_y 
_atom_site.Cartn_z 
_atom_site.occupancy 
_atom_site.B_iso_or_equiv 
_atom_site.pdbx_formal_charge 
_atom_site.auth_seq_id 
_atom_site.auth_comp_id 
_atom_site.auth_asym_id 
_atom_site.auth_atom_id 
_atom_site.pdbx_PDB_model_num 
ATOM   1    N N     . HIS A 1 1   ? 2.987   21.103  7.134   1.00 82.19 ? 97  HIS A N     1 
ATOM   2    C CA    . HIS A 1 1   ? 1.614   20.580  7.413   1.00 82.01 ? 97  HIS A CA    1 
ATOM   3    C C     . HIS A 1 1   ? 1.562   19.077  7.117   1.00 81.31 ? 97  HIS A C     1 
ATOM   4    O O     . HIS A 1 1   ? 2.522   18.509  6.592   1.00 80.79 ? 97  HIS A O     1 
ATOM   5    C CB    . HIS A 1 1   ? 0.591   21.341  6.557   1.00 82.33 ? 97  HIS A CB    1 
ATOM   6    C CG    . HIS A 1 1   ? -0.835  21.063  6.922   1.00 83.95 ? 97  HIS A CG    1 
ATOM   7    N ND1   . HIS A 1 1   ? -1.239  20.832  8.219   1.00 84.86 ? 97  HIS A ND1   1 
ATOM   8    C CD2   . HIS A 1 1   ? -1.958  21.014  6.164   1.00 84.29 ? 97  HIS A CD2   1 
ATOM   9    C CE1   . HIS A 1 1   ? -2.547  20.651  8.245   1.00 84.54 ? 97  HIS A CE1   1 
ATOM   10   N NE2   . HIS A 1 1   ? -3.008  20.757  7.011   1.00 84.15 ? 97  HIS A NE2   1 
ATOM   11   N N     . TYR A 1 2   ? 0.447   18.436  7.466   1.00 80.20 ? 98  TYR A N     1 
ATOM   12   C CA    . TYR A 1 2   ? 0.267   17.000  7.242   1.00 77.33 ? 98  TYR A CA    1 
ATOM   13   C C     . TYR A 1 2   ? -0.421  16.650  5.922   1.00 73.83 ? 98  TYR A C     1 
ATOM   14   O O     . TYR A 1 2   ? -0.721  15.484  5.659   1.00 73.52 ? 98  TYR A O     1 
ATOM   15   C CB    . TYR A 1 2   ? -0.524  16.390  8.397   1.00 79.97 ? 98  TYR A CB    1 
ATOM   16   C CG    . TYR A 1 2   ? 0.334   15.997  9.573   1.00 84.07 ? 98  TYR A CG    1 
ATOM   17   C CD1   . TYR A 1 2   ? 1.310   15.010  9.442   1.00 85.94 ? 98  TYR A CD1   1 
ATOM   18   C CD2   . TYR A 1 2   ? 0.170   16.603  10.817  1.00 86.00 ? 98  TYR A CD2   1 
ATOM   19   C CE1   . TYR A 1 2   ? 2.100   14.632  10.524  1.00 88.27 ? 98  TYR A CE1   1 
ATOM   20   C CE2   . TYR A 1 2   ? 0.957   16.234  11.910  1.00 87.68 ? 98  TYR A CE2   1 
ATOM   21   C CZ    . TYR A 1 2   ? 1.919   15.247  11.755  1.00 88.87 ? 98  TYR A CZ    1 
ATOM   22   O OH    . TYR A 1 2   ? 2.697   14.871  12.830  1.00 89.75 ? 98  TYR A OH    1 
ATOM   23   N N     . ALA A 1 3   ? -0.670  17.658  5.094   1.00 69.35 ? 99  ALA A N     1 
ATOM   24   C CA    . ALA A 1 3   ? -1.316  17.435  3.811   1.00 65.67 ? 99  ALA A CA    1 
ATOM   25   C C     . ALA A 1 3   ? -0.286  17.152  2.728   1.00 62.81 ? 99  ALA A C     1 
ATOM   26   O O     . ALA A 1 3   ? 0.915   17.362  2.927   1.00 60.53 ? 99  ALA A O     1 
ATOM   27   C CB    . ALA A 1 3   ? -2.162  18.647  3.429   1.00 65.56 ? 99  ALA A CB    1 
ATOM   28   N N     . ASN A 1 4   ? -0.771  16.667  1.587   1.00 60.37 ? 100 ASN A N     1 
ATOM   29   C CA    . ASN A 1 4   ? 0.073   16.348  0.443   1.00 57.95 ? 100 ASN A CA    1 
ATOM   30   C C     . ASN A 1 4   ? 1.347   15.629  0.885   1.00 54.96 ? 100 ASN A C     1 
ATOM   31   O O     . ASN A 1 4   ? 2.462   16.128  0.711   1.00 55.18 ? 100 ASN A O     1 
ATOM   32   C CB    . ASN A 1 4   ? 0.416   17.636  -0.315  1.00 60.56 ? 100 ASN A CB    1 
ATOM   33   C CG    . ASN A 1 4   ? -0.830  18.441  -0.692  1.00 62.74 ? 100 ASN A CG    1 
ATOM   34   O OD1   . ASN A 1 4   ? -0.677  19.512  -1.319  1.00 62.87 ? 100 ASN A OD1   1 
ATOM   35   N ND2   . ASN A 1 4   ? -1.959  18.004  -0.360  1.00 62.82 ? 100 ASN A ND2   1 
ATOM   36   N N     . GLN A 1 5   ? 1.166   14.447  1.461   1.00 49.51 ? 101 GLN A N     1 
ATOM   37   C CA    . GLN A 1 5   ? 2.283   13.656  1.942   1.00 47.75 ? 101 GLN A CA    1 
ATOM   38   C C     . GLN A 1 5   ? 2.318   12.283  1.295   1.00 45.19 ? 101 GLN A C     1 
ATOM   39   O O     . GLN A 1 5   ? 3.300   11.556  1.430   1.00 44.94 ? 101 GLN A O     1 
ATOM   40   C CB    . GLN A 1 5   ? 2.178   13.487  3.457   1.00 49.24 ? 101 GLN A CB    1 
ATOM   41   C CG    . GLN A 1 5   ? 2.295   14.784  4.223   1.00 51.22 ? 101 GLN A CG    1 
ATOM   42   C CD    . GLN A 1 5   ? 3.697   15.363  4.159   1.00 54.24 ? 101 GLN A CD    1 
ATOM   43   O OE1   . GLN A 1 5   ? 3.832   16.594  4.346   1.00 54.86 ? 101 GLN A OE1   1 
ATOM   44   N NE2   . GLN A 1 5   ? 4.660   14.593  3.934   1.00 52.42 ? 101 GLN A NE2   1 
ATOM   45   N N     . LEU A 1 6   ? 1.243   11.932  0.596   1.00 42.12 ? 102 LEU A N     1 
ATOM   46   C CA    . LEU A 1 6   ? 1.139   10.630  -0.046  1.00 40.38 ? 102 LEU A CA    1 
ATOM   47   C C     . LEU A 1 6   ? 1.392   10.684  -1.549  1.00 39.72 ? 102 LEU A C     1 
ATOM   48   O O     . LEU A 1 6   ? 0.903   11.580  -2.235  1.00 42.29 ? 102 LEU A O     1 
ATOM   49   C CB    . LEU A 1 6   ? -0.256  10.040  0.224   1.00 40.33 ? 102 LEU A CB    1 
ATOM   50   C CG    . LEU A 1 6   ? -0.653  9.845   1.694   1.00 39.80 ? 102 LEU A CG    1 
ATOM   51   C CD1   . LEU A 1 6   ? -2.091  9.389   1.788   1.00 38.05 ? 102 LEU A CD1   1 
ATOM   52   C CD2   . LEU A 1 6   ? 0.270   8.829   2.346   1.00 39.71 ? 102 LEU A CD2   1 
ATOM   53   N N     . MET A 1 7   ? 2.161   9.730   -2.060  1.00 38.63 ? 103 MET A N     1 
ATOM   54   C CA    . MET A 1 7   ? 2.443   9.679   -3.494  1.00 38.29 ? 103 MET A CA    1 
ATOM   55   C C     . MET A 1 7   ? 1.184   9.177   -4.177  1.00 38.85 ? 103 MET A C     1 
ATOM   56   O O     . MET A 1 7   ? 0.624   8.150   -3.774  1.00 37.78 ? 103 MET A O     1 
ATOM   57   C CB    . MET A 1 7   ? 3.596   8.730   -3.784  1.00 38.48 ? 103 MET A CB    1 
ATOM   58   C CG    . MET A 1 7   ? 3.915   8.574   -5.260  1.00 34.97 ? 103 MET A CG    1 
ATOM   59   S SD    . MET A 1 7   ? 5.440   7.620   -5.440  1.00 36.65 ? 103 MET A SD    1 
ATOM   60   C CE    . MET A 1 7   ? 6.591   8.945   -5.738  1.00 40.80 ? 103 MET A CE    1 
ATOM   61   N N     . LEU A 1 8   ? 0.753   9.898   -5.212  1.00 37.08 ? 104 LEU A N     1 
ATOM   62   C CA    . LEU A 1 8   ? -0.470  9.568   -5.927  1.00 36.51 ? 104 LEU A CA    1 
ATOM   63   C C     . LEU A 1 8   ? -0.280  9.049   -7.340  1.00 37.44 ? 104 LEU A C     1 
ATOM   64   O O     . LEU A 1 8   ? 0.605   9.499   -8.076  1.00 37.85 ? 104 LEU A O     1 
ATOM   65   C CB    . LEU A 1 8   ? -1.388  10.794  -5.945  1.00 36.44 ? 104 LEU A CB    1 
ATOM   66   C CG    . LEU A 1 8   ? -2.328  11.017  -4.757  1.00 36.90 ? 104 LEU A CG    1 
ATOM   67   C CD1   . LEU A 1 8   ? -1.666  10.613  -3.444  1.00 37.65 ? 104 LEU A CD1   1 
ATOM   68   C CD2   . LEU A 1 8   ? -2.729  12.485  -4.732  1.00 37.84 ? 104 LEU A CD2   1 
ATOM   69   N N     . SER A 1 9   ? -1.146  8.118   -7.722  1.00 37.99 ? 105 SER A N     1 
ATOM   70   C CA    . SER A 1 9   ? -1.093  7.505   -9.041  1.00 39.44 ? 105 SER A CA    1 
ATOM   71   C C     . SER A 1 9   ? -1.871  8.264   -10.101 1.00 41.34 ? 105 SER A C     1 
ATOM   72   O O     . SER A 1 9   ? -2.535  9.261   -9.821  1.00 42.10 ? 105 SER A O     1 
ATOM   73   C CB    . SER A 1 9   ? -1.638  6.088   -8.972  1.00 37.67 ? 105 SER A CB    1 
ATOM   74   O OG    . SER A 1 9   ? -2.996  6.116   -8.585  1.00 36.42 ? 105 SER A OG    1 
ATOM   75   N N     . GLU A 1 10  ? -1.788  7.765   -11.326 1.00 43.76 ? 106 GLU A N     1 
ATOM   76   C CA    . GLU A 1 10  ? -2.486  8.351   -12.464 1.00 46.34 ? 106 GLU A CA    1 
ATOM   77   C C     . GLU A 1 10  ? -3.089  7.173   -13.201 1.00 46.55 ? 106 GLU A C     1 
ATOM   78   O O     . GLU A 1 10  ? -2.655  6.034   -13.006 1.00 46.96 ? 106 GLU A O     1 
ATOM   79   C CB    . GLU A 1 10  ? -1.499  9.058   -13.393 1.00 47.13 ? 106 GLU A CB    1 
ATOM   80   C CG    . GLU A 1 10  ? -0.605  10.053  -12.697 1.00 52.76 ? 106 GLU A CG    1 
ATOM   81   C CD    . GLU A 1 10  ? -1.321  11.345  -12.377 1.00 57.49 ? 106 GLU A CD    1 
ATOM   82   O OE1   . GLU A 1 10  ? -2.543  11.290  -12.100 1.00 60.45 ? 106 GLU A OE1   1 
ATOM   83   O OE2   . GLU A 1 10  ? -0.660  12.413  -12.392 1.00 59.22 ? 106 GLU A OE2   1 
ATOM   84   N N     . TRP A 1 11  ? -4.098  7.424   -14.029 1.00 45.61 ? 107 TRP A N     1 
ATOM   85   C CA    . TRP A 1 11  ? -4.668  6.326   -14.794 1.00 45.26 ? 107 TRP A CA    1 
ATOM   86   C C     . TRP A 1 11  ? -3.549  5.820   -15.702 1.00 45.89 ? 107 TRP A C     1 
ATOM   87   O O     . TRP A 1 11  ? -2.786  6.606   -16.260 1.00 45.91 ? 107 TRP A O     1 
ATOM   88   C CB    . TRP A 1 11  ? -5.841  6.795   -15.651 1.00 40.40 ? 107 TRP A CB    1 
ATOM   89   C CG    . TRP A 1 11  ? -7.080  7.049   -14.881 1.00 37.43 ? 107 TRP A CG    1 
ATOM   90   C CD1   . TRP A 1 11  ? -7.514  8.247   -14.383 1.00 37.11 ? 107 TRP A CD1   1 
ATOM   91   C CD2   . TRP A 1 11  ? -8.031  6.071   -14.460 1.00 36.14 ? 107 TRP A CD2   1 
ATOM   92   N NE1   . TRP A 1 11  ? -8.679  8.070   -13.673 1.00 33.00 ? 107 TRP A NE1   1 
ATOM   93   C CE2   . TRP A 1 11  ? -9.016  6.743   -13.703 1.00 36.57 ? 107 TRP A CE2   1 
ATOM   94   C CE3   . TRP A 1 11  ? -8.145  4.689   -14.643 1.00 35.00 ? 107 TRP A CE3   1 
ATOM   95   C CZ2   . TRP A 1 11  ? -10.106 6.075   -13.128 1.00 37.54 ? 107 TRP A CZ2   1 
ATOM   96   C CZ3   . TRP A 1 11  ? -9.225  4.026   -14.071 1.00 37.05 ? 107 TRP A CZ3   1 
ATOM   97   C CH2   . TRP A 1 11  ? -10.191 4.721   -13.324 1.00 36.85 ? 107 TRP A CH2   1 
ATOM   98   N N     . LEU A 1 12  ? -3.429  4.507   -15.835 1.00 48.65 ? 108 LEU A N     1 
ATOM   99   C CA    . LEU A 1 12  ? -2.395  3.964   -16.701 1.00 50.19 ? 108 LEU A CA    1 
ATOM   100  C C     . LEU A 1 12  ? -2.972  3.826   -18.106 1.00 51.62 ? 108 LEU A C     1 
ATOM   101  O O     . LEU A 1 12  ? -3.733  2.901   -18.378 1.00 52.76 ? 108 LEU A O     1 
ATOM   102  C CB    . LEU A 1 12  ? -1.927  2.602   -16.180 1.00 48.00 ? 108 LEU A CB    1 
ATOM   103  C CG    . LEU A 1 12  ? -0.738  2.004   -16.932 1.00 49.06 ? 108 LEU A CG    1 
ATOM   104  C CD1   . LEU A 1 12  ? 0.406   3.011   -16.995 1.00 48.69 ? 108 LEU A CD1   1 
ATOM   105  C CD2   . LEU A 1 12  ? -0.292  0.742   -16.231 1.00 48.46 ? 108 LEU A CD2   1 
ATOM   106  N N     . ILE A 1 13  ? -2.637  4.767   -18.986 1.00 53.45 ? 109 ILE A N     1 
ATOM   107  C CA    . ILE A 1 13  ? -3.126  4.727   -20.365 1.00 55.45 ? 109 ILE A CA    1 
ATOM   108  C C     . ILE A 1 13  ? -2.023  4.245   -21.299 1.00 55.36 ? 109 ILE A C     1 
ATOM   109  O O     . ILE A 1 13  ? -2.241  3.354   -22.127 1.00 55.94 ? 109 ILE A O     1 
ATOM   110  C CB    . ILE A 1 13  ? -3.607  6.111   -20.848 1.00 57.59 ? 109 ILE A CB    1 
ATOM   111  C CG1   . ILE A 1 13  ? -4.832  6.553   -20.040 1.00 57.29 ? 109 ILE A CG1   1 
ATOM   112  C CG2   . ILE A 1 13  ? -3.960  6.045   -22.329 1.00 57.55 ? 109 ILE A CG2   1 
ATOM   113  C CD1   . ILE A 1 13  ? -4.511  6.956   -18.640 1.00 56.62 ? 109 ILE A CD1   1 
ATOM   114  N N     . ASP A 1 14  ? -0.846  4.851   -21.169 1.00 54.73 ? 110 ASP A N     1 
ATOM   115  C CA    . ASP A 1 14  ? 0.313   4.461   -21.962 1.00 55.70 ? 110 ASP A CA    1 
ATOM   116  C C     . ASP A 1 14  ? 0.880   3.231   -21.269 1.00 56.83 ? 110 ASP A C     1 
ATOM   117  O O     . ASP A 1 14  ? 1.041   3.224   -20.048 1.00 57.59 ? 110 ASP A O     1 
ATOM   118  C CB    . ASP A 1 14  ? 1.369   5.565   -21.945 1.00 55.44 ? 110 ASP A CB    1 
ATOM   119  C CG    . ASP A 1 14  ? 0.926   6.811   -22.677 1.00 57.74 ? 110 ASP A CG    1 
ATOM   120  O OD1   . ASP A 1 14  ? 1.380   7.911   -22.290 1.00 59.58 ? 110 ASP A OD1   1 
ATOM   121  O OD2   . ASP A 1 14  ? 0.138   6.693   -23.643 1.00 57.92 ? 110 ASP A OD2   1 
ATOM   122  N N     . VAL A 1 15  ? 1.173   2.183   -22.026 1.00 57.45 ? 111 VAL A N     1 
ATOM   123  C CA    . VAL A 1 15  ? 1.729   0.990   -21.410 1.00 58.11 ? 111 VAL A CA    1 
ATOM   124  C C     . VAL A 1 15  ? 3.240   1.020   -21.540 1.00 57.87 ? 111 VAL A C     1 
ATOM   125  O O     . VAL A 1 15  ? 3.776   1.088   -22.646 1.00 59.39 ? 111 VAL A O     1 
ATOM   126  C CB    . VAL A 1 15  ? 1.190   -0.299  -22.059 1.00 58.49 ? 111 VAL A CB    1 
ATOM   127  C CG1   . VAL A 1 15  ? -0.322  -0.233  -22.122 1.00 59.90 ? 111 VAL A CG1   1 
ATOM   128  C CG2   . VAL A 1 15  ? 1.792   -0.499  -23.444 1.00 59.69 ? 111 VAL A CG2   1 
ATOM   129  N N     . PRO A 1 16  ? 3.949   1.006   -20.401 1.00 57.29 ? 112 PRO A N     1 
ATOM   130  C CA    . PRO A 1 16  ? 5.412   1.028   -20.424 1.00 56.58 ? 112 PRO A CA    1 
ATOM   131  C C     . PRO A 1 16  ? 5.949   -0.202  -21.142 1.00 55.74 ? 112 PRO A C     1 
ATOM   132  O O     . PRO A 1 16  ? 5.453   -1.314  -20.950 1.00 55.46 ? 112 PRO A O     1 
ATOM   133  C CB    . PRO A 1 16  ? 5.778   1.042   -18.942 1.00 56.37 ? 112 PRO A CB    1 
ATOM   134  C CG    . PRO A 1 16  ? 4.645   1.792   -18.335 1.00 56.85 ? 112 PRO A CG    1 
ATOM   135  C CD    . PRO A 1 16  ? 3.452   1.173   -19.026 1.00 57.62 ? 112 PRO A CD    1 
ATOM   136  N N     . SER A 1 17  ? 6.958   0.004   -21.978 1.00 55.90 ? 113 SER A N     1 
ATOM   137  C CA    . SER A 1 17  ? 7.560   -1.092  -22.723 1.00 57.06 ? 113 SER A CA    1 
ATOM   138  C C     . SER A 1 17  ? 8.203   -2.103  -21.784 1.00 56.65 ? 113 SER A C     1 
ATOM   139  O O     . SER A 1 17  ? 8.056   -3.315  -21.965 1.00 56.90 ? 113 SER A O     1 
ATOM   140  C CB    . SER A 1 17  ? 8.615   -0.553  -23.686 1.00 57.61 ? 113 SER A CB    1 
ATOM   141  O OG    . SER A 1 17  ? 8.018   0.200   -24.726 1.00 61.46 ? 113 SER A OG    1 
ATOM   142  N N     . ASP A 1 18  ? 8.919   -1.593  -20.783 1.00 54.81 ? 114 ASP A N     1 
ATOM   143  C CA    . ASP A 1 18  ? 9.608   -2.434  -19.811 1.00 53.63 ? 114 ASP A CA    1 
ATOM   144  C C     . ASP A 1 18  ? 8.682   -2.854  -18.680 1.00 54.00 ? 114 ASP A C     1 
ATOM   145  O O     . ASP A 1 18  ? 9.138   -3.224  -17.597 1.00 54.11 ? 114 ASP A O     1 
ATOM   146  C CB    . ASP A 1 18  ? 10.817  -1.685  -19.233 1.00 52.79 ? 114 ASP A CB    1 
ATOM   147  C CG    . ASP A 1 18  ? 10.438  -0.354  -18.595 1.00 52.80 ? 114 ASP A CG    1 
ATOM   148  O OD1   . ASP A 1 18  ? 11.341  0.337   -18.077 1.00 50.56 ? 114 ASP A OD1   1 
ATOM   149  O OD2   . ASP A 1 18  ? 9.241   0.008   -18.610 1.00 54.45 ? 114 ASP A OD2   1 
ATOM   150  N N     . LEU A 1 19  ? 7.380   -2.811  -18.944 1.00 53.45 ? 115 LEU A N     1 
ATOM   151  C CA    . LEU A 1 19  ? 6.379   -3.161  -17.946 1.00 52.81 ? 115 LEU A CA    1 
ATOM   152  C C     . LEU A 1 19  ? 6.687   -4.467  -17.213 1.00 52.57 ? 115 LEU A C     1 
ATOM   153  O O     . LEU A 1 19  ? 6.936   -4.466  -16.004 1.00 51.34 ? 115 LEU A O     1 
ATOM   154  C CB    . LEU A 1 19  ? 4.996   -3.234  -18.604 1.00 51.75 ? 115 LEU A CB    1 
ATOM   155  C CG    . LEU A 1 19  ? 3.733   -3.164  -17.727 1.00 51.94 ? 115 LEU A CG    1 
ATOM   156  C CD1   . LEU A 1 19  ? 3.490   -4.486  -17.066 1.00 52.53 ? 115 LEU A CD1   1 
ATOM   157  C CD2   . LEU A 1 19  ? 3.861   -2.062  -16.696 1.00 50.58 ? 115 LEU A CD2   1 
ATOM   158  N N     . GLY A 1 20  ? 6.678   -5.576  -17.944 1.00 52.35 ? 116 GLY A N     1 
ATOM   159  C CA    . GLY A 1 20  ? 6.939   -6.866  -17.330 1.00 52.34 ? 116 GLY A CA    1 
ATOM   160  C C     . GLY A 1 20  ? 8.276   -7.041  -16.622 1.00 53.22 ? 116 GLY A C     1 
ATOM   161  O O     . GLY A 1 20  ? 8.392   -7.871  -15.721 1.00 52.09 ? 116 GLY A O     1 
ATOM   162  N N     . GLN A 1 21  ? 9.284   -6.262  -17.005 1.00 53.29 ? 117 GLN A N     1 
ATOM   163  C CA    . GLN A 1 21  ? 10.602  -6.399  -16.400 1.00 54.84 ? 117 GLN A CA    1 
ATOM   164  C C     . GLN A 1 21  ? 10.977  -5.309  -15.401 1.00 53.68 ? 117 GLN A C     1 
ATOM   165  O O     . GLN A 1 21  ? 11.888  -5.498  -14.603 1.00 53.83 ? 117 GLN A O     1 
ATOM   166  C CB    . GLN A 1 21  ? 11.688  -6.438  -17.490 1.00 58.65 ? 117 GLN A CB    1 
ATOM   167  C CG    . GLN A 1 21  ? 11.369  -7.296  -18.726 1.00 64.79 ? 117 GLN A CG    1 
ATOM   168  C CD    . GLN A 1 21  ? 10.503  -6.574  -19.765 1.00 67.13 ? 117 GLN A CD    1 
ATOM   169  O OE1   . GLN A 1 21  ? 9.321   -6.311  -19.539 1.00 68.73 ? 117 GLN A OE1   1 
ATOM   170  N NE2   . GLN A 1 21  ? 11.099  -6.249  -20.910 1.00 69.47 ? 117 GLN A NE2   1 
ATOM   171  N N     . GLU A 1 22  ? 10.281  -4.178  -15.433 1.00 52.46 ? 118 GLU A N     1 
ATOM   172  C CA    . GLU A 1 22  ? 10.619  -3.069  -14.551 1.00 49.56 ? 118 GLU A CA    1 
ATOM   173  C C     . GLU A 1 22  ? 9.488   -2.549  -13.653 1.00 47.94 ? 118 GLU A C     1 
ATOM   174  O O     . GLU A 1 22  ? 9.653   -1.552  -12.946 1.00 48.11 ? 118 GLU A O     1 
ATOM   175  C CB    . GLU A 1 22  ? 11.159  -1.928  -15.411 1.00 51.67 ? 118 GLU A CB    1 
ATOM   176  C CG    . GLU A 1 22  ? 12.332  -1.193  -14.808 1.00 57.49 ? 118 GLU A CG    1 
ATOM   177  C CD    . GLU A 1 22  ? 13.488  -2.120  -14.486 1.00 58.81 ? 118 GLU A CD    1 
ATOM   178  O OE1   . GLU A 1 22  ? 13.975  -2.815  -15.408 1.00 57.41 ? 118 GLU A OE1   1 
ATOM   179  O OE2   . GLU A 1 22  ? 13.905  -2.149  -13.307 1.00 60.20 ? 118 GLU A OE2   1 
ATOM   180  N N     . TRP A 1 23  ? 8.342   -3.217  -13.674 1.00 44.85 ? 119 TRP A N     1 
ATOM   181  C CA    . TRP A 1 23  ? 7.210   -2.783  -12.859 1.00 40.82 ? 119 TRP A CA    1 
ATOM   182  C C     . TRP A 1 23  ? 6.637   -3.929  -12.033 1.00 39.86 ? 119 TRP A C     1 
ATOM   183  O O     . TRP A 1 23  ? 6.815   -5.105  -12.367 1.00 37.79 ? 119 TRP A O     1 
ATOM   184  C CB    . TRP A 1 23  ? 6.089   -2.208  -13.746 1.00 40.17 ? 119 TRP A CB    1 
ATOM   185  C CG    . TRP A 1 23  ? 6.486   -0.985  -14.518 1.00 39.95 ? 119 TRP A CG    1 
ATOM   186  C CD1   . TRP A 1 23  ? 7.506   -0.879  -15.414 1.00 40.13 ? 119 TRP A CD1   1 
ATOM   187  C CD2   . TRP A 1 23  ? 5.898   0.319   -14.422 1.00 40.26 ? 119 TRP A CD2   1 
ATOM   188  N NE1   . TRP A 1 23  ? 7.601   0.409   -15.876 1.00 41.83 ? 119 TRP A NE1   1 
ATOM   189  C CE2   . TRP A 1 23  ? 6.625   1.167   -15.286 1.00 40.30 ? 119 TRP A CE2   1 
ATOM   190  C CE3   . TRP A 1 23  ? 4.831   0.852   -13.688 1.00 40.32 ? 119 TRP A CE3   1 
ATOM   191  C CZ2   . TRP A 1 23  ? 6.322   2.523   -15.439 1.00 41.64 ? 119 TRP A CZ2   1 
ATOM   192  C CZ3   . TRP A 1 23  ? 4.524   2.202   -13.838 1.00 42.98 ? 119 TRP A CZ3   1 
ATOM   193  C CH2   . TRP A 1 23  ? 5.270   3.024   -14.709 1.00 43.45 ? 119 TRP A CH2   1 
ATOM   194  N N     . ILE A 1 24  ? 5.952   -3.561  -10.951 1.00 37.64 ? 120 ILE A N     1 
ATOM   195  C CA    . ILE A 1 24  ? 5.296   -4.505  -10.065 1.00 35.28 ? 120 ILE A CA    1 
ATOM   196  C C     . ILE A 1 24  ? 3.898   -3.966  -9.844  1.00 36.35 ? 120 ILE A C     1 
ATOM   197  O O     . ILE A 1 24  ? 3.683   -2.752  -9.850  1.00 37.18 ? 120 ILE A O     1 
ATOM   198  C CB    . ILE A 1 24  ? 6.024   -4.620  -8.705  1.00 37.71 ? 120 ILE A CB    1 
ATOM   199  C CG1   . ILE A 1 24  ? 6.257   -3.220  -8.125  1.00 36.05 ? 120 ILE A CG1   1 
ATOM   200  C CG2   . ILE A 1 24  ? 7.327   -5.423  -8.879  1.00 39.38 ? 120 ILE A CG2   1 
ATOM   201  C CD1   . ILE A 1 24  ? 7.255   -3.158  -7.011  1.00 37.41 ? 120 ILE A CD1   1 
ATOM   202  N N     . VAL A 1 25  ? 2.943   -4.865  -9.652  1.00 35.85 ? 121 VAL A N     1 
ATOM   203  C CA    . VAL A 1 25  ? 1.570   -4.457  -9.438  1.00 35.65 ? 121 VAL A CA    1 
ATOM   204  C C     . VAL A 1 25  ? 1.059   -4.826  -8.036  1.00 36.19 ? 121 VAL A C     1 
ATOM   205  O O     . VAL A 1 25  ? 1.392   -5.893  -7.503  1.00 36.58 ? 121 VAL A O     1 
ATOM   206  C CB    . VAL A 1 25  ? 0.665   -5.085  -10.508 1.00 36.07 ? 121 VAL A CB    1 
ATOM   207  C CG1   . VAL A 1 25  ? 0.869   -6.606  -10.533 1.00 38.57 ? 121 VAL A CG1   1 
ATOM   208  C CG2   . VAL A 1 25  ? -0.778  -4.734  -10.237 1.00 34.72 ? 121 VAL A CG2   1 
ATOM   209  N N     . VAL A 1 26  ? 0.259   -3.934  -7.445  1.00 33.54 ? 122 VAL A N     1 
ATOM   210  C CA    . VAL A 1 26  ? -0.319  -4.149  -6.113  1.00 30.60 ? 122 VAL A CA    1 
ATOM   211  C C     . VAL A 1 26  ? -1.847  -4.122  -6.218  1.00 32.60 ? 122 VAL A C     1 
ATOM   212  O O     . VAL A 1 26  ? -2.408  -3.185  -6.797  1.00 32.02 ? 122 VAL A O     1 
ATOM   213  C CB    . VAL A 1 26  ? 0.078   -3.021  -5.125  1.00 30.24 ? 122 VAL A CB    1 
ATOM   214  C CG1   . VAL A 1 26  ? -0.524  -3.312  -3.738  1.00 28.91 ? 122 VAL A CG1   1 
ATOM   215  C CG2   . VAL A 1 26  ? 1.601   -2.860  -5.060  1.00 23.66 ? 122 VAL A CG2   1 
ATOM   216  N N     . VAL A 1 27  ? -2.531  -5.135  -5.693  1.00 31.72 ? 123 VAL A N     1 
ATOM   217  C CA    . VAL A 1 27  ? -3.987  -5.095  -5.753  1.00 35.67 ? 123 VAL A CA    1 
ATOM   218  C C     . VAL A 1 27  ? -4.420  -4.359  -4.490  1.00 35.84 ? 123 VAL A C     1 
ATOM   219  O O     . VAL A 1 27  ? -3.994  -4.697  -3.381  1.00 34.17 ? 123 VAL A O     1 
ATOM   220  C CB    . VAL A 1 27  ? -4.639  -6.513  -5.829  1.00 36.53 ? 123 VAL A CB    1 
ATOM   221  C CG1   . VAL A 1 27  ? -3.877  -7.376  -6.815  1.00 38.69 ? 123 VAL A CG1   1 
ATOM   222  C CG2   . VAL A 1 27  ? -4.685  -7.161  -4.480  1.00 39.19 ? 123 VAL A CG2   1 
ATOM   223  N N     . CYS A 1 28  ? -5.240  -3.331  -4.663  1.00 36.95 ? 124 CYS A N     1 
ATOM   224  C CA    . CYS A 1 28  ? -5.670  -2.532  -3.530  1.00 40.19 ? 124 CYS A CA    1 
ATOM   225  C C     . CYS A 1 28  ? -7.060  -2.804  -3.049  1.00 39.65 ? 124 CYS A C     1 
ATOM   226  O O     . CYS A 1 28  ? -7.980  -2.986  -3.839  1.00 42.44 ? 124 CYS A O     1 
ATOM   227  C CB    . CYS A 1 28  ? -5.546  -1.045  -3.855  1.00 40.72 ? 124 CYS A CB    1 
ATOM   228  S SG    . CYS A 1 28  ? -3.867  -0.602  -4.280  1.00 48.81 ? 124 CYS A SG    1 
ATOM   229  N N     . PRO A 1 29  ? -7.234  -2.850  -1.725  1.00 39.75 ? 125 PRO A N     1 
ATOM   230  C CA    . PRO A 1 29  ? -8.564  -3.098  -1.181  1.00 40.26 ? 125 PRO A CA    1 
ATOM   231  C C     . PRO A 1 29  ? -9.390  -1.821  -1.250  1.00 40.97 ? 125 PRO A C     1 
ATOM   232  O O     . PRO A 1 29  ? -8.856  -0.715  -1.420  1.00 40.72 ? 125 PRO A O     1 
ATOM   233  C CB    . PRO A 1 29  ? -8.276  -3.514  0.261   1.00 38.15 ? 125 PRO A CB    1 
ATOM   234  C CG    . PRO A 1 29  ? -7.075  -2.737  0.596   1.00 41.26 ? 125 PRO A CG    1 
ATOM   235  C CD    . PRO A 1 29  ? -6.219  -2.859  -0.658  1.00 40.46 ? 125 PRO A CD    1 
ATOM   236  N N     . VAL A 1 30  ? -10.701 -1.980  -1.154  1.00 41.82 ? 126 VAL A N     1 
ATOM   237  C CA    . VAL A 1 30  ? -11.592 -0.836  -1.141  1.00 40.04 ? 126 VAL A CA    1 
ATOM   238  C C     . VAL A 1 30  ? -11.343 -0.222  0.232   1.00 38.90 ? 126 VAL A C     1 
ATOM   239  O O     . VAL A 1 30  ? -11.096 -0.949  1.192   1.00 37.49 ? 126 VAL A O     1 
ATOM   240  C CB    . VAL A 1 30  ? -13.056 -1.293  -1.269  1.00 41.50 ? 126 VAL A CB    1 
ATOM   241  C CG1   . VAL A 1 30  ? -13.998 -0.222  -0.714  1.00 43.12 ? 126 VAL A CG1   1 
ATOM   242  C CG2   . VAL A 1 30  ? -13.369 -1.581  -2.737  1.00 39.60 ? 126 VAL A CG2   1 
ATOM   243  N N     . GLY A 1 31  ? -11.379 1.103   0.333   1.00 38.50 ? 127 GLY A N     1 
ATOM   244  C CA    . GLY A 1 31  ? -11.146 1.726   1.623   1.00 37.19 ? 127 GLY A CA    1 
ATOM   245  C C     . GLY A 1 31  ? -10.719 3.166   1.503   1.00 39.55 ? 127 GLY A C     1 
ATOM   246  O O     . GLY A 1 31  ? -10.828 3.755   0.431   1.00 42.06 ? 127 GLY A O     1 
ATOM   247  N N     . LYS A 1 32  ? -10.222 3.739   2.594   1.00 40.67 ? 128 LYS A N     1 
ATOM   248  C CA    . LYS A 1 32  ? -9.792  5.130   2.590   1.00 41.73 ? 128 LYS A CA    1 
ATOM   249  C C     . LYS A 1 32  ? -8.275  5.305   2.689   1.00 41.03 ? 128 LYS A C     1 
ATOM   250  O O     . LYS A 1 32  ? -7.635  4.769   3.596   1.00 41.64 ? 128 LYS A O     1 
ATOM   251  C CB    . LYS A 1 32  ? -10.476 5.886   3.738   1.00 44.14 ? 128 LYS A CB    1 
ATOM   252  C CG    . LYS A 1 32  ? -11.978 6.016   3.585   1.00 50.10 ? 128 LYS A CG    1 
ATOM   253  C CD    . LYS A 1 32  ? -12.349 6.902   2.399   1.00 56.38 ? 128 LYS A CD    1 
ATOM   254  C CE    . LYS A 1 32  ? -13.866 7.062   2.246   1.00 60.76 ? 128 LYS A CE    1 
ATOM   255  N NZ    . LYS A 1 32  ? -14.230 7.939   1.086   1.00 62.76 ? 128 LYS A NZ    1 
ATOM   256  N N     . ARG A 1 33  ? -7.708  6.068   1.759   1.00 38.22 ? 129 ARG A N     1 
ATOM   257  C CA    . ARG A 1 33  ? -6.273  6.324   1.751   1.00 38.59 ? 129 ARG A CA    1 
ATOM   258  C C     . ARG A 1 33  ? -5.886  7.012   3.063   1.00 37.88 ? 129 ARG A C     1 
ATOM   259  O O     . ARG A 1 33  ? -6.581  7.913   3.520   1.00 36.93 ? 129 ARG A O     1 
ATOM   260  C CB    . ARG A 1 33  ? -5.907  7.247   0.586   1.00 40.16 ? 129 ARG A CB    1 
ATOM   261  C CG    . ARG A 1 33  ? -4.900  6.695   -0.426  1.00 44.94 ? 129 ARG A CG    1 
ATOM   262  C CD    . ARG A 1 33  ? -3.769  5.860   0.193   1.00 44.66 ? 129 ARG A CD    1 
ATOM   263  N NE    . ARG A 1 33  ? -2.440  6.135   -0.370  1.00 43.03 ? 129 ARG A NE    1 
ATOM   264  C CZ    . ARG A 1 33  ? -2.163  6.348   -1.658  1.00 43.74 ? 129 ARG A CZ    1 
ATOM   265  N NH1   . ARG A 1 33  ? -0.905  6.580   -2.026  1.00 42.70 ? 129 ARG A NH1   1 
ATOM   266  N NH2   . ARG A 1 33  ? -3.125  6.350   -2.581  1.00 42.34 ? 129 ARG A NH2   1 
ATOM   267  N N     . ALA A 1 34  ? -4.769  6.613   3.664   1.00 37.89 ? 130 ALA A N     1 
ATOM   268  C CA    . ALA A 1 34  ? -4.360  7.244   4.918   1.00 36.97 ? 130 ALA A CA    1 
ATOM   269  C C     . ALA A 1 34  ? -2.872  7.281   5.175   1.00 36.43 ? 130 ALA A C     1 
ATOM   270  O O     . ALA A 1 34  ? -2.159  6.308   4.947   1.00 38.47 ? 130 ALA A O     1 
ATOM   271  C CB    . ALA A 1 34  ? -5.059  6.570   6.107   1.00 33.64 ? 130 ALA A CB    1 
ATOM   272  N N     . LEU A 1 35  ? -2.414  8.429   5.658   1.00 37.03 ? 131 LEU A N     1 
ATOM   273  C CA    . LEU A 1 35  ? -1.021  8.615   6.017   1.00 36.90 ? 131 LEU A CA    1 
ATOM   274  C C     . LEU A 1 35  ? -1.007  8.141   7.469   1.00 37.86 ? 131 LEU A C     1 
ATOM   275  O O     . LEU A 1 35  ? -1.791  8.635   8.286   1.00 37.99 ? 131 LEU A O     1 
ATOM   276  C CB    . LEU A 1 35  ? -0.660  10.099  5.971   1.00 36.79 ? 131 LEU A CB    1 
ATOM   277  C CG    . LEU A 1 35  ? 0.794   10.598  5.941   1.00 38.03 ? 131 LEU A CG    1 
ATOM   278  C CD1   . LEU A 1 35  ? 0.864   11.887  6.768   1.00 33.71 ? 131 LEU A CD1   1 
ATOM   279  C CD2   . LEU A 1 35  ? 1.758   9.567   6.469   1.00 33.38 ? 131 LEU A CD2   1 
ATOM   280  N N     . ILE A 1 36  ? -0.154  7.173   7.785   1.00 36.76 ? 132 ILE A N     1 
ATOM   281  C CA    . ILE A 1 36  ? -0.066  6.677   9.155   1.00 35.89 ? 132 ILE A CA    1 
ATOM   282  C C     . ILE A 1 36  ? 1.247   7.152   9.763   1.00 38.75 ? 132 ILE A C     1 
ATOM   283  O O     . ILE A 1 36  ? 2.312   7.078   9.130   1.00 36.53 ? 132 ILE A O     1 
ATOM   284  C CB    . ILE A 1 36  ? -0.125  5.127   9.208   1.00 36.14 ? 132 ILE A CB    1 
ATOM   285  C CG1   . ILE A 1 36  ? -1.576  4.662   9.045   1.00 35.65 ? 132 ILE A CG1   1 
ATOM   286  C CG2   . ILE A 1 36  ? 0.471   4.611   10.532  1.00 30.32 ? 132 ILE A CG2   1 
ATOM   287  C CD1   . ILE A 1 36  ? -2.496  5.128   10.173  1.00 35.19 ? 132 ILE A CD1   1 
ATOM   288  N N     . VAL A 1 37  ? 1.167   7.642   10.994  1.00 39.12 ? 133 VAL A N     1 
ATOM   289  C CA    . VAL A 1 37  ? 2.344   8.140   11.690  1.00 42.66 ? 133 VAL A CA    1 
ATOM   290  C C     . VAL A 1 37  ? 2.435   7.647   13.131  1.00 44.63 ? 133 VAL A C     1 
ATOM   291  O O     . VAL A 1 37  ? 1.644   8.045   13.991  1.00 44.24 ? 133 VAL A O     1 
ATOM   292  C CB    . VAL A 1 37  ? 2.367   9.680   11.698  1.00 41.11 ? 133 VAL A CB    1 
ATOM   293  C CG1   . VAL A 1 37  ? 3.550   10.174  12.520  1.00 39.43 ? 133 VAL A CG1   1 
ATOM   294  C CG2   . VAL A 1 37  ? 2.441   10.199  10.271  1.00 39.23 ? 133 VAL A CG2   1 
ATOM   295  N N     . ALA A 1 38  ? 3.401   6.770   13.382  1.00 47.22 ? 134 ALA A N     1 
ATOM   296  C CA    . ALA A 1 38  ? 3.624   6.225   14.715  1.00 49.40 ? 134 ALA A CA    1 
ATOM   297  C C     . ALA A 1 38  ? 4.826   6.974   15.279  1.00 52.05 ? 134 ALA A C     1 
ATOM   298  O O     . ALA A 1 38  ? 5.941   6.870   14.756  1.00 50.45 ? 134 ALA A O     1 
ATOM   299  C CB    . ALA A 1 38  ? 3.908   4.734   14.637  1.00 49.02 ? 134 ALA A CB    1 
ATOM   300  N N     . SER A 1 39  ? 4.592   7.740   16.338  1.00 54.04 ? 135 SER A N     1 
ATOM   301  C CA    . SER A 1 39  ? 5.657   8.521   16.931  1.00 57.50 ? 135 SER A CA    1 
ATOM   302  C C     . SER A 1 39  ? 5.505   8.649   18.438  1.00 59.94 ? 135 SER A C     1 
ATOM   303  O O     . SER A 1 39  ? 4.447   9.035   18.946  1.00 60.02 ? 135 SER A O     1 
ATOM   304  C CB    . SER A 1 39  ? 5.696   9.912   16.290  1.00 58.02 ? 135 SER A CB    1 
ATOM   305  O OG    . SER A 1 39  ? 6.939   10.554  16.520  1.00 60.74 ? 135 SER A OG    1 
ATOM   306  N N     . ARG A 1 40  ? 6.585   8.310   19.135  1.00 62.45 ? 136 ARG A N     1 
ATOM   307  C CA    . ARG A 1 40  ? 6.672   8.362   20.590  1.00 63.31 ? 136 ARG A CA    1 
ATOM   308  C C     . ARG A 1 40  ? 5.377   8.196   21.380  1.00 61.99 ? 136 ARG A C     1 
ATOM   309  O O     . ARG A 1 40  ? 4.819   9.170   21.883  1.00 61.95 ? 136 ARG A O     1 
ATOM   310  C CB    . ARG A 1 40  ? 7.367   9.660   21.018  1.00 64.58 ? 136 ARG A CB    1 
ATOM   311  C CG    . ARG A 1 40  ? 6.745   10.930  20.479  1.00 64.60 ? 136 ARG A CG    1 
ATOM   312  C CD    . ARG A 1 40  ? 7.654   12.109  20.781  1.00 68.11 ? 136 ARG A CD    1 
ATOM   313  N NE    . ARG A 1 40  ? 7.010   13.394  20.526  1.00 70.01 ? 136 ARG A NE    1 
ATOM   314  C CZ    . ARG A 1 40  ? 7.466   14.557  20.984  1.00 70.87 ? 136 ARG A CZ    1 
ATOM   315  N NH1   . ARG A 1 40  ? 8.575   14.597  21.717  1.00 69.44 ? 136 ARG A NH1   1 
ATOM   316  N NH2   . ARG A 1 40  ? 6.802   15.679  20.722  1.00 69.10 ? 136 ARG A NH2   1 
ATOM   317  N N     . GLY A 1 41  ? 4.902   6.958   21.485  1.00 61.01 ? 137 GLY A N     1 
ATOM   318  C CA    . GLY A 1 41  ? 3.701   6.708   22.258  1.00 60.30 ? 137 GLY A CA    1 
ATOM   319  C C     . GLY A 1 41  ? 2.417   6.313   21.552  1.00 59.25 ? 137 GLY A C     1 
ATOM   320  O O     . GLY A 1 41  ? 1.707   5.428   22.030  1.00 58.42 ? 137 GLY A O     1 
ATOM   321  N N     . SER A 1 42  ? 2.100   6.953   20.431  1.00 59.16 ? 138 SER A N     1 
ATOM   322  C CA    . SER A 1 42  ? 0.862   6.633   19.724  1.00 58.09 ? 138 SER A CA    1 
ATOM   323  C C     . SER A 1 42  ? 0.929   6.727   18.202  1.00 56.39 ? 138 SER A C     1 
ATOM   324  O O     . SER A 1 42  ? 1.906   7.218   17.628  1.00 56.88 ? 138 SER A O     1 
ATOM   325  C CB    . SER A 1 42  ? -0.264  7.537   20.228  1.00 58.01 ? 138 SER A CB    1 
ATOM   326  O OG    . SER A 1 42  ? 0.118   8.898   20.152  1.00 59.44 ? 138 SER A OG    1 
ATOM   327  N N     . THR A 1 43  ? -0.137  6.254   17.563  1.00 53.36 ? 139 THR A N     1 
ATOM   328  C CA    . THR A 1 43  ? -0.248  6.258   16.112  1.00 49.34 ? 139 THR A CA    1 
ATOM   329  C C     . THR A 1 43  ? -1.421  7.140   15.686  1.00 48.40 ? 139 THR A C     1 
ATOM   330  O O     . THR A 1 43  ? -2.508  7.069   16.266  1.00 46.78 ? 139 THR A O     1 
ATOM   331  C CB    . THR A 1 43  ? -0.499  4.848   15.583  1.00 48.19 ? 139 THR A CB    1 
ATOM   332  O OG1   . THR A 1 43  ? 0.243   3.902   16.363  1.00 44.78 ? 139 THR A OG1   1 
ATOM   333  C CG2   . THR A 1 43  ? -0.072  4.752   14.129  1.00 48.24 ? 139 THR A CG2   1 
ATOM   334  N N     . SER A 1 44  ? -1.201  7.965   14.668  1.00 46.91 ? 140 SER A N     1 
ATOM   335  C CA    . SER A 1 44  ? -2.245  8.849   14.175  1.00 45.58 ? 140 SER A CA    1 
ATOM   336  C C     . SER A 1 44  ? -2.500  8.636   12.684  1.00 46.14 ? 140 SER A C     1 
ATOM   337  O O     . SER A 1 44  ? -1.573  8.386   11.911  1.00 47.91 ? 140 SER A O     1 
ATOM   338  C CB    . SER A 1 44  ? -1.862  10.307  14.444  1.00 43.90 ? 140 SER A CB    1 
ATOM   339  O OG    . SER A 1 44  ? -1.776  10.555  15.835  1.00 43.55 ? 140 SER A OG    1 
ATOM   340  N N     . ALA A 1 45  ? -3.764  8.732   12.285  1.00 46.08 ? 141 ALA A N     1 
ATOM   341  C CA    . ALA A 1 45  ? -4.150  8.550   10.890  1.00 44.81 ? 141 ALA A CA    1 
ATOM   342  C C     . ALA A 1 45  ? -4.625  9.872   10.283  1.00 45.07 ? 141 ALA A C     1 
ATOM   343  O O     . ALA A 1 45  ? -5.519  10.525  10.813  1.00 45.62 ? 141 ALA A O     1 
ATOM   344  C CB    . ALA A 1 45  ? -5.249  7.499   10.790  1.00 41.63 ? 141 ALA A CB    1 
ATOM   345  N N     . TYR A 1 46  ? -4.021  10.259  9.167   1.00 44.06 ? 142 TYR A N     1 
ATOM   346  C CA    . TYR A 1 46  ? -4.379  11.500  8.504   1.00 43.51 ? 142 TYR A CA    1 
ATOM   347  C C     . TYR A 1 46  ? -5.021  11.219  7.166   1.00 44.67 ? 142 TYR A C     1 
ATOM   348  O O     . TYR A 1 46  ? -4.798  10.171  6.559   1.00 45.55 ? 142 TYR A O     1 
ATOM   349  C CB    . TYR A 1 46  ? -3.134  12.368  8.301   1.00 42.63 ? 142 TYR A CB    1 
ATOM   350  C CG    . TYR A 1 46  ? -2.434  12.696  9.599   1.00 43.24 ? 142 TYR A CG    1 
ATOM   351  C CD1   . TYR A 1 46  ? -1.613  11.757  10.227  1.00 41.19 ? 142 TYR A CD1   1 
ATOM   352  C CD2   . TYR A 1 46  ? -2.663  13.914  10.245  1.00 42.77 ? 142 TYR A CD2   1 
ATOM   353  C CE1   . TYR A 1 46  ? -1.048  12.020  11.468  1.00 43.32 ? 142 TYR A CE1   1 
ATOM   354  C CE2   . TYR A 1 46  ? -2.108  14.188  11.478  1.00 42.95 ? 142 TYR A CE2   1 
ATOM   355  C CZ    . TYR A 1 46  ? -1.306  13.240  12.093  1.00 43.89 ? 142 TYR A CZ    1 
ATOM   356  O OH    . TYR A 1 46  ? -0.808  13.494  13.350  1.00 42.18 ? 142 TYR A OH    1 
ATOM   357  N N     . THR A 1 47  ? -5.833  12.159  6.704   1.00 44.37 ? 143 THR A N     1 
ATOM   358  C CA    . THR A 1 47  ? -6.476  11.994  5.417   1.00 43.42 ? 143 THR A CA    1 
ATOM   359  C C     . THR A 1 47  ? -5.472  12.433  4.365   1.00 45.77 ? 143 THR A C     1 
ATOM   360  O O     . THR A 1 47  ? -4.406  12.987  4.679   1.00 41.79 ? 143 THR A O     1 
ATOM   361  C CB    . THR A 1 47  ? -7.731  12.880  5.277   1.00 42.46 ? 143 THR A CB    1 
ATOM   362  O OG1   . THR A 1 47  ? -7.368  14.252  5.490   1.00 40.95 ? 143 THR A OG1   1 
ATOM   363  C CG2   . THR A 1 47  ? -8.805  12.462  6.277   1.00 40.55 ? 143 THR A CG2   1 
ATOM   364  N N     . LYS A 1 48  ? -5.824  12.171  3.115   1.00 47.32 ? 144 LYS A N     1 
ATOM   365  C CA    . LYS A 1 48  ? -4.993  12.558  1.992   1.00 51.86 ? 144 LYS A CA    1 
ATOM   366  C C     . LYS A 1 48  ? -4.975  14.091  2.042   1.00 53.65 ? 144 LYS A C     1 
ATOM   367  O O     . LYS A 1 48  ? -3.970  14.734  1.727   1.00 53.23 ? 144 LYS A O     1 
ATOM   368  C CB    . LYS A 1 48  ? -5.644  12.056  0.695   1.00 52.53 ? 144 LYS A CB    1 
ATOM   369  C CG    . LYS A 1 48  ? -4.724  11.979  -0.499  1.00 55.58 ? 144 LYS A CG    1 
ATOM   370  C CD    . LYS A 1 48  ? -5.454  11.420  -1.709  1.00 57.34 ? 144 LYS A CD    1 
ATOM   371  C CE    . LYS A 1 48  ? -6.613  12.323  -2.108  1.00 60.66 ? 144 LYS A CE    1 
ATOM   372  N NZ    . LYS A 1 48  ? -7.258  11.885  -3.376  1.00 60.57 ? 144 LYS A NZ    1 
ATOM   373  N N     . SER A 1 49  ? -6.104  14.655  2.477   1.00 55.88 ? 145 SER A N     1 
ATOM   374  C CA    . SER A 1 49  ? -6.287  16.096  2.590   1.00 57.88 ? 145 SER A CA    1 
ATOM   375  C C     . SER A 1 49  ? -5.583  16.693  3.803   1.00 58.38 ? 145 SER A C     1 
ATOM   376  O O     . SER A 1 49  ? -5.754  17.875  4.101   1.00 58.86 ? 145 SER A O     1 
ATOM   377  C CB    . SER A 1 49  ? -7.776  16.440  2.639   1.00 59.05 ? 145 SER A CB    1 
ATOM   378  O OG    . SER A 1 49  ? -8.373  15.955  3.827   1.00 61.95 ? 145 SER A OG    1 
ATOM   379  N N     . GLY A 1 50  ? -4.833  15.868  4.526   1.00 58.69 ? 146 GLY A N     1 
ATOM   380  C CA    . GLY A 1 50  ? -4.062  16.374  5.646   1.00 59.36 ? 146 GLY A CA    1 
ATOM   381  C C     . GLY A 1 50  ? -4.526  16.414  7.090   1.00 61.41 ? 146 GLY A C     1 
ATOM   382  O O     . GLY A 1 50  ? -3.698  16.695  7.957   1.00 62.43 ? 146 GLY A O     1 
ATOM   383  N N     . TYR A 1 51  ? -5.794  16.164  7.396   1.00 60.88 ? 147 TYR A N     1 
ATOM   384  C CA    . TYR A 1 51  ? -6.166  16.223  8.804   1.00 61.22 ? 147 TYR A CA    1 
ATOM   385  C C     . TYR A 1 51  ? -6.451  14.893  9.485   1.00 58.80 ? 147 TYR A C     1 
ATOM   386  O O     . TYR A 1 51  ? -6.979  13.958  8.885   1.00 58.84 ? 147 TYR A O     1 
ATOM   387  C CB    . TYR A 1 51  ? -7.328  17.203  9.045   1.00 65.93 ? 147 TYR A CB    1 
ATOM   388  C CG    . TYR A 1 51  ? -8.516  17.095  8.119   1.00 69.53 ? 147 TYR A CG    1 
ATOM   389  C CD1   . TYR A 1 51  ? -8.491  17.679  6.850   1.00 70.73 ? 147 TYR A CD1   1 
ATOM   390  C CD2   . TYR A 1 51  ? -9.686  16.452  8.530   1.00 70.56 ? 147 TYR A CD2   1 
ATOM   391  C CE1   . TYR A 1 51  ? -9.609  17.632  6.016   1.00 73.28 ? 147 TYR A CE1   1 
ATOM   392  C CE2   . TYR A 1 51  ? -10.807 16.396  7.708   1.00 72.69 ? 147 TYR A CE2   1 
ATOM   393  C CZ    . TYR A 1 51  ? -10.766 16.992  6.453   1.00 73.71 ? 147 TYR A CZ    1 
ATOM   394  O OH    . TYR A 1 51  ? -11.886 16.971  5.650   1.00 74.86 ? 147 TYR A OH    1 
ATOM   395  N N     . CYS A 1 52  ? -6.076  14.840  10.758  1.00 56.63 ? 148 CYS A N     1 
ATOM   396  C CA    . CYS A 1 52  ? -6.218  13.663  11.614  1.00 55.41 ? 148 CYS A CA    1 
ATOM   397  C C     . CYS A 1 52  ? -7.631  13.095  11.685  1.00 54.68 ? 148 CYS A C     1 
ATOM   398  O O     . CYS A 1 52  ? -8.579  13.804  12.022  1.00 53.66 ? 148 CYS A O     1 
ATOM   399  C CB    . CYS A 1 52  ? -5.733  14.006  13.031  1.00 53.79 ? 148 CYS A CB    1 
ATOM   400  S SG    . CYS A 1 52  ? -5.422  12.588  14.108  1.00 52.17 ? 148 CYS A SG    1 
ATOM   401  N N     . VAL A 1 53  ? -7.759  11.808  11.374  1.00 54.77 ? 149 VAL A N     1 
ATOM   402  C CA    . VAL A 1 53  ? -9.045  11.120  11.411  1.00 55.75 ? 149 VAL A CA    1 
ATOM   403  C C     . VAL A 1 53  ? -9.063  10.144  12.584  1.00 56.07 ? 149 VAL A C     1 
ATOM   404  O O     . VAL A 1 53  ? -10.089 9.535   12.888  1.00 55.21 ? 149 VAL A O     1 
ATOM   405  C CB    . VAL A 1 53  ? -9.311  10.347  10.088  1.00 55.59 ? 149 VAL A CB    1 
ATOM   406  C CG1   . VAL A 1 53  ? -8.127  9.464   9.753   1.00 56.89 ? 149 VAL A CG1   1 
ATOM   407  C CG2   . VAL A 1 53  ? -10.563 9.495   10.217  1.00 55.45 ? 149 VAL A CG2   1 
ATOM   408  N N     . ASN A 1 54  ? -7.920  10.002  13.248  1.00 58.29 ? 150 ASN A N     1 
ATOM   409  C CA    . ASN A 1 54  ? -7.825  9.099   14.391  1.00 58.43 ? 150 ASN A CA    1 
ATOM   410  C C     . ASN A 1 54  ? -6.464  9.134   15.072  1.00 58.23 ? 150 ASN A C     1 
ATOM   411  O O     . ASN A 1 54  ? -5.437  9.397   14.436  1.00 57.75 ? 150 ASN A O     1 
ATOM   412  C CB    . ASN A 1 54  ? -8.116  7.664   13.951  1.00 59.08 ? 150 ASN A CB    1 
ATOM   413  C CG    . ASN A 1 54  ? -8.394  6.744   15.124  1.00 61.16 ? 150 ASN A CG    1 
ATOM   414  O OD1   . ASN A 1 54  ? -7.634  6.701   16.088  1.00 64.13 ? 150 ASN A OD1   1 
ATOM   415  N ND2   . ASN A 1 54  ? -9.484  5.999   15.044  1.00 60.48 ? 150 ASN A ND2   1 
ATOM   416  N N     . ARG A 1 55  ? -6.473  8.880   16.377  1.00 57.70 ? 151 ARG A N     1 
ATOM   417  C CA    . ARG A 1 55  ? -5.257  8.815   17.183  1.00 57.01 ? 151 ARG A CA    1 
ATOM   418  C C     . ARG A 1 55  ? -5.483  7.646   18.133  1.00 53.72 ? 151 ARG A C     1 
ATOM   419  O O     . ARG A 1 55  ? -6.369  7.681   18.978  1.00 53.39 ? 151 ARG A O     1 
ATOM   420  C CB    . ARG A 1 55  ? -5.032  10.113  17.963  1.00 60.90 ? 151 ARG A CB    1 
ATOM   421  C CG    . ARG A 1 55  ? -3.787  10.067  18.850  1.00 66.75 ? 151 ARG A CG    1 
ATOM   422  C CD    . ARG A 1 55  ? -3.421  11.425  19.450  1.00 70.96 ? 151 ARG A CD    1 
ATOM   423  N NE    . ARG A 1 55  ? -2.609  12.245  18.549  1.00 74.88 ? 151 ARG A NE    1 
ATOM   424  C CZ    . ARG A 1 55  ? -3.079  12.911  17.496  1.00 77.71 ? 151 ARG A CZ    1 
ATOM   425  N NH1   . ARG A 1 55  ? -2.251  13.625  16.741  1.00 77.51 ? 151 ARG A NH1   1 
ATOM   426  N NH2   . ARG A 1 55  ? -4.375  12.875  17.200  1.00 79.04 ? 151 ARG A NH2   1 
ATOM   427  N N     . PHE A 1 56  ? -4.673  6.606   17.987  1.00 50.83 ? 152 PHE A N     1 
ATOM   428  C CA    . PHE A 1 56  ? -4.828  5.397   18.784  1.00 47.19 ? 152 PHE A CA    1 
ATOM   429  C C     . PHE A 1 56  ? -3.486  4.715   19.026  1.00 45.63 ? 152 PHE A C     1 
ATOM   430  O O     . PHE A 1 56  ? -2.426  5.267   18.722  1.00 42.40 ? 152 PHE A O     1 
ATOM   431  C CB    . PHE A 1 56  ? -5.724  4.429   18.019  1.00 47.71 ? 152 PHE A CB    1 
ATOM   432  C CG    . PHE A 1 56  ? -5.206  4.113   16.633  1.00 48.50 ? 152 PHE A CG    1 
ATOM   433  C CD1   . PHE A 1 56  ? -5.092  5.124   15.669  1.00 48.04 ? 152 PHE A CD1   1 
ATOM   434  C CD2   . PHE A 1 56  ? -4.788  2.825   16.302  1.00 47.46 ? 152 PHE A CD2   1 
ATOM   435  C CE1   . PHE A 1 56  ? -4.565  4.857   14.398  1.00 48.10 ? 152 PHE A CE1   1 
ATOM   436  C CE2   . PHE A 1 56  ? -4.261  2.545   15.033  1.00 48.27 ? 152 PHE A CE2   1 
ATOM   437  C CZ    . PHE A 1 56  ? -4.149  3.565   14.080  1.00 47.59 ? 152 PHE A CZ    1 
ATOM   438  N N     . SER A 1 57  ? -3.558  3.492   19.545  1.00 43.45 ? 153 SER A N     1 
ATOM   439  C CA    . SER A 1 57  ? -2.376  2.684   19.823  1.00 43.65 ? 153 SER A CA    1 
ATOM   440  C C     . SER A 1 57  ? -2.195  1.614   18.742  1.00 43.50 ? 153 SER A C     1 
ATOM   441  O O     . SER A 1 57  ? -3.174  1.092   18.205  1.00 42.58 ? 153 SER A O     1 
ATOM   442  C CB    . SER A 1 57  ? -2.521  2.002   21.187  1.00 43.84 ? 153 SER A CB    1 
ATOM   443  O OG    . SER A 1 57  ? -1.467  1.083   21.423  1.00 43.38 ? 153 SER A OG    1 
ATOM   444  N N     . SER A 1 58  ? -0.946  1.291   18.416  1.00 42.16 ? 154 SER A N     1 
ATOM   445  C CA    . SER A 1 58  ? -0.691  0.262   17.416  1.00 44.11 ? 154 SER A CA    1 
ATOM   446  C C     . SER A 1 58  ? 0.637   -0.426  17.689  1.00 43.97 ? 154 SER A C     1 
ATOM   447  O O     . SER A 1 58  ? 1.534   0.144   18.315  1.00 41.99 ? 154 SER A O     1 
ATOM   448  C CB    . SER A 1 58  ? -0.672  0.856   15.998  1.00 42.45 ? 154 SER A CB    1 
ATOM   449  O OG    . SER A 1 58  ? 0.589   1.429   15.691  1.00 42.25 ? 154 SER A OG    1 
ATOM   450  N N     . LEU A 1 59  ? 0.756   -1.654  17.206  1.00 44.98 ? 155 LEU A N     1 
ATOM   451  C CA    . LEU A 1 59  ? 1.972   -2.421  17.390  1.00 48.15 ? 155 LEU A CA    1 
ATOM   452  C C     . LEU A 1 59  ? 3.083   -2.008  16.417  1.00 50.12 ? 155 LEU A C     1 
ATOM   453  O O     . LEU A 1 59  ? 3.936   -2.815  16.051  1.00 49.20 ? 155 LEU A O     1 
ATOM   454  C CB    . LEU A 1 59  ? 1.656   -3.914  17.269  1.00 48.98 ? 155 LEU A CB    1 
ATOM   455  C CG    . LEU A 1 59  ? 0.829   -4.409  18.465  1.00 51.66 ? 155 LEU A CG    1 
ATOM   456  C CD1   . LEU A 1 59  ? 0.478   -5.877  18.313  1.00 52.44 ? 155 LEU A CD1   1 
ATOM   457  C CD2   . LEU A 1 59  ? 1.626   -4.186  19.739  1.00 50.86 ? 155 LEU A CD2   1 
ATOM   458  N N     . LEU A 1 60  ? 3.059   -0.747  15.992  1.00 51.05 ? 156 LEU A N     1 
ATOM   459  C CA    . LEU A 1 60  ? 4.087   -0.233  15.098  1.00 52.64 ? 156 LEU A CA    1 
ATOM   460  C C     . LEU A 1 60  ? 5.163   0.352   16.010  1.00 53.75 ? 156 LEU A C     1 
ATOM   461  O O     . LEU A 1 60  ? 4.860   0.865   17.078  1.00 51.58 ? 156 LEU A O     1 
ATOM   462  C CB    . LEU A 1 60  ? 3.528   0.865   14.176  1.00 49.44 ? 156 LEU A CB    1 
ATOM   463  C CG    . LEU A 1 60  ? 2.477   0.472   13.131  1.00 50.49 ? 156 LEU A CG    1 
ATOM   464  C CD1   . LEU A 1 60  ? 1.934   1.734   12.476  1.00 48.14 ? 156 LEU A CD1   1 
ATOM   465  C CD2   . LEU A 1 60  ? 3.075   -0.467  12.082  1.00 45.75 ? 156 LEU A CD2   1 
ATOM   466  N N     . PRO A 1 61  ? 6.436   0.268   15.601  1.00 57.08 ? 157 PRO A N     1 
ATOM   467  C CA    . PRO A 1 61  ? 7.528   0.803   16.417  1.00 60.03 ? 157 PRO A CA    1 
ATOM   468  C C     . PRO A 1 61  ? 7.315   2.244   16.852  1.00 62.85 ? 157 PRO A C     1 
ATOM   469  O O     . PRO A 1 61  ? 7.662   2.621   17.970  1.00 64.08 ? 157 PRO A O     1 
ATOM   470  C CB    . PRO A 1 61  ? 8.741   0.642   15.507  1.00 59.28 ? 157 PRO A CB    1 
ATOM   471  C CG    . PRO A 1 61  ? 8.426   -0.629  14.797  1.00 59.12 ? 157 PRO A CG    1 
ATOM   472  C CD    . PRO A 1 61  ? 6.967   -0.448  14.427  1.00 58.00 ? 157 PRO A CD    1 
ATOM   473  N N     . GLY A 1 62  ? 6.742   3.055   15.976  1.00 65.98 ? 158 GLY A N     1 
ATOM   474  C CA    . GLY A 1 62  ? 6.523   4.444   16.329  1.00 71.24 ? 158 GLY A CA    1 
ATOM   475  C C     . GLY A 1 62  ? 5.838   4.651   17.672  1.00 73.77 ? 158 GLY A C     1 
ATOM   476  O O     . GLY A 1 62  ? 6.473   4.597   18.725  1.00 74.22 ? 158 GLY A O     1 
ATOM   477  N N     . GLY A 1 63  ? 4.534   4.898   17.631  1.00 75.69 ? 159 GLY A N     1 
ATOM   478  C CA    . GLY A 1 63  ? 3.788   5.119   18.851  1.00 77.83 ? 159 GLY A CA    1 
ATOM   479  C C     . GLY A 1 63  ? 3.292   3.836   19.483  1.00 79.48 ? 159 GLY A C     1 
ATOM   480  O O     . GLY A 1 63  ? 2.958   2.874   18.792  1.00 79.64 ? 159 GLY A O     1 
ATOM   481  N N     . ASN A 1 64  ? 3.249   3.841   20.810  1.00 81.55 ? 160 ASN A N     1 
ATOM   482  C CA    . ASN A 1 64  ? 2.801   2.709   21.614  1.00 83.08 ? 160 ASN A CA    1 
ATOM   483  C C     . ASN A 1 64  ? 3.372   2.910   23.014  1.00 84.31 ? 160 ASN A C     1 
ATOM   484  O O     . ASN A 1 64  ? 4.390   3.577   23.179  1.00 84.75 ? 160 ASN A O     1 
ATOM   485  C CB    . ASN A 1 64  ? 3.329   1.397   21.041  1.00 83.46 ? 160 ASN A CB    1 
ATOM   486  C CG    . ASN A 1 64  ? 2.639   0.192   21.631  1.00 84.17 ? 160 ASN A CG    1 
ATOM   487  O OD1   . ASN A 1 64  ? 2.326   0.159   22.823  1.00 84.14 ? 160 ASN A OD1   1 
ATOM   488  N ND2   . ASN A 1 64  ? 2.405   -0.813  20.799  1.00 84.61 ? 160 ASN A ND2   1 
ATOM   489  N N     . ARG A 1 65  ? 2.722   2.338   24.020  1.00 85.69 ? 161 ARG A N     1 
ATOM   490  C CA    . ARG A 1 65  ? 3.201   2.472   25.393  1.00 86.76 ? 161 ARG A CA    1 
ATOM   491  C C     . ARG A 1 65  ? 4.493   1.678   25.566  1.00 86.44 ? 161 ARG A C     1 
ATOM   492  O O     . ARG A 1 65  ? 5.548   2.238   25.870  1.00 86.11 ? 161 ARG A O     1 
ATOM   493  C CB    . ARG A 1 65  ? 2.150   1.948   26.376  1.00 88.40 ? 161 ARG A CB    1 
ATOM   494  C CG    . ARG A 1 65  ? 0.763   2.533   26.165  1.00 90.72 ? 161 ARG A CG    1 
ATOM   495  C CD    . ARG A 1 65  ? -0.267  1.854   27.048  1.00 91.85 ? 161 ARG A CD    1 
ATOM   496  N NE    . ARG A 1 65  ? -1.622  2.264   26.692  1.00 93.75 ? 161 ARG A NE    1 
ATOM   497  C CZ    . ARG A 1 65  ? -2.724  1.805   27.276  1.00 94.56 ? 161 ARG A CZ    1 
ATOM   498  N NH1   . ARG A 1 65  ? -2.640  0.911   28.255  1.00 95.07 ? 161 ARG A NH1   1 
ATOM   499  N NH2   . ARG A 1 65  ? -3.913  2.236   26.875  1.00 94.43 ? 161 ARG A NH2   1 
ATOM   500  N N     . ARG A 1 66  ? 4.392   0.371   25.352  1.00 85.84 ? 162 ARG A N     1 
ATOM   501  C CA    . ARG A 1 66  ? 5.514   -0.547  25.491  1.00 86.05 ? 162 ARG A CA    1 
ATOM   502  C C     . ARG A 1 66  ? 6.701   -0.251  24.577  1.00 86.19 ? 162 ARG A C     1 
ATOM   503  O O     . ARG A 1 66  ? 7.845   -0.201  25.030  1.00 86.64 ? 162 ARG A O     1 
ATOM   504  C CB    . ARG A 1 66  ? 5.049   -1.979  25.214  1.00 86.40 ? 162 ARG A CB    1 
ATOM   505  C CG    . ARG A 1 66  ? 3.670   -2.332  25.756  1.00 87.37 ? 162 ARG A CG    1 
ATOM   506  C CD    . ARG A 1 66  ? 3.615   -2.390  27.275  1.00 86.55 ? 162 ARG A CD    1 
ATOM   507  N NE    . ARG A 1 66  ? 2.348   -2.957  27.738  1.00 86.56 ? 162 ARG A NE    1 
ATOM   508  C CZ    . ARG A 1 66  ? 1.963   -4.215  27.526  1.00 86.31 ? 162 ARG A CZ    1 
ATOM   509  N NH1   . ARG A 1 66  ? 2.745   -5.052  26.859  1.00 84.63 ? 162 ARG A NH1   1 
ATOM   510  N NH2   . ARG A 1 66  ? 0.787   -4.639  27.972  1.00 86.45 ? 162 ARG A NH2   1 
ATOM   511  N N     . ASN A 1 67  ? 6.428   -0.066  23.288  1.00 86.48 ? 163 ASN A N     1 
ATOM   512  C CA    . ASN A 1 67  ? 7.480   0.176   22.299  1.00 86.40 ? 163 ASN A CA    1 
ATOM   513  C C     . ASN A 1 67  ? 7.580   1.608   21.773  1.00 86.32 ? 163 ASN A C     1 
ATOM   514  O O     . ASN A 1 67  ? 6.842   2.001   20.872  1.00 86.85 ? 163 ASN A O     1 
ATOM   515  C CB    . ASN A 1 67  ? 7.291   -0.794  21.127  1.00 86.38 ? 163 ASN A CB    1 
ATOM   516  C CG    . ASN A 1 67  ? 8.412   -0.717  20.108  1.00 86.73 ? 163 ASN A CG    1 
ATOM   517  O OD1   . ASN A 1 67  ? 8.519   -1.572  19.226  1.00 86.23 ? 163 ASN A OD1   1 
ATOM   518  N ND2   . ASN A 1 67  ? 9.253   0.308   20.217  1.00 87.37 ? 163 ASN A ND2   1 
ATOM   519  N N     . SER A 1 68  ? 8.514   2.375   22.323  1.00 86.85 ? 164 SER A N     1 
ATOM   520  C CA    . SER A 1 68  ? 8.723   3.756   21.899  1.00 87.45 ? 164 SER A CA    1 
ATOM   521  C C     . SER A 1 68  ? 10.142  4.224   22.186  1.00 87.80 ? 164 SER A C     1 
ATOM   522  O O     . SER A 1 68  ? 10.794  3.744   23.114  1.00 87.78 ? 164 SER A O     1 
ATOM   523  C CB    . SER A 1 68  ? 7.736   4.694   22.595  1.00 87.99 ? 164 SER A CB    1 
ATOM   524  O OG    . SER A 1 68  ? 7.989   6.041   22.229  1.00 88.10 ? 164 SER A OG    1 
ATOM   525  N N     . THR A 1 69  ? 10.611  5.175   21.387  1.00 88.14 ? 165 THR A N     1 
ATOM   526  C CA    . THR A 1 69  ? 11.954  5.711   21.539  1.00 88.10 ? 165 THR A CA    1 
ATOM   527  C C     . THR A 1 69  ? 12.064  7.038   20.794  1.00 88.69 ? 165 THR A C     1 
ATOM   528  O O     . THR A 1 69  ? 11.114  7.480   20.142  1.00 88.58 ? 165 THR A O     1 
ATOM   529  C CB    . THR A 1 69  ? 12.998  4.723   20.971  1.00 87.87 ? 165 THR A CB    1 
ATOM   530  O OG1   . THR A 1 69  ? 12.828  3.439   21.583  1.00 88.60 ? 165 THR A OG1   1 
ATOM   531  C CG2   . THR A 1 69  ? 14.401  5.206   21.245  1.00 88.26 ? 165 THR A CG2   1 
ATOM   532  N N     . ALA A 1 70  ? 13.227  7.672   20.901  1.00 89.48 ? 166 ALA A N     1 
ATOM   533  C CA    . ALA A 1 70  ? 13.487  8.939   20.230  1.00 89.67 ? 166 ALA A CA    1 
ATOM   534  C C     . ALA A 1 70  ? 13.802  8.674   18.756  1.00 89.23 ? 166 ALA A C     1 
ATOM   535  O O     . ALA A 1 70  ? 14.648  7.836   18.431  1.00 88.21 ? 166 ALA A O     1 
ATOM   536  C CB    . ALA A 1 70  ? 14.656  9.655   20.902  1.00 90.50 ? 166 ALA A CB    1 
ATOM   537  N N     . LYS A 1 71  ? 13.118  9.400   17.876  1.00 88.80 ? 167 LYS A N     1 
ATOM   538  C CA    . LYS A 1 71  ? 13.290  9.248   16.432  1.00 88.38 ? 167 LYS A CA    1 
ATOM   539  C C     . LYS A 1 71  ? 12.981  7.806   16.032  1.00 86.35 ? 167 LYS A C     1 
ATOM   540  O O     . LYS A 1 71  ? 13.481  7.304   15.026  1.00 85.84 ? 167 LYS A O     1 
ATOM   541  C CB    . LYS A 1 71  ? 14.719  9.618   16.002  1.00 89.76 ? 167 LYS A CB    1 
ATOM   542  C CG    . LYS A 1 71  ? 14.897  9.717   14.485  1.00 91.27 ? 167 LYS A CG    1 
ATOM   543  C CD    . LYS A 1 71  ? 16.344  9.968   14.081  1.00 92.43 ? 167 LYS A CD    1 
ATOM   544  C CE    . LYS A 1 71  ? 16.489  9.997   12.561  1.00 93.04 ? 167 LYS A CE    1 
ATOM   545  N NZ    . LYS A 1 71  ? 17.900  10.187  12.115  1.00 93.22 ? 167 LYS A NZ    1 
ATOM   546  N N     . ASP A 1 72  ? 12.153  7.146   16.834  1.00 83.94 ? 168 ASP A N     1 
ATOM   547  C CA    . ASP A 1 72  ? 11.761  5.766   16.572  1.00 81.01 ? 168 ASP A CA    1 
ATOM   548  C C     . ASP A 1 72  ? 10.464  5.805   15.768  1.00 77.25 ? 168 ASP A C     1 
ATOM   549  O O     . ASP A 1 72  ? 9.793   4.788   15.590  1.00 76.58 ? 168 ASP A O     1 
ATOM   550  C CB    . ASP A 1 72  ? 11.542  5.026   17.899  1.00 83.43 ? 168 ASP A CB    1 
ATOM   551  C CG    . ASP A 1 72  ? 11.581  3.512   17.745  1.00 85.78 ? 168 ASP A CG    1 
ATOM   552  O OD1   . ASP A 1 72  ? 10.769  2.963   16.972  1.00 88.06 ? 168 ASP A OD1   1 
ATOM   553  O OD2   . ASP A 1 72  ? 12.425  2.866   18.403  1.00 86.73 ? 168 ASP A OD2   1 
ATOM   554  N N     . TYR A 1 73  ? 10.122  6.992   15.277  1.00 72.44 ? 169 TYR A N     1 
ATOM   555  C CA    . TYR A 1 73  ? 8.897   7.168   14.511  1.00 70.23 ? 169 TYR A CA    1 
ATOM   556  C C     . TYR A 1 73  ? 8.833   6.379   13.206  1.00 66.22 ? 169 TYR A C     1 
ATOM   557  O O     . TYR A 1 73  ? 9.833   6.202   12.507  1.00 66.00 ? 169 TYR A O     1 
ATOM   558  C CB    . TYR A 1 73  ? 8.650   8.657   14.224  1.00 72.27 ? 169 TYR A CB    1 
ATOM   559  C CG    . TYR A 1 73  ? 9.680   9.333   13.347  1.00 75.76 ? 169 TYR A CG    1 
ATOM   560  C CD1   . TYR A 1 73  ? 9.445   10.607  12.829  1.00 77.26 ? 169 TYR A CD1   1 
ATOM   561  C CD2   . TYR A 1 73  ? 10.892  8.715   13.044  1.00 77.29 ? 169 TYR A CD2   1 
ATOM   562  C CE1   . TYR A 1 73  ? 10.390  11.246  12.032  1.00 79.61 ? 169 TYR A CE1   1 
ATOM   563  C CE2   . TYR A 1 73  ? 11.843  9.341   12.249  1.00 79.14 ? 169 TYR A CE2   1 
ATOM   564  C CZ    . TYR A 1 73  ? 11.590  10.607  11.744  1.00 80.15 ? 169 TYR A CZ    1 
ATOM   565  O OH    . TYR A 1 73  ? 12.537  11.225  10.948  1.00 81.23 ? 169 TYR A OH    1 
ATOM   566  N N     . THR A 1 74  ? 7.638   5.905   12.886  1.00 60.91 ? 170 THR A N     1 
ATOM   567  C CA    . THR A 1 74  ? 7.423   5.143   11.669  1.00 56.45 ? 170 THR A CA    1 
ATOM   568  C C     . THR A 1 74  ? 6.297   5.779   10.857  1.00 53.86 ? 170 THR A C     1 
ATOM   569  O O     . THR A 1 74  ? 5.262   6.159   11.411  1.00 52.97 ? 170 THR A O     1 
ATOM   570  C CB    . THR A 1 74  ? 7.050   3.696   11.997  1.00 56.38 ? 170 THR A CB    1 
ATOM   571  O OG1   . THR A 1 74  ? 8.028   3.140   12.890  1.00 56.22 ? 170 THR A OG1   1 
ATOM   572  C CG2   . THR A 1 74  ? 7.000   2.869   10.727  1.00 54.95 ? 170 THR A CG2   1 
ATOM   573  N N     . ILE A 1 75  ? 6.506   5.901   9.549   1.00 49.38 ? 171 ILE A N     1 
ATOM   574  C CA    . ILE A 1 75  ? 5.507   6.493   8.661   1.00 46.15 ? 171 ILE A CA    1 
ATOM   575  C C     . ILE A 1 75  ? 5.139   5.520   7.541   1.00 44.86 ? 171 ILE A C     1 
ATOM   576  O O     . ILE A 1 75  ? 6.018   4.991   6.847   1.00 44.21 ? 171 ILE A O     1 
ATOM   577  C CB    . ILE A 1 75  ? 6.032   7.785   8.028   1.00 46.53 ? 171 ILE A CB    1 
ATOM   578  C CG1   . ILE A 1 75  ? 6.455   8.762   9.125   1.00 45.73 ? 171 ILE A CG1   1 
ATOM   579  C CG2   . ILE A 1 75  ? 4.953   8.405   7.148   1.00 46.41 ? 171 ILE A CG2   1 
ATOM   580  C CD1   . ILE A 1 75  ? 7.247   9.943   8.611   1.00 47.29 ? 171 ILE A CD1   1 
ATOM   581  N N     . LEU A 1 76  ? 3.838   5.298   7.369   1.00 40.76 ? 172 LEU A N     1 
ATOM   582  C CA    . LEU A 1 76  ? 3.334   4.374   6.364   1.00 37.22 ? 172 LEU A CA    1 
ATOM   583  C C     . LEU A 1 76  ? 2.334   5.016   5.404   1.00 37.88 ? 172 LEU A C     1 
ATOM   584  O O     . LEU A 1 76  ? 1.772   6.093   5.675   1.00 37.17 ? 172 LEU A O     1 
ATOM   585  C CB    . LEU A 1 76  ? 2.657   3.183   7.049   1.00 35.94 ? 172 LEU A CB    1 
ATOM   586  C CG    . LEU A 1 76  ? 3.453   1.964   7.543   1.00 38.52 ? 172 LEU A CG    1 
ATOM   587  C CD1   . LEU A 1 76  ? 4.941   2.264   7.661   1.00 36.69 ? 172 LEU A CD1   1 
ATOM   588  C CD2   . LEU A 1 76  ? 2.889   1.525   8.873   1.00 34.65 ? 172 LEU A CD2   1 
ATOM   589  N N     . ASP A 1 77  ? 2.139   4.346   4.270   1.00 33.92 ? 173 ASP A N     1 
ATOM   590  C CA    . ASP A 1 77  ? 1.187   4.766   3.253   1.00 31.39 ? 173 ASP A CA    1 
ATOM   591  C C     . ASP A 1 77  ? 0.212   3.605   3.328   1.00 30.51 ? 173 ASP A C     1 
ATOM   592  O O     . ASP A 1 77  ? 0.554   2.482   2.957   1.00 27.93 ? 173 ASP A O     1 
ATOM   593  C CB    . ASP A 1 77  ? 1.857   4.813   1.876   1.00 29.83 ? 173 ASP A CB    1 
ATOM   594  C CG    . ASP A 1 77  ? 0.888   5.182   0.748   1.00 31.14 ? 173 ASP A CG    1 
ATOM   595  O OD1   . ASP A 1 77  ? -0.351  5.108   0.947   1.00 27.09 ? 173 ASP A OD1   1 
ATOM   596  O OD2   . ASP A 1 77  ? 1.381   5.531   -0.361  1.00 30.99 ? 173 ASP A OD2   1 
ATOM   597  N N     . CYS A 1 78  ? -0.993  3.864   3.829   1.00 30.89 ? 174 CYS A N     1 
ATOM   598  C CA    . CYS A 1 78  ? -1.982  2.802   3.980   1.00 30.83 ? 174 CYS A CA    1 
ATOM   599  C C     . CYS A 1 78  ? -3.348  3.116   3.391   1.00 31.35 ? 174 CYS A C     1 
ATOM   600  O O     . CYS A 1 78  ? -3.639  4.254   3.026   1.00 30.86 ? 174 CYS A O     1 
ATOM   601  C CB    . CYS A 1 78  ? -2.196  2.499   5.461   1.00 29.96 ? 174 CYS A CB    1 
ATOM   602  S SG    . CYS A 1 78  ? -0.711  2.404   6.432   1.00 31.38 ? 174 CYS A SG    1 
ATOM   603  N N     . ILE A 1 79  ? -4.175  2.075   3.311   1.00 30.75 ? 175 ILE A N     1 
ATOM   604  C CA    . ILE A 1 79  ? -5.555  2.182   2.865   1.00 32.55 ? 175 ILE A CA    1 
ATOM   605  C C     . ILE A 1 79  ? -6.344  1.516   3.996   1.00 35.05 ? 175 ILE A C     1 
ATOM   606  O O     . ILE A 1 79  ? -6.158  0.333   4.285   1.00 33.90 ? 175 ILE A O     1 
ATOM   607  C CB    . ILE A 1 79  ? -5.817  1.427   1.545   1.00 32.88 ? 175 ILE A CB    1 
ATOM   608  C CG1   . ILE A 1 79  ? -5.135  2.159   0.382   1.00 30.64 ? 175 ILE A CG1   1 
ATOM   609  C CG2   . ILE A 1 79  ? -7.342  1.313   1.304   1.00 31.89 ? 175 ILE A CG2   1 
ATOM   610  C CD1   . ILE A 1 79  ? -5.064  1.334   -0.886  1.00 32.89 ? 175 ILE A CD1   1 
ATOM   611  N N     . TYR A 1 80  ? -7.191  2.285   4.668   1.00 36.89 ? 176 TYR A N     1 
ATOM   612  C CA    . TYR A 1 80  ? -7.975  1.729   5.757   1.00 39.19 ? 176 TYR A CA    1 
ATOM   613  C C     . TYR A 1 80  ? -9.208  0.994   5.231   1.00 39.44 ? 176 TYR A C     1 
ATOM   614  O O     . TYR A 1 80  ? -9.974  1.549   4.444   1.00 38.31 ? 176 TYR A O     1 
ATOM   615  C CB    . TYR A 1 80  ? -8.420  2.830   6.716   1.00 40.80 ? 176 TYR A CB    1 
ATOM   616  C CG    . TYR A 1 80  ? -9.185  2.264   7.881   1.00 43.55 ? 176 TYR A CG    1 
ATOM   617  C CD1   . TYR A 1 80  ? -8.535  1.485   8.842   1.00 43.13 ? 176 TYR A CD1   1 
ATOM   618  C CD2   . TYR A 1 80  ? -10.565 2.448   7.996   1.00 41.93 ? 176 TYR A CD2   1 
ATOM   619  C CE1   . TYR A 1 80  ? -9.237  0.899   9.888   1.00 44.38 ? 176 TYR A CE1   1 
ATOM   620  C CE2   . TYR A 1 80  ? -11.280 1.864   9.044   1.00 44.24 ? 176 TYR A CE2   1 
ATOM   621  C CZ    . TYR A 1 80  ? -10.608 1.091   9.984   1.00 44.21 ? 176 TYR A CZ    1 
ATOM   622  O OH    . TYR A 1 80  ? -11.294 0.500   11.016  1.00 46.51 ? 176 TYR A OH    1 
ATOM   623  N N     . ASN A 1 81  ? -9.393  -0.250  5.663   1.00 38.76 ? 177 ASN A N     1 
ATOM   624  C CA    . ASN A 1 81  ? -10.539 -1.042  5.232   1.00 41.48 ? 177 ASN A CA    1 
ATOM   625  C C     . ASN A 1 81  ? -11.510 -1.262  6.397   1.00 43.72 ? 177 ASN A C     1 
ATOM   626  O O     . ASN A 1 81  ? -11.288 -2.099  7.275   1.00 43.92 ? 177 ASN A O     1 
ATOM   627  C CB    . ASN A 1 81  ? -10.072 -2.384  4.665   1.00 41.11 ? 177 ASN A CB    1 
ATOM   628  C CG    . ASN A 1 81  ? -11.221 -3.265  4.237   1.00 43.39 ? 177 ASN A CG    1 
ATOM   629  O OD1   . ASN A 1 81  ? -11.932 -3.828  5.068   1.00 45.10 ? 177 ASN A OD1   1 
ATOM   630  N ND2   . ASN A 1 81  ? -11.418 -3.384  2.931   1.00 43.53 ? 177 ASN A ND2   1 
ATOM   631  N N     . GLU A 1 82  ? -12.592 -0.495  6.384   1.00 46.96 ? 178 GLU A N     1 
ATOM   632  C CA    . GLU A 1 82  ? -13.621 -0.542  7.417   1.00 50.05 ? 178 GLU A CA    1 
ATOM   633  C C     . GLU A 1 82  ? -14.148 -1.937  7.751   1.00 48.63 ? 178 GLU A C     1 
ATOM   634  O O     . GLU A 1 82  ? -14.104 -2.365  8.910   1.00 47.20 ? 178 GLU A O     1 
ATOM   635  C CB    . GLU A 1 82  ? -14.791 0.351   6.996   1.00 54.61 ? 178 GLU A CB    1 
ATOM   636  C CG    . GLU A 1 82  ? -15.864 0.517   8.042   1.00 61.38 ? 178 GLU A CG    1 
ATOM   637  C CD    . GLU A 1 82  ? -15.353 1.217   9.287   1.00 66.22 ? 178 GLU A CD    1 
ATOM   638  O OE1   . GLU A 1 82  ? -14.572 0.599   10.050  1.00 68.30 ? 178 GLU A OE1   1 
ATOM   639  O OE2   . GLU A 1 82  ? -15.728 2.394   9.494   1.00 67.99 ? 178 GLU A OE2   1 
ATOM   640  N N     . VAL A 1 83  ? -14.647 -2.642  6.742   1.00 47.06 ? 179 VAL A N     1 
ATOM   641  C CA    . VAL A 1 83  ? -15.205 -3.973  6.961   1.00 48.96 ? 179 VAL A CA    1 
ATOM   642  C C     . VAL A 1 83  ? -14.248 -4.934  7.663   1.00 50.02 ? 179 VAL A C     1 
ATOM   643  O O     . VAL A 1 83  ? -14.676 -5.965  8.172   1.00 51.67 ? 179 VAL A O     1 
ATOM   644  C CB    . VAL A 1 83  ? -15.687 -4.626  5.629   1.00 48.50 ? 179 VAL A CB    1 
ATOM   645  C CG1   . VAL A 1 83  ? -16.529 -3.638  4.847   1.00 47.87 ? 179 VAL A CG1   1 
ATOM   646  C CG2   . VAL A 1 83  ? -14.503 -5.101  4.803   1.00 49.46 ? 179 VAL A CG2   1 
ATOM   647  N N     . ASN A 1 84  ? -12.959 -4.614  7.697   1.00 50.44 ? 180 ASN A N     1 
ATOM   648  C CA    . ASN A 1 84  ? -12.013 -5.501  8.363   1.00 51.55 ? 180 ASN A CA    1 
ATOM   649  C C     . ASN A 1 84  ? -11.233 -4.823  9.470   1.00 51.94 ? 180 ASN A C     1 
ATOM   650  O O     . ASN A 1 84  ? -10.333 -5.430  10.046  1.00 51.89 ? 180 ASN A O     1 
ATOM   651  C CB    . ASN A 1 84  ? -11.020 -6.092  7.365   1.00 52.05 ? 180 ASN A CB    1 
ATOM   652  C CG    . ASN A 1 84  ? -11.682 -6.980  6.342   1.00 54.18 ? 180 ASN A CG    1 
ATOM   653  O OD1   . ASN A 1 84  ? -12.897 -7.195  6.384   1.00 54.23 ? 180 ASN A OD1   1 
ATOM   654  N ND2   . ASN A 1 84  ? -10.886 -7.511  5.412   1.00 52.57 ? 180 ASN A ND2   1 
ATOM   655  N N     . GLN A 1 85  ? -11.579 -3.577  9.778   1.00 53.79 ? 181 GLN A N     1 
ATOM   656  C CA    . GLN A 1 85  ? -10.864 -2.835  10.817  1.00 54.52 ? 181 GLN A CA    1 
ATOM   657  C C     . GLN A 1 85  ? -9.380  -3.092  10.596  1.00 51.84 ? 181 GLN A C     1 
ATOM   658  O O     . GLN A 1 85  ? -8.644  -3.428  11.528  1.00 50.95 ? 181 GLN A O     1 
ATOM   659  C CB    . GLN A 1 85  ? -11.258 -3.331  12.208  1.00 58.26 ? 181 GLN A CB    1 
ATOM   660  C CG    . GLN A 1 85  ? -12.078 -2.346  13.020  1.00 64.47 ? 181 GLN A CG    1 
ATOM   661  C CD    . GLN A 1 85  ? -13.550 -2.420  12.704  1.00 67.14 ? 181 GLN A CD    1 
ATOM   662  O OE1   . GLN A 1 85  ? -14.180 -3.470  12.882  1.00 70.22 ? 181 GLN A OE1   1 
ATOM   663  N NE2   . GLN A 1 85  ? -14.115 -1.309  12.232  1.00 67.09 ? 181 GLN A NE2   1 
ATOM   664  N N     . THR A 1 86  ? -8.956  -2.945  9.348   1.00 48.59 ? 182 THR A N     1 
ATOM   665  C CA    . THR A 1 86  ? -7.574  -3.188  8.992   1.00 45.37 ? 182 THR A CA    1 
ATOM   666  C C     . THR A 1 86  ? -6.945  -2.075  8.179   1.00 43.87 ? 182 THR A C     1 
ATOM   667  O O     . THR A 1 86  ? -7.539  -1.565  7.223   1.00 41.93 ? 182 THR A O     1 
ATOM   668  C CB    . THR A 1 86  ? -7.437  -4.482  8.163   1.00 45.21 ? 182 THR A CB    1 
ATOM   669  O OG1   . THR A 1 86  ? -7.870  -5.602  8.942   1.00 45.62 ? 182 THR A OG1   1 
ATOM   670  C CG2   . THR A 1 86  ? -5.991  -4.683  7.721   1.00 43.29 ? 182 THR A CG2   1 
ATOM   671  N N     . TYR A 1 87  ? -5.728  -1.718  8.571   1.00 42.30 ? 183 TYR A N     1 
ATOM   672  C CA    . TYR A 1 87  ? -4.941  -0.718  7.867   1.00 39.45 ? 183 TYR A CA    1 
ATOM   673  C C     . TYR A 1 87  ? -4.026  -1.490  6.929   1.00 38.62 ? 183 TYR A C     1 
ATOM   674  O O     . TYR A 1 87  ? -2.994  -2.015  7.358   1.00 38.71 ? 183 TYR A O     1 
ATOM   675  C CB    . TYR A 1 87  ? -4.098  0.095   8.849   1.00 38.21 ? 183 TYR A CB    1 
ATOM   676  C CG    . TYR A 1 87  ? -4.819  1.288   9.423   1.00 40.33 ? 183 TYR A CG    1 
ATOM   677  C CD1   . TYR A 1 87  ? -4.984  2.457   8.671   1.00 39.99 ? 183 TYR A CD1   1 
ATOM   678  C CD2   . TYR A 1 87  ? -5.355  1.251   10.710  1.00 39.29 ? 183 TYR A CD2   1 
ATOM   679  C CE1   . TYR A 1 87  ? -5.662  3.558   9.186   1.00 40.11 ? 183 TYR A CE1   1 
ATOM   680  C CE2   . TYR A 1 87  ? -6.038  2.346   11.238  1.00 40.22 ? 183 TYR A CE2   1 
ATOM   681  C CZ    . TYR A 1 87  ? -6.188  3.496   10.475  1.00 41.74 ? 183 TYR A CZ    1 
ATOM   682  O OH    . TYR A 1 87  ? -6.868  4.578   10.996  1.00 42.26 ? 183 TYR A OH    1 
ATOM   683  N N     . TYR A 1 88  ? -4.410  -1.587  5.659   1.00 36.24 ? 184 TYR A N     1 
ATOM   684  C CA    . TYR A 1 88  ? -3.594  -2.302  4.689   1.00 34.20 ? 184 TYR A CA    1 
ATOM   685  C C     . TYR A 1 88  ? -2.408  -1.440  4.297   1.00 33.93 ? 184 TYR A C     1 
ATOM   686  O O     . TYR A 1 88  ? -2.575  -0.337  3.793   1.00 34.75 ? 184 TYR A O     1 
ATOM   687  C CB    . TYR A 1 88  ? -4.433  -2.684  3.471   1.00 34.12 ? 184 TYR A CB    1 
ATOM   688  C CG    . TYR A 1 88  ? -5.338  -3.863  3.751   1.00 33.48 ? 184 TYR A CG    1 
ATOM   689  C CD1   . TYR A 1 88  ? -4.817  -5.148  3.851   1.00 33.15 ? 184 TYR A CD1   1 
ATOM   690  C CD2   . TYR A 1 88  ? -6.701  -3.685  3.963   1.00 32.43 ? 184 TYR A CD2   1 
ATOM   691  C CE1   . TYR A 1 88  ? -5.635  -6.239  4.161   1.00 38.88 ? 184 TYR A CE1   1 
ATOM   692  C CE2   . TYR A 1 88  ? -7.530  -4.753  4.275   1.00 36.35 ? 184 TYR A CE2   1 
ATOM   693  C CZ    . TYR A 1 88  ? -6.992  -6.033  4.376   1.00 40.27 ? 184 TYR A CZ    1 
ATOM   694  O OH    . TYR A 1 88  ? -7.798  -7.094  4.733   1.00 40.57 ? 184 TYR A OH    1 
ATOM   695  N N     . VAL A 1 89  ? -1.206  -1.947  4.548   1.00 32.91 ? 185 VAL A N     1 
ATOM   696  C CA    . VAL A 1 89  ? -0.004  -1.198  4.256   1.00 33.91 ? 185 VAL A CA    1 
ATOM   697  C C     . VAL A 1 89  ? 0.359   -1.287  2.792   1.00 33.90 ? 185 VAL A C     1 
ATOM   698  O O     . VAL A 1 89  ? 0.510   -2.373  2.236   1.00 34.80 ? 185 VAL A O     1 
ATOM   699  C CB    . VAL A 1 89  ? 1.175   -1.683  5.113   1.00 34.78 ? 185 VAL A CB    1 
ATOM   700  C CG1   . VAL A 1 89  ? 2.382   -0.807  4.874   1.00 34.69 ? 185 VAL A CG1   1 
ATOM   701  C CG2   . VAL A 1 89  ? 0.787   -1.651  6.575   1.00 35.04 ? 185 VAL A CG2   1 
ATOM   702  N N     . LEU A 1 90  ? 0.496   -0.118  2.180   1.00 34.63 ? 186 LEU A N     1 
ATOM   703  C CA    . LEU A 1 90  ? 0.823   -0.005  0.768   1.00 33.64 ? 186 LEU A CA    1 
ATOM   704  C C     . LEU A 1 90  ? 2.284   0.338   0.601   1.00 31.13 ? 186 LEU A C     1 
ATOM   705  O O     . LEU A 1 90  ? 2.965   -0.185  -0.280  1.00 30.25 ? 186 LEU A O     1 
ATOM   706  C CB    . LEU A 1 90  ? 0.010   1.119   0.129   1.00 34.47 ? 186 LEU A CB    1 
ATOM   707  C CG    . LEU A 1 90  ? -0.608  1.003   -1.271  1.00 37.97 ? 186 LEU A CG    1 
ATOM   708  C CD1   . LEU A 1 90  ? -0.695  2.423   -1.845  1.00 38.25 ? 186 LEU A CD1   1 
ATOM   709  C CD2   . LEU A 1 90  ? 0.198   0.095   -2.189  1.00 38.19 ? 186 LEU A CD2   1 
ATOM   710  N N     . ASP A 1 91  ? 2.773   1.213   1.461   1.00 29.86 ? 187 ASP A N     1 
ATOM   711  C CA    . ASP A 1 91  ? 4.145   1.664   1.316   1.00 30.81 ? 187 ASP A CA    1 
ATOM   712  C C     . ASP A 1 91  ? 4.712   2.115   2.655   1.00 29.83 ? 187 ASP A C     1 
ATOM   713  O O     . ASP A 1 91  ? 3.965   2.362   3.602   1.00 29.41 ? 187 ASP A O     1 
ATOM   714  C CB    . ASP A 1 91  ? 4.143   2.835   0.323   1.00 28.03 ? 187 ASP A CB    1 
ATOM   715  C CG    . ASP A 1 91  ? 5.400   2.907   -0.508  1.00 30.43 ? 187 ASP A CG    1 
ATOM   716  O OD1   . ASP A 1 91  ? 6.470   2.477   -0.020  1.00 30.20 ? 187 ASP A OD1   1 
ATOM   717  O OD2   . ASP A 1 91  ? 5.320   3.420   -1.649  1.00 29.38 ? 187 ASP A OD2   1 
ATOM   718  N N     . VAL A 1 92  ? 6.029   2.242   2.725   1.00 30.06 ? 188 VAL A N     1 
ATOM   719  C CA    . VAL A 1 92  ? 6.684   2.684   3.955   1.00 34.34 ? 188 VAL A CA    1 
ATOM   720  C C     . VAL A 1 92  ? 7.676   3.797   3.625   1.00 36.91 ? 188 VAL A C     1 
ATOM   721  O O     . VAL A 1 92  ? 8.589   3.613   2.815   1.00 37.00 ? 188 VAL A O     1 
ATOM   722  C CB    . VAL A 1 92  ? 7.437   1.528   4.640   1.00 32.94 ? 188 VAL A CB    1 
ATOM   723  C CG1   . VAL A 1 92  ? 8.350   0.821   3.623   1.00 35.14 ? 188 VAL A CG1   1 
ATOM   724  C CG2   . VAL A 1 92  ? 8.254   2.070   5.810   1.00 29.94 ? 188 VAL A CG2   1 
ATOM   725  N N     . MET A 1 93  ? 7.503   4.950   4.258   1.00 39.35 ? 189 MET A N     1 
ATOM   726  C CA    . MET A 1 93  ? 8.373   6.085   3.991   1.00 43.70 ? 189 MET A CA    1 
ATOM   727  C C     . MET A 1 93  ? 9.470   6.250   5.022   1.00 46.13 ? 189 MET A C     1 
ATOM   728  O O     . MET A 1 93  ? 10.522  6.824   4.737   1.00 47.38 ? 189 MET A O     1 
ATOM   729  C CB    . MET A 1 93  ? 7.543   7.367   3.922   1.00 44.13 ? 189 MET A CB    1 
ATOM   730  C CG    . MET A 1 93  ? 6.140   7.228   4.495   1.00 47.11 ? 189 MET A CG    1 
ATOM   731  S SD    . MET A 1 93  ? 4.893   6.544   3.390   1.00 46.65 ? 189 MET A SD    1 
ATOM   732  C CE    . MET A 1 93  ? 3.695   7.874   3.426   1.00 45.55 ? 189 MET A CE    1 
ATOM   733  N N     . CYS A 1 94  ? 9.215   5.752   6.224   1.00 49.42 ? 190 CYS A N     1 
ATOM   734  C CA    . CYS A 1 94  ? 10.171  5.859   7.313   1.00 51.48 ? 190 CYS A CA    1 
ATOM   735  C C     . CYS A 1 94  ? 9.848   4.803   8.361   1.00 51.33 ? 190 CYS A C     1 
ATOM   736  O O     . CYS A 1 94  ? 8.698   4.652   8.760   1.00 52.99 ? 190 CYS A O     1 
ATOM   737  C CB    . CYS A 1 94  ? 10.091  7.261   7.924   1.00 53.53 ? 190 CYS A CB    1 
ATOM   738  S SG    . CYS A 1 94  ? 11.265  7.582   9.252   1.00 56.69 ? 190 CYS A SG    1 
ATOM   739  N N     . TRP A 1 95  ? 10.862  4.070   8.801   1.00 52.71 ? 191 TRP A N     1 
ATOM   740  C CA    . TRP A 1 95  ? 10.661  3.029   9.799   1.00 53.33 ? 191 TRP A CA    1 
ATOM   741  C C     . TRP A 1 95  ? 11.730  3.091   10.886  1.00 54.35 ? 191 TRP A C     1 
ATOM   742  O O     . TRP A 1 95  ? 12.926  3.178   10.589  1.00 52.17 ? 191 TRP A O     1 
ATOM   743  C CB    . TRP A 1 95  ? 10.660  1.666   9.113   1.00 53.20 ? 191 TRP A CB    1 
ATOM   744  C CG    . TRP A 1 95  ? 10.426  0.518   10.029  1.00 52.63 ? 191 TRP A CG    1 
ATOM   745  C CD1   . TRP A 1 95  ? 11.339  -0.073  10.836  1.00 52.61 ? 191 TRP A CD1   1 
ATOM   746  C CD2   . TRP A 1 95  ? 9.202   -0.211  10.203  1.00 52.70 ? 191 TRP A CD2   1 
ATOM   747  N NE1   . TRP A 1 95  ? 10.774  -1.133  11.503  1.00 52.75 ? 191 TRP A NE1   1 
ATOM   748  C CE2   . TRP A 1 95  ? 9.460   -1.238  11.134  1.00 53.00 ? 191 TRP A CE2   1 
ATOM   749  C CE3   . TRP A 1 95  ? 7.914   -0.095  9.664   1.00 53.46 ? 191 TRP A CE3   1 
ATOM   750  C CZ2   . TRP A 1 95  ? 8.478   -2.150  11.542  1.00 52.59 ? 191 TRP A CZ2   1 
ATOM   751  C CZ3   . TRP A 1 95  ? 6.931   -1.002  10.072  1.00 52.27 ? 191 TRP A CZ3   1 
ATOM   752  C CH2   . TRP A 1 95  ? 7.224   -2.015  11.004  1.00 52.44 ? 191 TRP A CH2   1 
ATOM   753  N N     . ARG A 1 96  ? 11.286  3.052   12.143  1.00 55.33 ? 192 ARG A N     1 
ATOM   754  C CA    . ARG A 1 96  ? 12.190  3.121   13.289  1.00 56.98 ? 192 ARG A CA    1 
ATOM   755  C C     . ARG A 1 96  ? 13.179  4.274   13.124  1.00 56.06 ? 192 ARG A C     1 
ATOM   756  O O     . ARG A 1 96  ? 14.313  4.184   13.583  1.00 55.72 ? 192 ARG A O     1 
ATOM   757  C CB    . ARG A 1 96  ? 12.993  1.826   13.440  1.00 59.98 ? 192 ARG A CB    1 
ATOM   758  C CG    . ARG A 1 96  ? 12.203  0.570   13.755  1.00 64.17 ? 192 ARG A CG    1 
ATOM   759  C CD    . ARG A 1 96  ? 13.099  -0.653  13.516  1.00 67.62 ? 192 ARG A CD    1 
ATOM   760  N NE    . ARG A 1 96  ? 12.363  -1.918  13.520  1.00 69.77 ? 192 ARG A NE    1 
ATOM   761  C CZ    . ARG A 1 96  ? 12.740  -3.009  12.853  1.00 70.84 ? 192 ARG A CZ    1 
ATOM   762  N NH1   . ARG A 1 96  ? 13.848  -2.992  12.119  1.00 68.27 ? 192 ARG A NH1   1 
ATOM   763  N NH2   . ARG A 1 96  ? 12.011  -4.122  12.921  1.00 69.09 ? 192 ARG A NH2   1 
ATOM   764  N N     . GLY A 1 97  ? 12.765  5.340   12.450  1.00 55.49 ? 193 GLY A N     1 
ATOM   765  C CA    . GLY A 1 97  ? 13.657  6.475   12.265  1.00 55.23 ? 193 GLY A CA    1 
ATOM   766  C C     . GLY A 1 97  ? 14.494  6.448   10.998  1.00 54.98 ? 193 GLY A C     1 
ATOM   767  O O     . GLY A 1 97  ? 15.131  7.440   10.640  1.00 54.42 ? 193 GLY A O     1 
ATOM   768  N N     . HIS A 1 98  ? 14.519  5.305   10.324  1.00 55.05 ? 194 HIS A N     1 
ATOM   769  C CA    . HIS A 1 98  ? 15.266  5.190   9.080   1.00 54.99 ? 194 HIS A CA    1 
ATOM   770  C C     . HIS A 1 98  ? 14.339  5.690   7.977   1.00 53.34 ? 194 HIS A C     1 
ATOM   771  O O     . HIS A 1 98  ? 13.293  5.093   7.722   1.00 54.93 ? 194 HIS A O     1 
ATOM   772  C CB    . HIS A 1 98  ? 15.637  3.729   8.821   1.00 57.86 ? 194 HIS A CB    1 
ATOM   773  C CG    . HIS A 1 98  ? 16.698  3.201   9.738   1.00 61.61 ? 194 HIS A CG    1 
ATOM   774  N ND1   . HIS A 1 98  ? 16.611  1.964   10.345  1.00 61.67 ? 194 HIS A ND1   1 
ATOM   775  C CD2   . HIS A 1 98  ? 17.880  3.733   10.135  1.00 61.21 ? 194 HIS A CD2   1 
ATOM   776  C CE1   . HIS A 1 98  ? 17.692  1.759   11.077  1.00 61.93 ? 194 HIS A CE1   1 
ATOM   777  N NE2   . HIS A 1 98  ? 18.477  2.817   10.967  1.00 61.87 ? 194 HIS A NE2   1 
ATOM   778  N N     . PRO A 1 99  ? 14.693  6.807   7.325   1.00 51.81 ? 195 PRO A N     1 
ATOM   779  C CA    . PRO A 1 99  ? 13.852  7.352   6.247   1.00 51.05 ? 195 PRO A CA    1 
ATOM   780  C C     . PRO A 1 99  ? 14.034  6.552   4.956   1.00 48.87 ? 195 PRO A C     1 
ATOM   781  O O     . PRO A 1 99  ? 15.135  6.097   4.662   1.00 48.92 ? 195 PRO A O     1 
ATOM   782  C CB    . PRO A 1 99  ? 14.355  8.787   6.118   1.00 50.03 ? 195 PRO A CB    1 
ATOM   783  C CG    . PRO A 1 99  ? 15.836  8.625   6.396   1.00 50.86 ? 195 PRO A CG    1 
ATOM   784  C CD    . PRO A 1 99  ? 15.858  7.673   7.584   1.00 50.62 ? 195 PRO A CD    1 
ATOM   785  N N     . PHE A 1 100 ? 12.961  6.383   4.189   1.00 48.27 ? 196 PHE A N     1 
ATOM   786  C CA    . PHE A 1 100 ? 13.035  5.624   2.940   1.00 47.44 ? 196 PHE A CA    1 
ATOM   787  C C     . PHE A 1 100 ? 12.533  6.395   1.727   1.00 48.00 ? 196 PHE A C     1 
ATOM   788  O O     . PHE A 1 100 ? 12.211  5.794   0.696   1.00 48.02 ? 196 PHE A O     1 
ATOM   789  C CB    . PHE A 1 100 ? 12.234  4.326   3.060   1.00 50.32 ? 196 PHE A CB    1 
ATOM   790  C CG    . PHE A 1 100 ? 12.841  3.312   3.990   1.00 52.97 ? 196 PHE A CG    1 
ATOM   791  C CD1   . PHE A 1 100 ? 12.091  2.226   4.426   1.00 54.59 ? 196 PHE A CD1   1 
ATOM   792  C CD2   . PHE A 1 100 ? 14.160  3.425   4.415   1.00 55.06 ? 196 PHE A CD2   1 
ATOM   793  C CE1   . PHE A 1 100 ? 12.643  1.262   5.272   1.00 56.10 ? 196 PHE A CE1   1 
ATOM   794  C CE2   . PHE A 1 100 ? 14.725  2.469   5.262   1.00 56.41 ? 196 PHE A CE2   1 
ATOM   795  C CZ    . PHE A 1 100 ? 13.961  1.384   5.690   1.00 56.89 ? 196 PHE A CZ    1 
ATOM   796  N N     . TYR A 1 101 ? 12.464  7.718   1.832   1.00 47.58 ? 197 TYR A N     1 
ATOM   797  C CA    . TYR A 1 101 ? 11.991  8.519   0.708   1.00 48.01 ? 197 TYR A CA    1 
ATOM   798  C C     . TYR A 1 101 ? 12.879  8.425   -0.530  1.00 47.57 ? 197 TYR A C     1 
ATOM   799  O O     . TYR A 1 101 ? 12.374  8.389   -1.653  1.00 46.54 ? 197 TYR A O     1 
ATOM   800  C CB    . TYR A 1 101 ? 11.842  9.988   1.109   1.00 47.45 ? 197 TYR A CB    1 
ATOM   801  C CG    . TYR A 1 101 ? 10.749  10.230  2.112   1.00 48.49 ? 197 TYR A CG    1 
ATOM   802  C CD1   . TYR A 1 101 ? 10.971  10.032  3.478   1.00 48.77 ? 197 TYR A CD1   1 
ATOM   803  C CD2   . TYR A 1 101 ? 9.474   10.615  1.696   1.00 48.05 ? 197 TYR A CD2   1 
ATOM   804  C CE1   . TYR A 1 101 ? 9.945   10.211  4.409   1.00 48.44 ? 197 TYR A CE1   1 
ATOM   805  C CE2   . TYR A 1 101 ? 8.441   10.797  2.613   1.00 48.87 ? 197 TYR A CE2   1 
ATOM   806  C CZ    . TYR A 1 101 ? 8.681   10.594  3.969   1.00 48.68 ? 197 TYR A CZ    1 
ATOM   807  O OH    . TYR A 1 101 ? 7.664   10.779  4.880   1.00 48.14 ? 197 TYR A OH    1 
ATOM   808  N N     . ASP A 1 102 ? 14.195  8.384   -0.327  1.00 48.61 ? 198 ASP A N     1 
ATOM   809  C CA    . ASP A 1 102 ? 15.142  8.314   -1.442  1.00 47.89 ? 198 ASP A CA    1 
ATOM   810  C C     . ASP A 1 102 ? 15.430  6.894   -1.934  1.00 47.05 ? 198 ASP A C     1 
ATOM   811  O O     . ASP A 1 102 ? 16.353  6.698   -2.729  1.00 47.75 ? 198 ASP A O     1 
ATOM   812  C CB    . ASP A 1 102 ? 16.480  8.959   -1.059  1.00 49.57 ? 198 ASP A CB    1 
ATOM   813  C CG    . ASP A 1 102 ? 16.337  10.398  -0.586  1.00 51.71 ? 198 ASP A CG    1 
ATOM   814  O OD1   . ASP A 1 102 ? 15.643  11.197  -1.262  1.00 49.56 ? 198 ASP A OD1   1 
ATOM   815  O OD2   . ASP A 1 102 ? 16.943  10.728  0.465   1.00 52.14 ? 198 ASP A OD2   1 
ATOM   816  N N     . CYS A 1 103 ? 14.660  5.913   -1.462  1.00 43.70 ? 199 CYS A N     1 
ATOM   817  C CA    . CYS A 1 103 ? 14.858  4.517   -1.868  1.00 43.19 ? 199 CYS A CA    1 
ATOM   818  C C     . CYS A 1 103 ? 13.906  4.088   -2.979  1.00 40.80 ? 199 CYS A C     1 
ATOM   819  O O     . CYS A 1 103 ? 12.748  4.501   -3.000  1.00 41.25 ? 199 CYS A O     1 
ATOM   820  C CB    . CYS A 1 103 ? 14.637  3.579   -0.680  1.00 44.03 ? 199 CYS A CB    1 
ATOM   821  S SG    . CYS A 1 103 ? 15.685  3.866   0.733   1.00 45.92 ? 199 CYS A SG    1 
ATOM   822  N N     . GLN A 1 104 ? 14.393  3.250   -3.889  1.00 40.85 ? 200 GLN A N     1 
ATOM   823  C CA    . GLN A 1 104 ? 13.571  2.734   -4.984  1.00 40.54 ? 200 GLN A CA    1 
ATOM   824  C C     . GLN A 1 104 ? 12.450  1.889   -4.392  1.00 39.26 ? 200 GLN A C     1 
ATOM   825  O O     . GLN A 1 104 ? 12.635  1.226   -3.367  1.00 38.70 ? 200 GLN A O     1 
ATOM   826  C CB    . GLN A 1 104 ? 14.422  1.907   -5.949  1.00 44.25 ? 200 GLN A CB    1 
ATOM   827  C CG    . GLN A 1 104 ? 15.478  1.031   -5.297  1.00 50.41 ? 200 GLN A CG    1 
ATOM   828  C CD    . GLN A 1 104 ? 16.335  0.296   -6.330  1.00 55.54 ? 200 GLN A CD    1 
ATOM   829  O OE1   . GLN A 1 104 ? 17.363  -0.296  -5.997  1.00 56.95 ? 200 GLN A OE1   1 
ATOM   830  N NE2   . GLN A 1 104 ? 15.909  0.333   -7.589  1.00 55.90 ? 200 GLN A NE2   1 
ATOM   831  N N     . THR A 1 105 ? 11.282  1.907   -5.025  1.00 38.64 ? 201 THR A N     1 
ATOM   832  C CA    . THR A 1 105 ? 10.142  1.178   -4.483  1.00 37.70 ? 201 THR A CA    1 
ATOM   833  C C     . THR A 1 105 ? 10.278  -0.330  -4.273  1.00 38.13 ? 201 THR A C     1 
ATOM   834  O O     . THR A 1 105 ? 9.749   -0.844  -3.282  1.00 39.17 ? 201 THR A O     1 
ATOM   835  C CB    . THR A 1 105 ? 8.833   1.502   -5.273  1.00 36.47 ? 201 THR A CB    1 
ATOM   836  O OG1   . THR A 1 105 ? 8.051   0.316   -5.457  1.00 35.59 ? 201 THR A OG1   1 
ATOM   837  C CG2   . THR A 1 105 ? 9.148   2.121   -6.574  1.00 36.51 ? 201 THR A CG2   1 
ATOM   838  N N     . ASP A 1 106 ? 10.984  -1.045  -5.151  1.00 35.58 ? 202 ASP A N     1 
ATOM   839  C CA    . ASP A 1 106 ? 11.133  -2.484  -4.944  1.00 36.01 ? 202 ASP A CA    1 
ATOM   840  C C     . ASP A 1 106 ? 11.921  -2.780  -3.660  1.00 35.62 ? 202 ASP A C     1 
ATOM   841  O O     . ASP A 1 106 ? 11.844  -3.878  -3.118  1.00 35.77 ? 202 ASP A O     1 
ATOM   842  C CB    . ASP A 1 106 ? 11.793  -3.152  -6.150  1.00 38.88 ? 202 ASP A CB    1 
ATOM   843  C CG    . ASP A 1 106 ? 13.259  -2.817  -6.275  1.00 44.17 ? 202 ASP A CG    1 
ATOM   844  O OD1   . ASP A 1 106 ? 13.627  -1.632  -6.079  1.00 45.45 ? 202 ASP A OD1   1 
ATOM   845  O OD2   . ASP A 1 106 ? 14.040  -3.748  -6.582  1.00 45.08 ? 202 ASP A OD2   1 
ATOM   846  N N     . PHE A 1 107 ? 12.684  -1.806  -3.175  1.00 34.99 ? 203 PHE A N     1 
ATOM   847  C CA    . PHE A 1 107 ? 13.404  -1.992  -1.920  1.00 36.45 ? 203 PHE A CA    1 
ATOM   848  C C     . PHE A 1 107 ? 12.390  -1.766  -0.801  1.00 37.88 ? 203 PHE A C     1 
ATOM   849  O O     . PHE A 1 107 ? 12.286  -2.561  0.131   1.00 37.59 ? 203 PHE A O     1 
ATOM   850  C CB    . PHE A 1 107 ? 14.525  -0.973  -1.746  1.00 38.73 ? 203 PHE A CB    1 
ATOM   851  C CG    . PHE A 1 107 ? 15.116  -0.976  -0.366  1.00 41.17 ? 203 PHE A CG    1 
ATOM   852  C CD1   . PHE A 1 107 ? 16.084  -1.912  -0.011  1.00 42.45 ? 203 PHE A CD1   1 
ATOM   853  C CD2   . PHE A 1 107 ? 14.647  -0.094  0.602   1.00 41.71 ? 203 PHE A CD2   1 
ATOM   854  C CE1   . PHE A 1 107 ? 16.576  -1.975  1.291   1.00 42.98 ? 203 PHE A CE1   1 
ATOM   855  C CE2   . PHE A 1 107 ? 15.128  -0.147  1.912   1.00 43.40 ? 203 PHE A CE2   1 
ATOM   856  C CZ    . PHE A 1 107 ? 16.095  -1.092  2.257   1.00 44.68 ? 203 PHE A CZ    1 
ATOM   857  N N     . ARG A 1 108 ? 11.654  -0.659  -0.895  1.00 39.04 ? 204 ARG A N     1 
ATOM   858  C CA    . ARG A 1 108 ? 10.633  -0.331  0.096   1.00 39.87 ? 204 ARG A CA    1 
ATOM   859  C C     . ARG A 1 108 ? 9.644   -1.494  0.246   1.00 39.85 ? 204 ARG A C     1 
ATOM   860  O O     . ARG A 1 108 ? 9.367   -1.943  1.357   1.00 39.27 ? 204 ARG A O     1 
ATOM   861  C CB    . ARG A 1 108 ? 9.873   0.935   -0.311  1.00 37.39 ? 204 ARG A CB    1 
ATOM   862  C CG    . ARG A 1 108 ? 10.619  2.227   -0.086  1.00 34.65 ? 204 ARG A CG    1 
ATOM   863  C CD    . ARG A 1 108 ? 9.720   3.436   -0.405  1.00 38.71 ? 204 ARG A CD    1 
ATOM   864  N NE    . ARG A 1 108 ? 9.843   3.852   -1.801  1.00 44.17 ? 204 ARG A NE    1 
ATOM   865  C CZ    . ARG A 1 108 ? 8.933   3.640   -2.742  1.00 42.36 ? 204 ARG A CZ    1 
ATOM   866  N NH1   . ARG A 1 108 ? 9.156   4.055   -3.976  1.00 47.96 ? 204 ARG A NH1   1 
ATOM   867  N NH2   . ARG A 1 108 ? 7.800   3.031   -2.454  1.00 45.20 ? 204 ARG A NH2   1 
ATOM   868  N N     . PHE A 1 109 ? 9.127   -1.980  -0.875  1.00 40.25 ? 205 PHE A N     1 
ATOM   869  C CA    . PHE A 1 109 ? 8.180   -3.089  -0.857  1.00 42.54 ? 205 PHE A CA    1 
ATOM   870  C C     . PHE A 1 109 ? 8.773   -4.362  -0.251  1.00 45.03 ? 205 PHE A C     1 
ATOM   871  O O     . PHE A 1 109 ? 8.080   -5.125  0.427   1.00 43.60 ? 205 PHE A O     1 
ATOM   872  C CB    . PHE A 1 109 ? 7.693   -3.400  -2.270  1.00 39.56 ? 205 PHE A CB    1 
ATOM   873  C CG    . PHE A 1 109 ? 6.688   -2.417  -2.808  1.00 40.04 ? 205 PHE A CG    1 
ATOM   874  C CD1   . PHE A 1 109 ? 6.052   -2.662  -4.027  1.00 38.94 ? 205 PHE A CD1   1 
ATOM   875  C CD2   . PHE A 1 109 ? 6.361   -1.261  -2.099  1.00 39.12 ? 205 PHE A CD2   1 
ATOM   876  C CE1   . PHE A 1 109 ? 5.105   -1.775  -4.531  1.00 40.61 ? 205 PHE A CE1   1 
ATOM   877  C CE2   . PHE A 1 109 ? 5.416   -0.367  -2.591  1.00 41.32 ? 205 PHE A CE2   1 
ATOM   878  C CZ    . PHE A 1 109 ? 4.784   -0.625  -3.815  1.00 40.64 ? 205 PHE A CZ    1 
ATOM   879  N N     . TYR A 1 110 ? 10.055  -4.605  -0.500  1.00 47.59 ? 206 TYR A N     1 
ATOM   880  C CA    . TYR A 1 110 ? 10.670  -5.804  0.048   1.00 49.72 ? 206 TYR A CA    1 
ATOM   881  C C     . TYR A 1 110 ? 10.965  -5.610  1.534   1.00 49.87 ? 206 TYR A C     1 
ATOM   882  O O     . TYR A 1 110 ? 10.854  -6.535  2.339   1.00 49.35 ? 206 TYR A O     1 
ATOM   883  C CB    . TYR A 1 110 ? 11.956  -6.140  -0.703  1.00 50.76 ? 206 TYR A CB    1 
ATOM   884  C CG    . TYR A 1 110 ? 12.305  -7.602  -0.603  1.00 56.44 ? 206 TYR A CG    1 
ATOM   885  C CD1   . TYR A 1 110 ? 12.817  -8.144  0.579   1.00 56.34 ? 206 TYR A CD1   1 
ATOM   886  C CD2   . TYR A 1 110 ? 12.056  -8.468  -1.673  1.00 58.81 ? 206 TYR A CD2   1 
ATOM   887  C CE1   . TYR A 1 110 ? 13.067  -9.514  0.693   1.00 58.01 ? 206 TYR A CE1   1 
ATOM   888  C CE2   . TYR A 1 110 ? 12.300  -9.833  -1.570  1.00 59.07 ? 206 TYR A CE2   1 
ATOM   889  C CZ    . TYR A 1 110 ? 12.805  -10.353 -0.387  1.00 59.28 ? 206 TYR A CZ    1 
ATOM   890  O OH    . TYR A 1 110 ? 13.033  -11.711 -0.291  1.00 58.88 ? 206 TYR A OH    1 
ATOM   891  N N     . TRP A 1 111 ? 11.325  -4.392  1.897   1.00 50.62 ? 207 TRP A N     1 
ATOM   892  C CA    . TRP A 1 111 ? 11.636  -4.091  3.274   1.00 53.30 ? 207 TRP A CA    1 
ATOM   893  C C     . TRP A 1 111 ? 10.431  -4.238  4.200   1.00 53.99 ? 207 TRP A C     1 
ATOM   894  O O     . TRP A 1 111 ? 10.588  -4.436  5.402   1.00 53.76 ? 207 TRP A O     1 
ATOM   895  C CB    . TRP A 1 111 ? 12.179  -2.678  3.380   1.00 57.02 ? 207 TRP A CB    1 
ATOM   896  C CG    . TRP A 1 111 ? 13.025  -2.525  4.562   1.00 63.21 ? 207 TRP A CG    1 
ATOM   897  C CD1   . TRP A 1 111 ? 14.352  -2.836  4.669   1.00 64.83 ? 207 TRP A CD1   1 
ATOM   898  C CD2   . TRP A 1 111 ? 12.605  -2.102  5.853   1.00 65.00 ? 207 TRP A CD2   1 
ATOM   899  N NE1   . TRP A 1 111 ? 14.783  -2.632  5.955   1.00 65.57 ? 207 TRP A NE1   1 
ATOM   900  C CE2   . TRP A 1 111 ? 13.729  -2.180  6.704   1.00 66.75 ? 207 TRP A CE2   1 
ATOM   901  C CE3   . TRP A 1 111 ? 11.384  -1.668  6.378   1.00 65.54 ? 207 TRP A CE3   1 
ATOM   902  C CZ2   . TRP A 1 111 ? 13.669  -1.838  8.049   1.00 67.68 ? 207 TRP A CZ2   1 
ATOM   903  C CZ3   . TRP A 1 111 ? 11.325  -1.331  7.708   1.00 66.71 ? 207 TRP A CZ3   1 
ATOM   904  C CH2   . TRP A 1 111 ? 12.463  -1.419  8.531   1.00 67.62 ? 207 TRP A CH2   1 
ATOM   905  N N     . MET A 1 112 ? 9.225   -4.127  3.650   1.00 53.76 ? 208 MET A N     1 
ATOM   906  C CA    . MET A 1 112 ? 8.030   -4.267  4.474   1.00 53.63 ? 208 MET A CA    1 
ATOM   907  C C     . MET A 1 112 ? 7.471   -5.676  4.359   1.00 53.00 ? 208 MET A C     1 
ATOM   908  O O     . MET A 1 112 ? 6.645   -6.102  5.169   1.00 52.03 ? 208 MET A O     1 
ATOM   909  C CB    . MET A 1 112 ? 6.972   -3.228  4.089   1.00 51.74 ? 208 MET A CB    1 
ATOM   910  C CG    . MET A 1 112 ? 6.499   -3.286  2.670   1.00 51.48 ? 208 MET A CG    1 
ATOM   911  S SD    . MET A 1 112 ? 5.292   -1.984  2.354   1.00 51.79 ? 208 MET A SD    1 
ATOM   912  C CE    . MET A 1 112 ? 3.777   -2.911  2.387   1.00 49.38 ? 208 MET A CE    1 
ATOM   913  N N     . HIS A 1 113 ? 7.939   -6.397  3.346   1.00 53.18 ? 209 HIS A N     1 
ATOM   914  C CA    . HIS A 1 113 ? 7.536   -7.779  3.122   1.00 52.99 ? 209 HIS A CA    1 
ATOM   915  C C     . HIS A 1 113 ? 8.104   -8.617  4.267   1.00 53.30 ? 209 HIS A C     1 
ATOM   916  O O     . HIS A 1 113 ? 7.565   -9.670  4.600   1.00 51.37 ? 209 HIS A O     1 
ATOM   917  C CB    . HIS A 1 113 ? 8.105   -8.269  1.782   1.00 54.40 ? 209 HIS A CB    1 
ATOM   918  C CG    . HIS A 1 113 ? 7.943   -9.741  1.544   1.00 56.32 ? 209 HIS A CG    1 
ATOM   919  N ND1   . HIS A 1 113 ? 9.013   -10.613 1.529   1.00 56.99 ? 209 HIS A ND1   1 
ATOM   920  C CD2   . HIS A 1 113 ? 6.847   -10.488 1.267   1.00 56.99 ? 209 HIS A CD2   1 
ATOM   921  C CE1   . HIS A 1 113 ? 8.582   -11.832 1.252   1.00 57.47 ? 209 HIS A CE1   1 
ATOM   922  N NE2   . HIS A 1 113 ? 7.272   -11.783 1.088   1.00 58.08 ? 209 HIS A NE2   1 
ATOM   923  N N     . SER A 1 114 ? 9.180   -8.128  4.883   1.00 53.64 ? 210 SER A N     1 
ATOM   924  C CA    . SER A 1 114 ? 9.813   -8.860  5.973   1.00 56.36 ? 210 SER A CA    1 
ATOM   925  C C     . SER A 1 114 ? 9.783   -8.193  7.351   1.00 57.75 ? 210 SER A C     1 
ATOM   926  O O     . SER A 1 114 ? 9.784   -8.884  8.369   1.00 57.15 ? 210 SER A O     1 
ATOM   927  C CB    . SER A 1 114 ? 11.269  -9.187  5.608   1.00 55.09 ? 210 SER A CB    1 
ATOM   928  O OG    . SER A 1 114 ? 12.084  -8.027  5.615   1.00 53.02 ? 210 SER A OG    1 
ATOM   929  N N     . LYS A 1 115 ? 9.762   -6.865  7.397   1.00 59.53 ? 211 LYS A N     1 
ATOM   930  C CA    . LYS A 1 115 ? 9.753   -6.174  8.680   1.00 60.82 ? 211 LYS A CA    1 
ATOM   931  C C     . LYS A 1 115 ? 8.389   -6.065  9.358   1.00 62.08 ? 211 LYS A C     1 
ATOM   932  O O     . LYS A 1 115 ? 8.320   -5.987  10.590  1.00 62.19 ? 211 LYS A O     1 
ATOM   933  C CB    . LYS A 1 115 ? 10.376  -4.782  8.542   1.00 62.09 ? 211 LYS A CB    1 
ATOM   934  C CG    . LYS A 1 115 ? 11.889  -4.800  8.386   1.00 63.23 ? 211 LYS A CG    1 
ATOM   935  C CD    . LYS A 1 115 ? 12.548  -5.497  9.567   1.00 65.09 ? 211 LYS A CD    1 
ATOM   936  C CE    . LYS A 1 115 ? 14.065  -5.452  9.468   1.00 67.62 ? 211 LYS A CE    1 
ATOM   937  N NZ    . LYS A 1 115 ? 14.731  -6.187  10.590  1.00 68.86 ? 211 LYS A NZ    1 
ATOM   938  N N     . LEU A 1 116 ? 7.312   -6.054  8.577   1.00 61.10 ? 212 LEU A N     1 
ATOM   939  C CA    . LEU A 1 116 ? 5.978   -5.962  9.162   1.00 61.51 ? 212 LEU A CA    1 
ATOM   940  C C     . LEU A 1 116 ? 5.663   -7.222  9.960   1.00 63.32 ? 212 LEU A C     1 
ATOM   941  O O     . LEU A 1 116 ? 5.174   -7.139  11.089  1.00 64.94 ? 212 LEU A O     1 
ATOM   942  C CB    . LEU A 1 116 ? 4.908   -5.756  8.083   1.00 59.73 ? 212 LEU A CB    1 
ATOM   943  C CG    . LEU A 1 116 ? 4.837   -4.396  7.383   1.00 57.78 ? 212 LEU A CG    1 
ATOM   944  C CD1   . LEU A 1 116 ? 3.777   -4.458  6.296   1.00 55.68 ? 212 LEU A CD1   1 
ATOM   945  C CD2   . LEU A 1 116 ? 4.520   -3.298  8.390   1.00 55.11 ? 212 LEU A CD2   1 
ATOM   946  N N     . PRO A 1 117 ? 5.922   -8.408  9.377   1.00 64.23 ? 213 PRO A N     1 
ATOM   947  C CA    . PRO A 1 117 ? 5.656   -9.673  10.070  1.00 65.14 ? 213 PRO A CA    1 
ATOM   948  C C     . PRO A 1 117 ? 6.486   -9.844  11.355  1.00 66.56 ? 213 PRO A C     1 
ATOM   949  O O     . PRO A 1 117 ? 6.090   -10.559 12.275  1.00 66.01 ? 213 PRO A O     1 
ATOM   950  C CB    . PRO A 1 117 ? 6.000   -10.716 9.008   1.00 65.10 ? 213 PRO A CB    1 
ATOM   951  C CG    . PRO A 1 117 ? 5.628   -10.018 7.732   1.00 64.59 ? 213 PRO A CG    1 
ATOM   952  C CD    . PRO A 1 117 ? 6.229   -8.652  7.955   1.00 64.03 ? 213 PRO A CD    1 
ATOM   953  N N     . GLU A 1 118 ? 7.636   -9.179  11.411  1.00 68.34 ? 214 GLU A N     1 
ATOM   954  C CA    . GLU A 1 118 ? 8.512   -9.247  12.577  1.00 69.95 ? 214 GLU A CA    1 
ATOM   955  C C     . GLU A 1 118 ? 7.923   -8.575  13.812  1.00 71.42 ? 214 GLU A C     1 
ATOM   956  O O     . GLU A 1 118 ? 8.505   -8.641  14.894  1.00 72.11 ? 214 GLU A O     1 
ATOM   957  C CB    . GLU A 1 118 ? 9.869   -8.611  12.262  1.00 70.39 ? 214 GLU A CB    1 
ATOM   958  C CG    . GLU A 1 118 ? 10.801  -9.497  11.451  1.00 71.09 ? 214 GLU A CG    1 
ATOM   959  C CD    . GLU A 1 118 ? 12.110  -8.812  11.125  1.00 71.43 ? 214 GLU A CD    1 
ATOM   960  O OE1   . GLU A 1 118 ? 12.744  -8.264  12.056  1.00 70.78 ? 214 GLU A OE1   1 
ATOM   961  O OE2   . GLU A 1 118 ? 12.506  -8.826  9.939   1.00 71.08 ? 214 GLU A OE2   1 
ATOM   962  N N     . GLU A 1 119 ? 6.783   -7.910  13.650  1.00 73.05 ? 215 GLU A N     1 
ATOM   963  C CA    . GLU A 1 119 ? 6.127   -7.256  14.779  1.00 73.77 ? 215 GLU A CA    1 
ATOM   964  C C     . GLU A 1 119 ? 5.091   -8.234  15.346  1.00 73.89 ? 215 GLU A C     1 
ATOM   965  O O     . GLU A 1 119 ? 4.138   -8.609  14.656  1.00 73.90 ? 215 GLU A O     1 
ATOM   966  C CB    . GLU A 1 119 ? 5.464   -5.955  14.320  1.00 74.18 ? 215 GLU A CB    1 
ATOM   967  C CG    . GLU A 1 119 ? 6.151   -4.685  14.829  1.00 75.09 ? 215 GLU A CG    1 
ATOM   968  C CD    . GLU A 1 119 ? 7.636   -4.627  14.508  1.00 75.59 ? 215 GLU A CD    1 
ATOM   969  O OE1   . GLU A 1 119 ? 8.001   -4.858  13.338  1.00 77.62 ? 215 GLU A OE1   1 
ATOM   970  O OE2   . GLU A 1 119 ? 8.441   -4.339  15.421  1.00 74.91 ? 215 GLU A OE2   1 
ATOM   971  N N     . GLU A 1 120 ? 5.297   -8.636  16.601  1.00 73.06 ? 216 GLU A N     1 
ATOM   972  C CA    . GLU A 1 120 ? 4.445   -9.608  17.292  1.00 72.66 ? 216 GLU A CA    1 
ATOM   973  C C     . GLU A 1 120 ? 3.003   -9.806  16.807  1.00 70.82 ? 216 GLU A C     1 
ATOM   974  O O     . GLU A 1 120 ? 2.741   -10.663 15.960  1.00 70.05 ? 216 GLU A O     1 
ATOM   975  C CB    . GLU A 1 120 ? 4.452   -9.340  18.809  1.00 75.44 ? 216 GLU A CB    1 
ATOM   976  C CG    . GLU A 1 120 ? 3.888   -7.995  19.276  1.00 77.39 ? 216 GLU A CG    1 
ATOM   977  C CD    . GLU A 1 120 ? 3.801   -7.892  20.808  1.00 78.02 ? 216 GLU A CD    1 
ATOM   978  O OE1   . GLU A 1 120 ? 4.859   -7.931  21.476  1.00 77.86 ? 216 GLU A OE1   1 
ATOM   979  O OE2   . GLU A 1 120 ? 2.674   -7.778  21.343  1.00 76.37 ? 216 GLU A OE2   1 
ATOM   980  N N     . GLY A 1 121 ? 2.064   -9.036  17.343  1.00 68.32 ? 217 GLY A N     1 
ATOM   981  C CA    . GLY A 1 121 ? 0.682   -9.205  16.937  1.00 66.56 ? 217 GLY A CA    1 
ATOM   982  C C     . GLY A 1 121 ? 0.142   -8.073  16.094  1.00 64.82 ? 217 GLY A C     1 
ATOM   983  O O     . GLY A 1 121 ? -1.036  -7.728  16.185  1.00 64.61 ? 217 GLY A O     1 
ATOM   984  N N     . LEU A 1 122 ? 1.003   -7.498  15.263  1.00 63.54 ? 218 LEU A N     1 
ATOM   985  C CA    . LEU A 1 122 ? 0.610   -6.389  14.405  1.00 60.82 ? 218 LEU A CA    1 
ATOM   986  C C     . LEU A 1 122 ? -0.567  -6.756  13.508  1.00 59.72 ? 218 LEU A C     1 
ATOM   987  O O     . LEU A 1 122 ? -1.405  -5.916  13.201  1.00 59.97 ? 218 LEU A O     1 
ATOM   988  C CB    . LEU A 1 122 ? 1.798   -5.943  13.557  1.00 58.72 ? 218 LEU A CB    1 
ATOM   989  C CG    . LEU A 1 122 ? 1.654   -4.601  12.835  1.00 58.86 ? 218 LEU A CG    1 
ATOM   990  C CD1   . LEU A 1 122 ? 1.333   -3.494  13.837  1.00 55.19 ? 218 LEU A CD1   1 
ATOM   991  C CD2   . LEU A 1 122 ? 2.945   -4.301  12.090  1.00 58.86 ? 218 LEU A CD2   1 
ATOM   992  N N     . GLY A 1 123 ? -0.639  -8.017  13.105  1.00 60.39 ? 219 GLY A N     1 
ATOM   993  C CA    . GLY A 1 123 ? -1.725  -8.446  12.243  1.00 62.26 ? 219 GLY A CA    1 
ATOM   994  C C     . GLY A 1 123 ? -3.013  -8.856  12.940  1.00 64.47 ? 219 GLY A C     1 
ATOM   995  O O     . GLY A 1 123 ? -3.940  -9.340  12.284  1.00 63.85 ? 219 GLY A O     1 
ATOM   996  N N     . GLU A 1 124 ? -3.091  -8.664  14.256  1.00 66.08 ? 220 GLU A N     1 
ATOM   997  C CA    . GLU A 1 124 ? -4.294  -9.040  15.001  1.00 67.74 ? 220 GLU A CA    1 
ATOM   998  C C     . GLU A 1 124 ? -4.828  -7.956  15.936  1.00 67.04 ? 220 GLU A C     1 
ATOM   999  O O     . GLU A 1 124 ? -4.071  -7.124  16.437  1.00 67.46 ? 220 GLU A O     1 
ATOM   1000 C CB    . GLU A 1 124 ? -4.033  -10.324 15.794  1.00 69.49 ? 220 GLU A CB    1 
ATOM   1001 C CG    . GLU A 1 124 ? -2.754  -10.303 16.619  1.00 72.69 ? 220 GLU A CG    1 
ATOM   1002 C CD    . GLU A 1 124 ? -2.461  -11.645 17.273  1.00 74.23 ? 220 GLU A CD    1 
ATOM   1003 O OE1   . GLU A 1 124 ? -2.333  -12.655 16.541  1.00 73.88 ? 220 GLU A OE1   1 
ATOM   1004 O OE2   . GLU A 1 124 ? -2.358  -11.687 18.521  1.00 74.29 ? 220 GLU A OE2   1 
ATOM   1005 N N     . LYS A 1 125 ? -6.143  -7.967  16.157  1.00 66.52 ? 221 LYS A N     1 
ATOM   1006 C CA    . LYS A 1 125 ? -6.779  -6.985  17.030  1.00 65.60 ? 221 LYS A CA    1 
ATOM   1007 C C     . LYS A 1 125 ? -6.409  -7.285  18.470  1.00 65.09 ? 221 LYS A C     1 
ATOM   1008 O O     . LYS A 1 125 ? -6.554  -8.414  18.935  1.00 65.91 ? 221 LYS A O     1 
ATOM   1009 C CB    . LYS A 1 125 ? -8.298  -7.022  16.867  1.00 65.48 ? 221 LYS A CB    1 
ATOM   1010 C CG    . LYS A 1 125 ? -9.016  -5.985  17.706  1.00 64.97 ? 221 LYS A CG    1 
ATOM   1011 C CD    . LYS A 1 125 ? -10.490 -5.910  17.366  1.00 66.26 ? 221 LYS A CD    1 
ATOM   1012 C CE    . LYS A 1 125 ? -11.181 -4.831  18.192  1.00 66.95 ? 221 LYS A CE    1 
ATOM   1013 N NZ    . LYS A 1 125 ? -12.605 -4.649  17.800  1.00 68.88 ? 221 LYS A NZ    1 
ATOM   1014 N N     . THR A 1 126 ? -5.939  -6.270  19.182  1.00 64.40 ? 222 THR A N     1 
ATOM   1015 C CA    . THR A 1 126 ? -5.521  -6.460  20.560  1.00 63.24 ? 222 THR A CA    1 
ATOM   1016 C C     . THR A 1 126 ? -5.558  -5.162  21.358  1.00 63.77 ? 222 THR A C     1 
ATOM   1017 O O     . THR A 1 126 ? -5.572  -4.074  20.788  1.00 64.42 ? 222 THR A O     1 
ATOM   1018 C CB    . THR A 1 126 ? -4.096  -7.070  20.581  1.00 62.88 ? 222 THR A CB    1 
ATOM   1019 O OG1   . THR A 1 126 ? -4.169  -8.408  21.088  1.00 62.33 ? 222 THR A OG1   1 
ATOM   1020 C CG2   . THR A 1 126 ? -3.132  -6.232  21.413  1.00 60.18 ? 222 THR A CG2   1 
ATOM   1021 N N     . LYS A 1 127 ? -5.580  -5.291  22.681  1.00 63.75 ? 223 LYS A N     1 
ATOM   1022 C CA    . LYS A 1 127 ? -5.615  -4.145  23.588  1.00 63.57 ? 223 LYS A CA    1 
ATOM   1023 C C     . LYS A 1 127 ? -4.704  -2.976  23.192  1.00 61.59 ? 223 LYS A C     1 
ATOM   1024 O O     . LYS A 1 127 ? -5.111  -1.817  23.273  1.00 62.06 ? 223 LYS A O     1 
ATOM   1025 C CB    . LYS A 1 127 ? -5.287  -4.613  25.011  1.00 66.13 ? 223 LYS A CB    1 
ATOM   1026 C CG    . LYS A 1 127 ? -4.320  -5.809  25.088  1.00 69.24 ? 223 LYS A CG    1 
ATOM   1027 C CD    . LYS A 1 127 ? -2.928  -5.479  24.539  1.00 71.18 ? 223 LYS A CD    1 
ATOM   1028 C CE    . LYS A 1 127 ? -1.988  -6.678  24.620  1.00 72.90 ? 223 LYS A CE    1 
ATOM   1029 N NZ    . LYS A 1 127 ? -1.791  -7.139  26.029  1.00 73.93 ? 223 LYS A NZ    1 
ATOM   1030 N N     . LEU A 1 128 ? -3.480  -3.275  22.764  1.00 59.16 ? 224 LEU A N     1 
ATOM   1031 C CA    . LEU A 1 128 ? -2.528  -2.241  22.354  1.00 55.72 ? 224 LEU A CA    1 
ATOM   1032 C C     . LEU A 1 128 ? -2.585  -2.001  20.850  1.00 52.59 ? 224 LEU A C     1 
ATOM   1033 O O     . LEU A 1 128 ? -2.058  -1.015  20.344  1.00 52.82 ? 224 LEU A O     1 
ATOM   1034 C CB    . LEU A 1 128 ? -1.099  -2.644  22.739  1.00 56.78 ? 224 LEU A CB    1 
ATOM   1035 C CG    . LEU A 1 128 ? -0.581  -2.264  24.130  1.00 56.71 ? 224 LEU A CG    1 
ATOM   1036 C CD1   . LEU A 1 128 ? 0.809   -2.839  24.326  1.00 56.49 ? 224 LEU A CD1   1 
ATOM   1037 C CD2   . LEU A 1 128 ? -0.547  -0.751  24.279  1.00 56.88 ? 224 LEU A CD2   1 
ATOM   1038 N N     . ASN A 1 129 ? -3.227  -2.915  20.141  1.00 48.12 ? 225 ASN A N     1 
ATOM   1039 C CA    . ASN A 1 129 ? -3.341  -2.813  18.703  1.00 43.04 ? 225 ASN A CA    1 
ATOM   1040 C C     . ASN A 1 129 ? -4.790  -3.085  18.286  1.00 42.30 ? 225 ASN A C     1 
ATOM   1041 O O     . ASN A 1 129 ? -5.114  -4.169  17.796  1.00 43.88 ? 225 ASN A O     1 
ATOM   1042 C CB    . ASN A 1 129 ? -2.403  -3.829  18.062  1.00 40.84 ? 225 ASN A CB    1 
ATOM   1043 C CG    . ASN A 1 129 ? -2.217  -3.600  16.582  1.00 38.04 ? 225 ASN A CG    1 
ATOM   1044 O OD1   . ASN A 1 129 ? -1.674  -2.573  16.164  1.00 36.99 ? 225 ASN A OD1   1 
ATOM   1045 N ND2   . ASN A 1 129 ? -2.666  -4.551  15.779  1.00 32.71 ? 225 ASN A ND2   1 
ATOM   1046 N N     . PRO A 1 130 ? -5.690  -2.111  18.504  1.00 40.38 ? 226 PRO A N     1 
ATOM   1047 C CA    . PRO A 1 130 ? -7.102  -2.267  18.141  1.00 39.13 ? 226 PRO A CA    1 
ATOM   1048 C C     . PRO A 1 130 ? -7.313  -2.416  16.630  1.00 40.61 ? 226 PRO A C     1 
ATOM   1049 O O     . PRO A 1 130 ? -8.296  -3.020  16.188  1.00 37.75 ? 226 PRO A O     1 
ATOM   1050 C CB    . PRO A 1 130 ? -7.737  -0.996  18.695  1.00 37.69 ? 226 PRO A CB    1 
ATOM   1051 C CG    . PRO A 1 130 ? -6.612  -0.006  18.662  1.00 35.55 ? 226 PRO A CG    1 
ATOM   1052 C CD    . PRO A 1 130 ? -5.472  -0.822  19.183  1.00 37.87 ? 226 PRO A CD    1 
ATOM   1053 N N     . PHE A 1 131 ? -6.397  -1.847  15.846  1.00 40.20 ? 227 PHE A N     1 
ATOM   1054 C CA    . PHE A 1 131 ? -6.481  -1.943  14.394  1.00 41.14 ? 227 PHE A CA    1 
ATOM   1055 C C     . PHE A 1 131 ? -5.327  -2.756  13.817  1.00 41.06 ? 227 PHE A C     1 
ATOM   1056 O O     . PHE A 1 131 ? -4.151  -2.511  14.102  1.00 40.41 ? 227 PHE A O     1 
ATOM   1057 C CB    . PHE A 1 131 ? -6.500  -0.556  13.755  1.00 40.40 ? 227 PHE A CB    1 
ATOM   1058 C CG    . PHE A 1 131 ? -7.665  0.280   14.174  1.00 43.23 ? 227 PHE A CG    1 
ATOM   1059 C CD1   . PHE A 1 131 ? -7.507  1.300   15.116  1.00 44.22 ? 227 PHE A CD1   1 
ATOM   1060 C CD2   . PHE A 1 131 ? -8.930  0.053   13.633  1.00 42.87 ? 227 PHE A CD2   1 
ATOM   1061 C CE1   . PHE A 1 131 ? -8.593  2.089   15.513  1.00 41.34 ? 227 PHE A CE1   1 
ATOM   1062 C CE2   . PHE A 1 131 ? -10.021 0.834   14.022  1.00 41.27 ? 227 PHE A CE2   1 
ATOM   1063 C CZ    . PHE A 1 131 ? -9.848  1.855   14.965  1.00 42.13 ? 227 PHE A CZ    1 
ATOM   1064 N N     . LYS A 1 132 ? -5.682  -3.735  13.002  1.00 41.62 ? 228 LYS A N     1 
ATOM   1065 C CA    . LYS A 1 132 ? -4.699  -4.587  12.363  1.00 43.11 ? 228 LYS A CA    1 
ATOM   1066 C C     . LYS A 1 132 ? -3.992  -3.851  11.231  1.00 42.81 ? 228 LYS A C     1 
ATOM   1067 O O     . LYS A 1 132 ? -4.569  -2.987  10.572  1.00 43.11 ? 228 LYS A O     1 
ATOM   1068 C CB    . LYS A 1 132 ? -5.381  -5.848  11.815  1.00 44.17 ? 228 LYS A CB    1 
ATOM   1069 C CG    . LYS A 1 132 ? -5.998  -6.719  12.907  1.00 47.02 ? 228 LYS A CG    1 
ATOM   1070 C CD    . LYS A 1 132 ? -6.701  -7.946  12.357  1.00 46.73 ? 228 LYS A CD    1 
ATOM   1071 C CE    . LYS A 1 132 ? -8.004  -7.585  11.671  1.00 50.94 ? 228 LYS A CE    1 
ATOM   1072 N NZ    . LYS A 1 132 ? -8.825  -8.794  11.328  1.00 53.92 ? 228 LYS A NZ    1 
ATOM   1073 N N     . PHE A 1 133 ? -2.724  -4.187  11.038  1.00 42.78 ? 229 PHE A N     1 
ATOM   1074 C CA    . PHE A 1 133 ? -1.918  -3.620  9.968   1.00 41.96 ? 229 PHE A CA    1 
ATOM   1075 C C     . PHE A 1 133 ? -1.422  -4.824  9.188   1.00 41.26 ? 229 PHE A C     1 
ATOM   1076 O O     . PHE A 1 133 ? -0.696  -5.667  9.726   1.00 41.39 ? 229 PHE A O     1 
ATOM   1077 C CB    . PHE A 1 133 ? -0.743  -2.825  10.536  1.00 41.63 ? 229 PHE A CB    1 
ATOM   1078 C CG    . PHE A 1 133 ? -1.101  -1.421  10.922  1.00 40.59 ? 229 PHE A CG    1 
ATOM   1079 C CD1   . PHE A 1 133 ? -0.827  -0.366  10.066  1.00 39.78 ? 229 PHE A CD1   1 
ATOM   1080 C CD2   . PHE A 1 133 ? -1.724  -1.159  12.132  1.00 40.33 ? 229 PHE A CD2   1 
ATOM   1081 C CE1   . PHE A 1 133 ? -1.165  0.924   10.405  1.00 39.05 ? 229 PHE A CE1   1 
ATOM   1082 C CE2   . PHE A 1 133 ? -2.070  0.131   12.483  1.00 40.92 ? 229 PHE A CE2   1 
ATOM   1083 C CZ    . PHE A 1 133 ? -1.791  1.178   11.622  1.00 41.06 ? 229 PHE A CZ    1 
ATOM   1084 N N     . VAL A 1 134 ? -1.843  -4.909  7.930   1.00 39.40 ? 230 VAL A N     1 
ATOM   1085 C CA    . VAL A 1 134 ? -1.476  -6.014  7.055   1.00 36.94 ? 230 VAL A CA    1 
ATOM   1086 C C     . VAL A 1 134 ? -0.868  -5.511  5.748   1.00 36.83 ? 230 VAL A C     1 
ATOM   1087 O O     . VAL A 1 134 ? -1.516  -4.780  4.996   1.00 35.91 ? 230 VAL A O     1 
ATOM   1088 C CB    . VAL A 1 134 ? -2.708  -6.882  6.741   1.00 36.74 ? 230 VAL A CB    1 
ATOM   1089 C CG1   . VAL A 1 134 ? -2.366  -7.928  5.674   1.00 35.73 ? 230 VAL A CG1   1 
ATOM   1090 C CG2   . VAL A 1 134 ? -3.194  -7.549  8.021   1.00 34.02 ? 230 VAL A CG2   1 
ATOM   1091 N N     . GLY A 1 135 ? 0.375   -5.909  5.488   1.00 34.60 ? 231 GLY A N     1 
ATOM   1092 C CA    . GLY A 1 135 ? 1.049   -5.484  4.276   1.00 34.95 ? 231 GLY A CA    1 
ATOM   1093 C C     . GLY A 1 135 ? 0.422   -6.080  3.034   1.00 35.66 ? 231 GLY A C     1 
ATOM   1094 O O     . GLY A 1 135 ? 0.054   -7.259  3.015   1.00 32.77 ? 231 GLY A O     1 
ATOM   1095 N N     . LEU A 1 136 ? 0.283   -5.263  1.994   1.00 35.76 ? 232 LEU A N     1 
ATOM   1096 C CA    . LEU A 1 136 ? -0.303  -5.732  0.742   1.00 37.61 ? 232 LEU A CA    1 
ATOM   1097 C C     . LEU A 1 136 ? 0.768   -6.433  -0.066  1.00 38.80 ? 232 LEU A C     1 
ATOM   1098 O O     . LEU A 1 136 ? 1.932   -6.022  -0.060  1.00 40.08 ? 232 LEU A O     1 
ATOM   1099 C CB    . LEU A 1 136 ? -0.855  -4.563  -0.077  1.00 35.02 ? 232 LEU A CB    1 
ATOM   1100 C CG    . LEU A 1 136 ? -2.118  -3.860  0.411   1.00 33.41 ? 232 LEU A CG    1 
ATOM   1101 C CD1   . LEU A 1 136 ? -2.223  -2.492  -0.259  1.00 32.45 ? 232 LEU A CD1   1 
ATOM   1102 C CD2   . LEU A 1 136 ? -3.337  -4.728  0.108   1.00 30.99 ? 232 LEU A CD2   1 
ATOM   1103 N N     . LYS A 1 137 ? 0.375   -7.489  -0.763  1.00 40.02 ? 233 LYS A N     1 
ATOM   1104 C CA    . LYS A 1 137 ? 1.311   -8.241  -1.591  1.00 42.22 ? 233 LYS A CA    1 
ATOM   1105 C C     . LYS A 1 137 ? 1.441   -7.591  -2.963  1.00 41.07 ? 233 LYS A C     1 
ATOM   1106 O O     . LYS A 1 137 ? 0.481   -7.039  -3.491  1.00 40.32 ? 233 LYS A O     1 
ATOM   1107 C CB    . LYS A 1 137 ? 0.830   -9.687  -1.734  1.00 42.38 ? 233 LYS A CB    1 
ATOM   1108 C CG    . LYS A 1 137 ? 0.822   -10.439 -0.411  1.00 47.01 ? 233 LYS A CG    1 
ATOM   1109 C CD    . LYS A 1 137 ? -0.361  -11.387 -0.306  1.00 49.40 ? 233 LYS A CD    1 
ATOM   1110 C CE    . LYS A 1 137 ? -0.314  -12.466 -1.374  1.00 54.43 ? 233 LYS A CE    1 
ATOM   1111 N NZ    . LYS A 1 137 ? -1.553  -13.302 -1.377  1.00 58.37 ? 233 LYS A NZ    1 
ATOM   1112 N N     . ASN A 1 138 ? 2.641   -7.650  -3.523  1.00 41.49 ? 234 ASN A N     1 
ATOM   1113 C CA    . ASN A 1 138 ? 2.911   -7.086  -4.837  1.00 42.00 ? 234 ASN A CA    1 
ATOM   1114 C C     . ASN A 1 138 ? 3.362   -8.233  -5.746  1.00 43.19 ? 234 ASN A C     1 
ATOM   1115 O O     . ASN A 1 138 ? 3.937   -9.212  -5.273  1.00 42.04 ? 234 ASN A O     1 
ATOM   1116 C CB    . ASN A 1 138 ? 4.001   -6.022  -4.730  1.00 39.89 ? 234 ASN A CB    1 
ATOM   1117 C CG    . ASN A 1 138 ? 5.377   -6.612  -4.463  1.00 41.20 ? 234 ASN A CG    1 
ATOM   1118 O OD1   . ASN A 1 138 ? 5.987   -7.212  -5.351  1.00 41.69 ? 234 ASN A OD1   1 
ATOM   1119 N ND2   . ASN A 1 138 ? 5.871   -6.444  -3.234  1.00 36.99 ? 234 ASN A ND2   1 
ATOM   1120 N N     . PHE A 1 139 ? 3.103   -8.114  -7.045  1.00 43.47 ? 235 PHE A N     1 
ATOM   1121 C CA    . PHE A 1 139 ? 3.464   -9.167  -7.984  1.00 43.08 ? 235 PHE A CA    1 
ATOM   1122 C C     . PHE A 1 139 ? 4.124   -8.606  -9.239  1.00 43.85 ? 235 PHE A C     1 
ATOM   1123 O O     . PHE A 1 139 ? 4.111   -7.395  -9.476  1.00 42.33 ? 235 PHE A O     1 
ATOM   1124 C CB    . PHE A 1 139 ? 2.213   -9.951  -8.397  1.00 44.10 ? 235 PHE A CB    1 
ATOM   1125 C CG    . PHE A 1 139 ? 1.252   -10.213 -7.271  1.00 46.80 ? 235 PHE A CG    1 
ATOM   1126 C CD1   . PHE A 1 139 ? 0.536   -9.170  -6.688  1.00 48.64 ? 235 PHE A CD1   1 
ATOM   1127 C CD2   . PHE A 1 139 ? 1.048   -11.504 -6.799  1.00 48.17 ? 235 PHE A CD2   1 
ATOM   1128 C CE1   . PHE A 1 139 ? -0.365  -9.407  -5.653  1.00 49.57 ? 235 PHE A CE1   1 
ATOM   1129 C CE2   . PHE A 1 139 ? 0.146   -11.750 -5.763  1.00 49.53 ? 235 PHE A CE2   1 
ATOM   1130 C CZ    . PHE A 1 139 ? -0.561  -10.699 -5.190  1.00 49.56 ? 235 PHE A CZ    1 
ATOM   1131 N N     . PRO A 1 140 ? 4.735   -9.486  -10.049 1.00 44.00 ? 236 PRO A N     1 
ATOM   1132 C CA    . PRO A 1 140 ? 5.398   -9.072  -11.289 1.00 44.40 ? 236 PRO A CA    1 
ATOM   1133 C C     . PRO A 1 140 ? 4.314   -8.699  -12.292 1.00 45.05 ? 236 PRO A C     1 
ATOM   1134 O O     . PRO A 1 140 ? 3.147   -9.057  -12.112 1.00 44.37 ? 236 PRO A O     1 
ATOM   1135 C CB    . PRO A 1 140 ? 6.165   -10.326 -11.711 1.00 44.91 ? 236 PRO A CB    1 
ATOM   1136 C CG    . PRO A 1 140 ? 6.437   -11.015 -10.391 1.00 44.11 ? 236 PRO A CG    1 
ATOM   1137 C CD    . PRO A 1 140 ? 5.113   -10.866 -9.695  1.00 43.17 ? 236 PRO A CD    1 
ATOM   1138 N N     . CYS A 1 141 ? 4.688   -7.994  -13.349 1.00 45.09 ? 237 CYS A N     1 
ATOM   1139 C CA    . CYS A 1 141 ? 3.695   -7.595  -14.332 1.00 46.53 ? 237 CYS A CA    1 
ATOM   1140 C C     . CYS A 1 141 ? 3.788   -8.342  -15.654 1.00 48.31 ? 237 CYS A C     1 
ATOM   1141 O O     . CYS A 1 141 ? 3.352   -7.851  -16.698 1.00 48.45 ? 237 CYS A O     1 
ATOM   1142 C CB    . CYS A 1 141 ? 3.779   -6.091  -14.560 1.00 45.32 ? 237 CYS A CB    1 
ATOM   1143 S SG    . CYS A 1 141 ? 3.155   -5.145  -13.155 1.00 45.62 ? 237 CYS A SG    1 
ATOM   1144 N N     . THR A 1 142 ? 4.364   -9.539  -15.606 1.00 47.71 ? 238 THR A N     1 
ATOM   1145 C CA    . THR A 1 142 ? 4.472   -10.356 -16.798 1.00 47.61 ? 238 THR A CA    1 
ATOM   1146 C C     . THR A 1 142 ? 3.048   -10.831 -17.085 1.00 49.83 ? 238 THR A C     1 
ATOM   1147 O O     . THR A 1 142 ? 2.186   -10.830 -16.189 1.00 49.74 ? 238 THR A O     1 
ATOM   1148 C CB    . THR A 1 142 ? 5.391   -11.592 -16.566 1.00 46.14 ? 238 THR A CB    1 
ATOM   1149 O OG1   . THR A 1 142 ? 4.840   -12.426 -15.537 1.00 45.42 ? 238 THR A OG1   1 
ATOM   1150 C CG2   . THR A 1 142 ? 6.792   -11.152 -16.150 1.00 43.06 ? 238 THR A CG2   1 
ATOM   1151 N N     . PRO A 1 143 ? 2.769   -11.210 -18.341 1.00 49.84 ? 239 PRO A N     1 
ATOM   1152 C CA    . PRO A 1 143 ? 1.442   -11.690 -18.728 1.00 49.19 ? 239 PRO A CA    1 
ATOM   1153 C C     . PRO A 1 143 ? 0.954   -12.817 -17.819 1.00 49.82 ? 239 PRO A C     1 
ATOM   1154 O O     . PRO A 1 143 ? -0.189  -12.807 -17.364 1.00 49.93 ? 239 PRO A O     1 
ATOM   1155 C CB    . PRO A 1 143 ? 1.663   -12.155 -20.161 1.00 50.07 ? 239 PRO A CB    1 
ATOM   1156 C CG    . PRO A 1 143 ? 2.653   -11.131 -20.669 1.00 49.26 ? 239 PRO A CG    1 
ATOM   1157 C CD    . PRO A 1 143 ? 3.636   -11.041 -19.525 1.00 49.15 ? 239 PRO A CD    1 
ATOM   1158 N N     . GLU A 1 144 ? 1.820   -13.787 -17.548 1.00 50.23 ? 240 GLU A N     1 
ATOM   1159 C CA    . GLU A 1 144 ? 1.432   -14.906 -16.693 1.00 51.35 ? 240 GLU A CA    1 
ATOM   1160 C C     . GLU A 1 144 ? 1.089   -14.446 -15.285 1.00 49.20 ? 240 GLU A C     1 
ATOM   1161 O O     . GLU A 1 144 ? 0.116   -14.919 -14.701 1.00 50.81 ? 240 GLU A O     1 
ATOM   1162 C CB    . GLU A 1 144 ? 2.545   -15.953 -16.593 1.00 53.76 ? 240 GLU A CB    1 
ATOM   1163 C CG    . GLU A 1 144 ? 3.109   -16.438 -17.914 1.00 59.57 ? 240 GLU A CG    1 
ATOM   1164 C CD    . GLU A 1 144 ? 4.249   -15.572 -18.418 1.00 61.43 ? 240 GLU A CD    1 
ATOM   1165 O OE1   . GLU A 1 144 ? 5.202   -16.140 -19.004 1.00 61.17 ? 240 GLU A OE1   1 
ATOM   1166 O OE2   . GLU A 1 144 ? 4.190   -14.335 -18.234 1.00 62.24 ? 240 GLU A OE2   1 
ATOM   1167 N N     . SER A 1 145 ? 1.898   -13.543 -14.734 1.00 45.60 ? 241 SER A N     1 
ATOM   1168 C CA    . SER A 1 145 ? 1.658   -13.043 -13.385 1.00 45.36 ? 241 SER A CA    1 
ATOM   1169 C C     . SER A 1 145 ? 0.322   -12.318 -13.339 1.00 44.80 ? 241 SER A C     1 
ATOM   1170 O O     . SER A 1 145 ? -0.526  -12.618 -12.500 1.00 45.24 ? 241 SER A O     1 
ATOM   1171 C CB    . SER A 1 145 ? 2.774   -12.091 -12.955 1.00 46.00 ? 241 SER A CB    1 
ATOM   1172 O OG    . SER A 1 145 ? 2.609   -11.713 -11.599 1.00 47.09 ? 241 SER A OG    1 
ATOM   1173 N N     . LEU A 1 146 ? 0.139   -11.369 -14.253 1.00 44.69 ? 242 LEU A N     1 
ATOM   1174 C CA    . LEU A 1 146 ? -1.104  -10.615 -14.332 1.00 45.69 ? 242 LEU A CA    1 
ATOM   1175 C C     . LEU A 1 146 ? -2.302  -11.565 -14.346 1.00 47.17 ? 242 LEU A C     1 
ATOM   1176 O O     . LEU A 1 146 ? -3.333  -11.266 -13.749 1.00 45.27 ? 242 LEU A O     1 
ATOM   1177 C CB    . LEU A 1 146 ? -1.102  -9.738  -15.585 1.00 43.07 ? 242 LEU A CB    1 
ATOM   1178 C CG    . LEU A 1 146 ? -0.755  -8.256  -15.406 1.00 42.80 ? 242 LEU A CG    1 
ATOM   1179 C CD1   . LEU A 1 146 ? 0.221   -8.048  -14.265 1.00 42.46 ? 242 LEU A CD1   1 
ATOM   1180 C CD2   . LEU A 1 146 ? -0.195  -7.721  -16.711 1.00 40.43 ? 242 LEU A CD2   1 
ATOM   1181 N N     . CYS A 1 147 ? -2.162  -12.706 -15.024 1.00 48.90 ? 243 CYS A N     1 
ATOM   1182 C CA    . CYS A 1 147 ? -3.240  -13.693 -15.078 1.00 52.97 ? 243 CYS A CA    1 
ATOM   1183 C C     . CYS A 1 147 ? -3.388  -14.347 -13.718 1.00 53.18 ? 243 CYS A C     1 
ATOM   1184 O O     . CYS A 1 147 ? -4.494  -14.604 -13.247 1.00 52.26 ? 243 CYS A O     1 
ATOM   1185 C CB    . CYS A 1 147 ? -2.948  -14.777 -16.118 1.00 54.36 ? 243 CYS A CB    1 
ATOM   1186 S SG    . CYS A 1 147 ? -3.465  -14.369 -17.789 1.00 61.70 ? 243 CYS A SG    1 
ATOM   1187 N N     . ASP A 1 148 ? -2.257  -14.621 -13.087 1.00 54.09 ? 244 ASP A N     1 
ATOM   1188 C CA    . ASP A 1 148 ? -2.275  -15.238 -11.777 1.00 56.80 ? 244 ASP A CA    1 
ATOM   1189 C C     . ASP A 1 148 ? -3.050  -14.367 -10.800 1.00 55.52 ? 244 ASP A C     1 
ATOM   1190 O O     . ASP A 1 148 ? -4.045  -14.804 -10.223 1.00 56.04 ? 244 ASP A O     1 
ATOM   1191 C CB    . ASP A 1 148 ? -0.844  -15.446 -11.282 1.00 59.86 ? 244 ASP A CB    1 
ATOM   1192 C CG    . ASP A 1 148 ? -0.057  -16.387 -12.176 1.00 64.26 ? 244 ASP A CG    1 
ATOM   1193 O OD1   . ASP A 1 148 ? 1.184   -16.463 -12.024 1.00 68.35 ? 244 ASP A OD1   1 
ATOM   1194 O OD2   . ASP A 1 148 ? -0.681  -17.057 -13.032 1.00 65.64 ? 244 ASP A OD2   1 
ATOM   1195 N N     . VAL A 1 149 ? -2.605  -13.127 -10.633 1.00 54.03 ? 245 VAL A N     1 
ATOM   1196 C CA    . VAL A 1 149 ? -3.260  -12.216 -9.704  1.00 52.64 ? 245 VAL A CA    1 
ATOM   1197 C C     . VAL A 1 149 ? -4.736  -12.014 -10.028 1.00 50.49 ? 245 VAL A C     1 
ATOM   1198 O O     . VAL A 1 149 ? -5.578  -12.057 -9.132  1.00 47.96 ? 245 VAL A O     1 
ATOM   1199 C CB    . VAL A 1 149 ? -2.547  -10.841 -9.673  1.00 53.29 ? 245 VAL A CB    1 
ATOM   1200 C CG1   . VAL A 1 149 ? -1.074  -11.041 -9.406  1.00 54.87 ? 245 VAL A CG1   1 
ATOM   1201 C CG2   . VAL A 1 149 ? -2.739  -10.111 -10.976 1.00 54.53 ? 245 VAL A CG2   1 
ATOM   1202 N N     . LEU A 1 150 ? -5.055  -11.811 -11.304 1.00 48.24 ? 246 LEU A N     1 
ATOM   1203 C CA    . LEU A 1 150 ? -6.441  -11.589 -11.711 1.00 47.59 ? 246 LEU A CA    1 
ATOM   1204 C C     . LEU A 1 150 ? -7.344  -12.788 -11.428 1.00 46.14 ? 246 LEU A C     1 
ATOM   1205 O O     . LEU A 1 150 ? -8.567  -12.695 -11.526 1.00 45.13 ? 246 LEU A O     1 
ATOM   1206 C CB    . LEU A 1 150 ? -6.504  -11.206 -13.198 1.00 46.65 ? 246 LEU A CB    1 
ATOM   1207 C CG    . LEU A 1 150 ? -6.111  -9.753  -13.516 1.00 46.01 ? 246 LEU A CG    1 
ATOM   1208 C CD1   . LEU A 1 150 ? -5.736  -9.602  -14.970 1.00 42.89 ? 246 LEU A CD1   1 
ATOM   1209 C CD2   . LEU A 1 150 ? -7.269  -8.834  -13.170 1.00 46.79 ? 246 LEU A CD2   1 
ATOM   1210 N N     . SER A 1 151 ? -6.743  -13.911 -11.059 1.00 46.42 ? 247 SER A N     1 
ATOM   1211 C CA    . SER A 1 151 ? -7.520  -15.106 -10.754 1.00 48.42 ? 247 SER A CA    1 
ATOM   1212 C C     . SER A 1 151 ? -7.389  -15.459 -9.279  1.00 48.20 ? 247 SER A C     1 
ATOM   1213 O O     . SER A 1 151 ? -7.883  -16.492 -8.834  1.00 49.53 ? 247 SER A O     1 
ATOM   1214 C CB    . SER A 1 151 ? -7.070  -16.293 -11.630 1.00 47.98 ? 247 SER A CB    1 
ATOM   1215 O OG    . SER A 1 151 ? -5.739  -16.694 -11.353 1.00 49.77 ? 247 SER A OG    1 
ATOM   1216 N N     . MET A 1 152 ? -6.727  -14.587 -8.525  1.00 50.13 ? 248 MET A N     1 
ATOM   1217 C CA    . MET A 1 152 ? -6.530  -14.797 -7.091  1.00 51.26 ? 248 MET A CA    1 
ATOM   1218 C C     . MET A 1 152 ? -7.710  -14.334 -6.248  1.00 52.92 ? 248 MET A C     1 
ATOM   1219 O O     . MET A 1 152 ? -8.544  -13.532 -6.687  1.00 52.11 ? 248 MET A O     1 
ATOM   1220 C CB    . MET A 1 152 ? -5.278  -14.062 -6.599  1.00 52.01 ? 248 MET A CB    1 
ATOM   1221 C CG    . MET A 1 152 ? -3.959  -14.674 -7.018  1.00 52.53 ? 248 MET A CG    1 
ATOM   1222 S SD    . MET A 1 152 ? -2.546  -13.810 -6.292  1.00 54.21 ? 248 MET A SD    1 
ATOM   1223 C CE    . MET A 1 152 ? -2.915  -13.970 -4.524  1.00 51.43 ? 248 MET A CE    1 
ATOM   1224 N N     . ASP A 1 153 ? -7.757  -14.844 -5.023  1.00 54.34 ? 249 ASP A N     1 
ATOM   1225 C CA    . ASP A 1 153 ? -8.798  -14.483 -4.072  1.00 55.62 ? 249 ASP A CA    1 
ATOM   1226 C C     . ASP A 1 153 ? -8.184  -13.628 -2.985  1.00 54.04 ? 249 ASP A C     1 
ATOM   1227 O O     . ASP A 1 153 ? -7.153  -13.984 -2.415  1.00 55.75 ? 249 ASP A O     1 
ATOM   1228 C CB    . ASP A 1 153 ? -9.417  -15.732 -3.448  1.00 58.46 ? 249 ASP A CB    1 
ATOM   1229 C CG    . ASP A 1 153 ? -10.556 -16.280 -4.270  1.00 61.27 ? 249 ASP A CG    1 
ATOM   1230 O OD1   . ASP A 1 153 ? -11.532 -15.528 -4.489  1.00 61.38 ? 249 ASP A OD1   1 
ATOM   1231 O OD2   . ASP A 1 153 ? -10.476 -17.453 -4.697  1.00 62.82 ? 249 ASP A OD2   1 
ATOM   1232 N N     . PHE A 1 154 ? -8.819  -12.504 -2.689  1.00 51.95 ? 250 PHE A N     1 
ATOM   1233 C CA    . PHE A 1 154 ? -8.295  -11.622 -1.664  1.00 50.60 ? 250 PHE A CA    1 
ATOM   1234 C C     . PHE A 1 154 ? -9.217  -11.520 -0.455  1.00 50.42 ? 250 PHE A C     1 
ATOM   1235 O O     . PHE A 1 154 ? -10.428 -11.703 -0.566  1.00 50.40 ? 250 PHE A O     1 
ATOM   1236 C CB    . PHE A 1 154 ? -8.011  -10.251 -2.277  1.00 50.21 ? 250 PHE A CB    1 
ATOM   1237 C CG    . PHE A 1 154 ? -7.046  -10.309 -3.434  1.00 48.28 ? 250 PHE A CG    1 
ATOM   1238 C CD1   . PHE A 1 154 ? -7.490  -10.647 -4.711  1.00 47.60 ? 250 PHE A CD1   1 
ATOM   1239 C CD2   . PHE A 1 154 ? -5.683  -10.128 -3.226  1.00 46.31 ? 250 PHE A CD2   1 
ATOM   1240 C CE1   . PHE A 1 154 ? -6.590  -10.809 -5.761  1.00 46.93 ? 250 PHE A CE1   1 
ATOM   1241 C CE2   . PHE A 1 154 ? -4.773  -10.287 -4.268  1.00 47.61 ? 250 PHE A CE2   1 
ATOM   1242 C CZ    . PHE A 1 154 ? -5.225  -10.630 -5.539  1.00 47.47 ? 250 PHE A CZ    1 
ATOM   1243 N N     . PRO A 1 155 ? -8.645  -11.249 0.726   1.00 49.99 ? 251 PRO A N     1 
ATOM   1244 C CA    . PRO A 1 155 ? -9.419  -11.128 1.967   1.00 49.26 ? 251 PRO A CA    1 
ATOM   1245 C C     . PRO A 1 155 ? -10.123 -9.775  2.100   1.00 49.16 ? 251 PRO A C     1 
ATOM   1246 O O     . PRO A 1 155 ? -10.485 -9.356  3.201   1.00 49.52 ? 251 PRO A O     1 
ATOM   1247 C CB    . PRO A 1 155 ? -8.362  -11.340 3.036   1.00 48.60 ? 251 PRO A CB    1 
ATOM   1248 C CG    . PRO A 1 155 ? -7.170  -10.627 2.417   1.00 48.94 ? 251 PRO A CG    1 
ATOM   1249 C CD    . PRO A 1 155 ? -7.199  -11.106 0.987   1.00 48.70 ? 251 PRO A CD    1 
ATOM   1250 N N     . PHE A 1 156 ? -10.312 -9.096  0.975   1.00 47.22 ? 252 PHE A N     1 
ATOM   1251 C CA    . PHE A 1 156 ? -10.962 -7.795  0.973   1.00 47.14 ? 252 PHE A CA    1 
ATOM   1252 C C     . PHE A 1 156 ? -11.584 -7.548  -0.389  1.00 47.60 ? 252 PHE A C     1 
ATOM   1253 O O     . PHE A 1 156 ? -11.264 -8.246  -1.354  1.00 46.59 ? 252 PHE A O     1 
ATOM   1254 C CB    . PHE A 1 156 ? -9.941  -6.688  1.294   1.00 46.02 ? 252 PHE A CB    1 
ATOM   1255 C CG    . PHE A 1 156 ? -8.674  -6.754  0.457   1.00 46.55 ? 252 PHE A CG    1 
ATOM   1256 C CD1   . PHE A 1 156 ? -7.429  -6.942  1.064   1.00 46.19 ? 252 PHE A CD1   1 
ATOM   1257 C CD2   . PHE A 1 156 ? -8.722  -6.639  -0.929  1.00 45.12 ? 252 PHE A CD2   1 
ATOM   1258 C CE1   . PHE A 1 156 ? -6.257  -7.018  0.303   1.00 43.27 ? 252 PHE A CE1   1 
ATOM   1259 C CE2   . PHE A 1 156 ? -7.551  -6.715  -1.697  1.00 45.36 ? 252 PHE A CE2   1 
ATOM   1260 C CZ    . PHE A 1 156 ? -6.322  -6.906  -1.079  1.00 43.10 ? 252 PHE A CZ    1 
ATOM   1261 N N     . GLU A 1 157 ? -12.486 -6.572  -0.469  1.00 48.66 ? 253 GLU A N     1 
ATOM   1262 C CA    . GLU A 1 157 ? -13.101 -6.244  -1.749  1.00 50.31 ? 253 GLU A CA    1 
ATOM   1263 C C     . GLU A 1 157 ? -12.080 -5.424  -2.525  1.00 49.16 ? 253 GLU A C     1 
ATOM   1264 O O     . GLU A 1 157 ? -11.756 -4.295  -2.157  1.00 49.78 ? 253 GLU A O     1 
ATOM   1265 C CB    . GLU A 1 157 ? -14.374 -5.415  -1.572  1.00 53.57 ? 253 GLU A CB    1 
ATOM   1266 C CG    . GLU A 1 157 ? -15.053 -5.111  -2.901  1.00 60.46 ? 253 GLU A CG    1 
ATOM   1267 C CD    . GLU A 1 157 ? -16.063 -3.978  -2.814  1.00 65.61 ? 253 GLU A CD    1 
ATOM   1268 O OE1   . GLU A 1 157 ? -16.869 -3.972  -1.856  1.00 67.59 ? 253 GLU A OE1   1 
ATOM   1269 O OE2   . GLU A 1 157 ? -16.054 -3.100  -3.711  1.00 65.70 ? 253 GLU A OE2   1 
ATOM   1270 N N     . VAL A 1 158 ? -11.569 -6.002  -3.598  1.00 48.66 ? 254 VAL A N     1 
ATOM   1271 C CA    . VAL A 1 158 ? -10.574 -5.336  -4.418  1.00 47.25 ? 254 VAL A CA    1 
ATOM   1272 C C     . VAL A 1 158 ? -11.140 -4.082  -5.059  1.00 45.68 ? 254 VAL A C     1 
ATOM   1273 O O     . VAL A 1 158 ? -12.230 -4.110  -5.624  1.00 45.04 ? 254 VAL A O     1 
ATOM   1274 C CB    . VAL A 1 158 ? -10.091 -6.269  -5.521  1.00 47.34 ? 254 VAL A CB    1 
ATOM   1275 C CG1   . VAL A 1 158 ? -11.296 -6.884  -6.195  1.00 50.92 ? 254 VAL A CG1   1 
ATOM   1276 C CG2   . VAL A 1 158 ? -9.243  -5.503  -6.533  1.00 47.41 ? 254 VAL A CG2   1 
ATOM   1277 N N     . ASP A 1 159 ? -10.391 -2.984  -4.964  1.00 44.98 ? 255 ASP A N     1 
ATOM   1278 C CA    . ASP A 1 159 ? -10.796 -1.710  -5.552  1.00 43.22 ? 255 ASP A CA    1 
ATOM   1279 C C     . ASP A 1 159 ? -10.093 -1.536  -6.898  1.00 43.55 ? 255 ASP A C     1 
ATOM   1280 O O     . ASP A 1 159 ? -10.724 -1.209  -7.913  1.00 43.51 ? 255 ASP A O     1 
ATOM   1281 C CB    . ASP A 1 159 ? -10.424 -0.532  -4.641  1.00 40.74 ? 255 ASP A CB    1 
ATOM   1282 C CG    . ASP A 1 159 ? -10.800 0.818   -5.254  1.00 39.94 ? 255 ASP A CG    1 
ATOM   1283 O OD1   . ASP A 1 159 ? -10.301 1.871   -4.796  1.00 39.61 ? 255 ASP A OD1   1 
ATOM   1284 O OD2   . ASP A 1 159 ? -11.607 0.830   -6.202  1.00 39.84 ? 255 ASP A OD2   1 
ATOM   1285 N N     . GLY A 1 160 ? -8.781  -1.758  -6.901  1.00 42.16 ? 256 GLY A N     1 
ATOM   1286 C CA    . GLY A 1 160 ? -8.025  -1.610  -8.126  1.00 40.51 ? 256 GLY A CA    1 
ATOM   1287 C C     . GLY A 1 160 ? -6.603  -2.122  -8.029  1.00 40.04 ? 256 GLY A C     1 
ATOM   1288 O O     . GLY A 1 160 ? -6.198  -2.688  -7.007  1.00 37.58 ? 256 GLY A O     1 
ATOM   1289 N N     . LEU A 1 161 ? -5.846  -1.904  -9.101  1.00 37.51 ? 257 LEU A N     1 
ATOM   1290 C CA    . LEU A 1 161 ? -4.465  -2.342  -9.183  1.00 37.53 ? 257 LEU A CA    1 
ATOM   1291 C C     . LEU A 1 161 ? -3.567  -1.135  -9.375  1.00 37.13 ? 257 LEU A C     1 
ATOM   1292 O O     . LEU A 1 161 ? -3.847  -0.285  -10.224 1.00 36.49 ? 257 LEU A O     1 
ATOM   1293 C CB    . LEU A 1 161 ? -4.266  -3.281  -10.382 1.00 38.14 ? 257 LEU A CB    1 
ATOM   1294 C CG    . LEU A 1 161 ? -5.315  -4.358  -10.683 1.00 40.99 ? 257 LEU A CG    1 
ATOM   1295 C CD1   . LEU A 1 161 ? -4.797  -5.224  -11.826 1.00 42.85 ? 257 LEU A CD1   1 
ATOM   1296 C CD2   . LEU A 1 161 ? -5.581  -5.218  -9.465  1.00 38.78 ? 257 LEU A CD2   1 
ATOM   1297 N N     . LEU A 1 162 ? -2.490  -1.071  -8.590  1.00 34.30 ? 258 LEU A N     1 
ATOM   1298 C CA    . LEU A 1 162 ? -1.515  0.008   -8.688  1.00 33.64 ? 258 LEU A CA    1 
ATOM   1299 C C     . LEU A 1 162 ? -0.254  -0.554  -9.351  1.00 33.78 ? 258 LEU A C     1 
ATOM   1300 O O     . LEU A 1 162 ? 0.192   -1.653  -9.024  1.00 33.14 ? 258 LEU A O     1 
ATOM   1301 C CB    . LEU A 1 162 ? -1.189  0.574   -7.298  1.00 28.56 ? 258 LEU A CB    1 
ATOM   1302 C CG    . LEU A 1 162 ? -2.252  1.539   -6.753  1.00 30.99 ? 258 LEU A CG    1 
ATOM   1303 C CD1   . LEU A 1 162 ? -1.927  1.939   -5.303  1.00 27.41 ? 258 LEU A CD1   1 
ATOM   1304 C CD2   . LEU A 1 162 ? -2.305  2.791   -7.659  1.00 25.80 ? 258 LEU A CD2   1 
ATOM   1305 N N     . PHE A 1 163 ? 0.310   0.200   -10.285 1.00 33.47 ? 259 PHE A N     1 
ATOM   1306 C CA    . PHE A 1 163 ? 1.499   -0.247  -10.990 1.00 33.61 ? 259 PHE A CA    1 
ATOM   1307 C C     . PHE A 1 163 ? 2.670   0.623   -10.613 1.00 34.49 ? 259 PHE A C     1 
ATOM   1308 O O     . PHE A 1 163 ? 2.695   1.823   -10.898 1.00 35.42 ? 259 PHE A O     1 
ATOM   1309 C CB    . PHE A 1 163 ? 1.255   -0.196  -12.499 1.00 31.77 ? 259 PHE A CB    1 
ATOM   1310 C CG    . PHE A 1 163 ? 0.216   -1.163  -12.961 1.00 29.45 ? 259 PHE A CG    1 
ATOM   1311 C CD1   . PHE A 1 163 ? 0.580   -2.424  -13.425 1.00 27.03 ? 259 PHE A CD1   1 
ATOM   1312 C CD2   . PHE A 1 163 ? -1.131  -0.840  -12.878 1.00 28.98 ? 259 PHE A CD2   1 
ATOM   1313 C CE1   . PHE A 1 163 ? -0.382  -3.352  -13.796 1.00 26.94 ? 259 PHE A CE1   1 
ATOM   1314 C CE2   . PHE A 1 163 ? -2.104  -1.761  -13.247 1.00 31.94 ? 259 PHE A CE2   1 
ATOM   1315 C CZ    . PHE A 1 163 ? -1.728  -3.025  -13.708 1.00 28.59 ? 259 PHE A CZ    1 
ATOM   1316 N N     . TYR A 1 164 ? 3.642   0.013   -9.955  1.00 34.92 ? 260 TYR A N     1 
ATOM   1317 C CA    . TYR A 1 164 ? 4.816   0.753   -9.534  1.00 36.64 ? 260 TYR A CA    1 
ATOM   1318 C C     . TYR A 1 164 ? 6.026   0.426   -10.380 1.00 37.38 ? 260 TYR A C     1 
ATOM   1319 O O     . TYR A 1 164 ? 6.181   -0.698  -10.869 1.00 37.88 ? 260 TYR A O     1 
ATOM   1320 C CB    . TYR A 1 164 ? 5.146   0.442   -8.078  1.00 34.15 ? 260 TYR A CB    1 
ATOM   1321 C CG    . TYR A 1 164 ? 4.252   1.118   -7.065  1.00 34.52 ? 260 TYR A CG    1 
ATOM   1322 C CD1   . TYR A 1 164 ? 4.661   2.286   -6.419  1.00 32.48 ? 260 TYR A CD1   1 
ATOM   1323 C CD2   . TYR A 1 164 ? 3.023   0.563   -6.708  1.00 32.70 ? 260 TYR A CD2   1 
ATOM   1324 C CE1   . TYR A 1 164 ? 3.880   2.875   -5.440  1.00 31.04 ? 260 TYR A CE1   1 
ATOM   1325 C CE2   . TYR A 1 164 ? 2.230   1.148   -5.725  1.00 31.49 ? 260 TYR A CE2   1 
ATOM   1326 C CZ    . TYR A 1 164 ? 2.668   2.302   -5.093  1.00 31.47 ? 260 TYR A CZ    1 
ATOM   1327 O OH    . TYR A 1 164 ? 1.914   2.866   -4.091  1.00 31.86 ? 260 TYR A OH    1 
ATOM   1328 N N     . HIS A 1 165 ? 6.880   1.425   -10.557 1.00 38.16 ? 261 HIS A N     1 
ATOM   1329 C CA    . HIS A 1 165 ? 8.112   1.235   -11.296 1.00 39.96 ? 261 HIS A CA    1 
ATOM   1330 C C     . HIS A 1 165 ? 9.073   0.843   -10.176 1.00 39.57 ? 261 HIS A C     1 
ATOM   1331 O O     . HIS A 1 165 ? 9.084   1.477   -9.126  1.00 39.13 ? 261 HIS A O     1 
ATOM   1332 C CB    . HIS A 1 165 ? 8.539   2.557   -11.959 1.00 42.07 ? 261 HIS A CB    1 
ATOM   1333 C CG    . HIS A 1 165 ? 9.807   2.455   -12.757 1.00 44.73 ? 261 HIS A CG    1 
ATOM   1334 N ND1   . HIS A 1 165 ? 9.830   2.503   -14.136 1.00 42.75 ? 261 HIS A ND1   1 
ATOM   1335 C CD2   . HIS A 1 165 ? 11.094  2.291   -12.365 1.00 41.24 ? 261 HIS A CD2   1 
ATOM   1336 C CE1   . HIS A 1 165 ? 11.074  2.374   -14.558 1.00 42.19 ? 261 HIS A CE1   1 
ATOM   1337 N NE2   . HIS A 1 165 ? 11.860  2.242   -13.504 1.00 43.82 ? 261 HIS A NE2   1 
ATOM   1338 N N     . LYS A 1 166 ? 9.862   -0.203  -10.379 1.00 40.48 ? 262 LYS A N     1 
ATOM   1339 C CA    . LYS A 1 166 ? 10.797  -0.649  -9.348  1.00 41.46 ? 262 LYS A CA    1 
ATOM   1340 C C     . LYS A 1 166 ? 11.803  0.404   -8.875  1.00 41.51 ? 262 LYS A C     1 
ATOM   1341 O O     . LYS A 1 166 ? 12.157  0.447   -7.699  1.00 40.79 ? 262 LYS A O     1 
ATOM   1342 C CB    . LYS A 1 166 ? 11.555  -1.887  -9.832  1.00 40.03 ? 262 LYS A CB    1 
ATOM   1343 C CG    . LYS A 1 166 ? 10.650  -3.046  -10.176 1.00 41.15 ? 262 LYS A CG    1 
ATOM   1344 C CD    . LYS A 1 166 ? 11.425  -4.315  -10.504 1.00 41.13 ? 262 LYS A CD    1 
ATOM   1345 C CE    . LYS A 1 166 ? 10.473  -5.408  -10.992 1.00 40.94 ? 262 LYS A CE    1 
ATOM   1346 N NZ    . LYS A 1 166 ? 11.182  -6.668  -11.322 1.00 40.51 ? 262 LYS A NZ    1 
ATOM   1347 N N     . GLN A 1 167 ? 12.242  1.263   -9.788  1.00 43.64 ? 263 GLN A N     1 
ATOM   1348 C CA    . GLN A 1 167 ? 13.243  2.288   -9.489  1.00 44.41 ? 263 GLN A CA    1 
ATOM   1349 C C     . GLN A 1 167 ? 12.801  3.583   -8.796  1.00 44.01 ? 263 GLN A C     1 
ATOM   1350 O O     . GLN A 1 167 ? 13.578  4.190   -8.059  1.00 44.66 ? 263 GLN A O     1 
ATOM   1351 C CB    . GLN A 1 167 ? 13.975  2.655   -10.776 1.00 46.53 ? 263 GLN A CB    1 
ATOM   1352 C CG    . GLN A 1 167 ? 15.375  2.097   -10.894 1.00 54.78 ? 263 GLN A CG    1 
ATOM   1353 C CD    . GLN A 1 167 ? 15.417  0.587   -11.020 1.00 59.82 ? 263 GLN A CD    1 
ATOM   1354 O OE1   . GLN A 1 167 ? 14.928  -0.142  -10.147 1.00 59.30 ? 263 GLN A OE1   1 
ATOM   1355 N NE2   . GLN A 1 167 ? 16.019  0.103   -12.109 1.00 60.81 ? 263 GLN A NE2   1 
ATOM   1356 N N     . THR A 1 168 ? 11.570  4.015   -9.009  1.00 42.55 ? 264 THR A N     1 
ATOM   1357 C CA    . THR A 1 168 ? 11.144  5.263   -8.400  1.00 43.53 ? 264 THR A CA    1 
ATOM   1358 C C     . THR A 1 168 ? 11.220  5.315   -6.881  1.00 44.28 ? 264 THR A C     1 
ATOM   1359 O O     . THR A 1 168 ? 11.043  4.316   -6.192  1.00 44.79 ? 264 THR A O     1 
ATOM   1360 C CB    . THR A 1 168 ? 9.718   5.654   -8.840  1.00 43.84 ? 264 THR A CB    1 
ATOM   1361 O OG1   . THR A 1 168 ? 9.366   6.904   -8.234  1.00 47.97 ? 264 THR A OG1   1 
ATOM   1362 C CG2   . THR A 1 168 ? 8.714   4.598   -8.442  1.00 43.49 ? 264 THR A CG2   1 
ATOM   1363 N N     . HIS A 1 169 ? 11.511  6.500   -6.364  1.00 44.66 ? 265 HIS A N     1 
ATOM   1364 C CA    . HIS A 1 169 ? 11.590  6.695   -4.929  1.00 44.95 ? 265 HIS A CA    1 
ATOM   1365 C C     . HIS A 1 169 ? 10.224  7.175   -4.445  1.00 42.22 ? 265 HIS A C     1 
ATOM   1366 O O     . HIS A 1 169 ? 9.239   7.094   -5.173  1.00 41.71 ? 265 HIS A O     1 
ATOM   1367 C CB    . HIS A 1 169 ? 12.688  7.704   -4.593  1.00 47.98 ? 265 HIS A CB    1 
ATOM   1368 C CG    . HIS A 1 169 ? 12.741  8.872   -5.526  1.00 54.70 ? 265 HIS A CG    1 
ATOM   1369 N ND1   . HIS A 1 169 ? 12.974  8.734   -6.878  1.00 58.44 ? 265 HIS A ND1   1 
ATOM   1370 C CD2   . HIS A 1 169 ? 12.611  10.203  -5.299  1.00 58.14 ? 265 HIS A CD2   1 
ATOM   1371 C CE1   . HIS A 1 169 ? 12.987  9.929   -7.444  1.00 59.39 ? 265 HIS A CE1   1 
ATOM   1372 N NE2   . HIS A 1 169 ? 12.769  10.837  -6.509  1.00 58.62 ? 265 HIS A NE2   1 
ATOM   1373 N N     . TYR A 1 170 ? 10.146  7.662   -3.219  1.00 41.82 ? 266 TYR A N     1 
ATOM   1374 C CA    . TYR A 1 170 ? 8.857   8.117   -2.722  1.00 41.93 ? 266 TYR A CA    1 
ATOM   1375 C C     . TYR A 1 170 ? 8.740   9.631   -2.681  1.00 42.41 ? 266 TYR A C     1 
ATOM   1376 O O     . TYR A 1 170 ? 9.413   10.297  -1.895  1.00 43.54 ? 266 TYR A O     1 
ATOM   1377 C CB    . TYR A 1 170 ? 8.586   7.537   -1.328  1.00 38.01 ? 266 TYR A CB    1 
ATOM   1378 C CG    . TYR A 1 170 ? 7.139   7.654   -0.917  1.00 32.70 ? 266 TYR A CG    1 
ATOM   1379 C CD1   . TYR A 1 170 ? 6.626   8.858   -0.452  1.00 31.78 ? 266 TYR A CD1   1 
ATOM   1380 C CD2   . TYR A 1 170 ? 6.265   6.566   -1.049  1.00 31.92 ? 266 TYR A CD2   1 
ATOM   1381 C CE1   . TYR A 1 170 ? 5.267   8.986   -0.126  1.00 33.99 ? 266 TYR A CE1   1 
ATOM   1382 C CE2   . TYR A 1 170 ? 4.906   6.675   -0.728  1.00 30.77 ? 266 TYR A CE2   1 
ATOM   1383 C CZ    . TYR A 1 170 ? 4.414   7.890   -0.268  1.00 32.54 ? 266 TYR A CZ    1 
ATOM   1384 O OH    . TYR A 1 170 ? 3.081   8.027   0.046   1.00 29.91 ? 266 TYR A OH    1 
ATOM   1385 N N     . SER A 1 171 ? 7.881   10.170  -3.539  1.00 43.63 ? 267 SER A N     1 
ATOM   1386 C CA    . SER A 1 171 ? 7.657   11.612  -3.590  1.00 45.44 ? 267 SER A CA    1 
ATOM   1387 C C     . SER A 1 171 ? 6.162   11.912  -3.544  1.00 44.09 ? 267 SER A C     1 
ATOM   1388 O O     . SER A 1 171 ? 5.387   11.383  -4.341  1.00 41.64 ? 267 SER A O     1 
ATOM   1389 C CB    . SER A 1 171 ? 8.263   12.216  -4.864  1.00 47.36 ? 267 SER A CB    1 
ATOM   1390 O OG    . SER A 1 171 ? 7.619   11.715  -6.028  1.00 54.23 ? 267 SER A OG    1 
ATOM   1391 N N     . PRO A 1 172 ? 5.743   12.762  -2.595  1.00 45.36 ? 268 PRO A N     1 
ATOM   1392 C CA    . PRO A 1 172 ? 4.342   13.159  -2.413  1.00 47.57 ? 268 PRO A CA    1 
ATOM   1393 C C     . PRO A 1 172 ? 3.738   13.785  -3.664  1.00 48.03 ? 268 PRO A C     1 
ATOM   1394 O O     . PRO A 1 172 ? 4.397   14.559  -4.352  1.00 50.18 ? 268 PRO A O     1 
ATOM   1395 C CB    . PRO A 1 172 ? 4.419   14.154  -1.257  1.00 46.50 ? 268 PRO A CB    1 
ATOM   1396 C CG    . PRO A 1 172 ? 5.537   13.602  -0.433  1.00 46.61 ? 268 PRO A CG    1 
ATOM   1397 C CD    . PRO A 1 172 ? 6.576   13.269  -1.490  1.00 45.68 ? 268 PRO A CD    1 
ATOM   1398 N N     . GLY A 1 173 ? 2.487   13.439  -3.954  1.00 47.79 ? 269 GLY A N     1 
ATOM   1399 C CA    . GLY A 1 173 ? 1.815   13.988  -5.116  1.00 48.36 ? 269 GLY A CA    1 
ATOM   1400 C C     . GLY A 1 173 ? 1.579   12.972  -6.218  1.00 50.11 ? 269 GLY A C     1 
ATOM   1401 O O     . GLY A 1 173 ? 1.984   11.816  -6.105  1.00 50.47 ? 269 GLY A O     1 
ATOM   1402 N N     . SER A 1 174 ? 0.913   13.401  -7.289  1.00 50.32 ? 270 SER A N     1 
ATOM   1403 C CA    . SER A 1 174 ? 0.636   12.515  -8.414  1.00 50.42 ? 270 SER A CA    1 
ATOM   1404 C C     . SER A 1 174 ? 1.927   12.322  -9.197  1.00 49.23 ? 270 SER A C     1 
ATOM   1405 O O     . SER A 1 174 ? 2.771   13.205  -9.242  1.00 49.31 ? 270 SER A O     1 
ATOM   1406 C CB    . SER A 1 174 ? -0.435  13.118  -9.328  1.00 50.87 ? 270 SER A CB    1 
ATOM   1407 O OG    . SER A 1 174 ? 0.062   14.258  -10.004 1.00 51.43 ? 270 SER A OG    1 
ATOM   1408 N N     . THR A 1 175 ? 2.075   11.162  -9.815  1.00 48.81 ? 271 THR A N     1 
ATOM   1409 C CA    . THR A 1 175 ? 3.277   10.868  -10.578 1.00 48.39 ? 271 THR A CA    1 
ATOM   1410 C C     . THR A 1 175 ? 2.985   9.839   -11.660 1.00 47.83 ? 271 THR A C     1 
ATOM   1411 O O     . THR A 1 175 ? 2.146   8.959   -11.481 1.00 46.97 ? 271 THR A O     1 
ATOM   1412 C CB    . THR A 1 175 ? 4.378   10.321  -9.661  1.00 48.09 ? 271 THR A CB    1 
ATOM   1413 O OG1   . THR A 1 175 ? 5.416   9.737   -10.455 1.00 49.51 ? 271 THR A OG1   1 
ATOM   1414 C CG2   . THR A 1 175 ? 3.804   9.268   -8.712  1.00 47.73 ? 271 THR A CG2   1 
ATOM   1415 N N     . PRO A 1 176 ? 3.667   9.947   -12.810 1.00 48.47 ? 272 PRO A N     1 
ATOM   1416 C CA    . PRO A 1 176 ? 3.441   8.991   -13.899 1.00 47.20 ? 272 PRO A CA    1 
ATOM   1417 C C     . PRO A 1 176 ? 4.135   7.653   -13.627 1.00 46.68 ? 272 PRO A C     1 
ATOM   1418 O O     . PRO A 1 176 ? 3.851   6.648   -14.283 1.00 47.16 ? 272 PRO A O     1 
ATOM   1419 C CB    . PRO A 1 176 ? 4.015   9.717   -15.112 1.00 45.93 ? 272 PRO A CB    1 
ATOM   1420 C CG    . PRO A 1 176 ? 5.177   10.471  -14.525 1.00 45.61 ? 272 PRO A CG    1 
ATOM   1421 C CD    . PRO A 1 176 ? 4.581   11.027  -13.235 1.00 48.15 ? 272 PRO A CD    1 
ATOM   1422 N N     . LEU A 1 177 ? 5.044   7.646   -12.659 1.00 44.47 ? 273 LEU A N     1 
ATOM   1423 C CA    . LEU A 1 177 ? 5.759   6.421   -12.320 1.00 45.02 ? 273 LEU A CA    1 
ATOM   1424 C C     . LEU A 1 177 ? 4.921   5.478   -11.448 1.00 44.38 ? 273 LEU A C     1 
ATOM   1425 O O     . LEU A 1 177 ? 5.434   4.485   -10.918 1.00 44.77 ? 273 LEU A O     1 
ATOM   1426 C CB    . LEU A 1 177 ? 7.095   6.754   -11.637 1.00 43.79 ? 273 LEU A CB    1 
ATOM   1427 C CG    . LEU A 1 177 ? 8.380   6.754   -12.495 1.00 43.13 ? 273 LEU A CG    1 
ATOM   1428 C CD1   . LEU A 1 177 ? 8.052   6.789   -13.978 1.00 43.90 ? 273 LEU A CD1   1 
ATOM   1429 C CD2   . LEU A 1 177 ? 9.251   7.936   -12.118 1.00 40.72 ? 273 LEU A CD2   1 
ATOM   1430 N N     . VAL A 1 178 ? 3.634   5.801   -11.302 1.00 42.30 ? 274 VAL A N     1 
ATOM   1431 C CA    . VAL A 1 178 ? 2.698   4.978   -10.539 1.00 40.03 ? 274 VAL A CA    1 
ATOM   1432 C C     . VAL A 1 178 ? 1.373   4.974   -11.288 1.00 40.08 ? 274 VAL A C     1 
ATOM   1433 O O     . VAL A 1 178 ? 0.720   6.012   -11.420 1.00 39.42 ? 274 VAL A O     1 
ATOM   1434 C CB    . VAL A 1 178 ? 2.455   5.522   -9.125  1.00 40.28 ? 274 VAL A CB    1 
ATOM   1435 C CG1   . VAL A 1 178 ? 1.579   4.539   -8.347  1.00 36.71 ? 274 VAL A CG1   1 
ATOM   1436 C CG2   . VAL A 1 178 ? 3.784   5.748   -8.410  1.00 39.63 ? 274 VAL A CG2   1 
ATOM   1437 N N     . GLY A 1 179 ? 0.978   3.798   -11.772 1.00 40.37 ? 275 GLY A N     1 
ATOM   1438 C CA    . GLY A 1 179 ? -0.249  3.680   -12.540 1.00 40.54 ? 275 GLY A CA    1 
ATOM   1439 C C     . GLY A 1 179 ? -1.423  3.063   -11.816 1.00 40.58 ? 275 GLY A C     1 
ATOM   1440 O O     . GLY A 1 179 ? -1.256  2.314   -10.851 1.00 41.08 ? 275 GLY A O     1 
ATOM   1441 N N     . TRP A 1 180 ? -2.619  3.369   -12.307 1.00 39.83 ? 276 TRP A N     1 
ATOM   1442 C CA    . TRP A 1 180 ? -3.855  2.880   -11.715 1.00 40.20 ? 276 TRP A CA    1 
ATOM   1443 C C     . TRP A 1 180 ? -4.828  2.378   -12.765 1.00 40.81 ? 276 TRP A C     1 
ATOM   1444 O O     . TRP A 1 180 ? -4.985  2.992   -13.821 1.00 40.81 ? 276 TRP A O     1 
ATOM   1445 C CB    . TRP A 1 180 ? -4.504  4.006   -10.908 1.00 38.73 ? 276 TRP A CB    1 
ATOM   1446 C CG    . TRP A 1 180 ? -5.886  3.726   -10.393 1.00 40.64 ? 276 TRP A CG    1 
ATOM   1447 C CD1   . TRP A 1 180 ? -7.062  4.197   -10.906 1.00 40.34 ? 276 TRP A CD1   1 
ATOM   1448 C CD2   . TRP A 1 180 ? -6.236  2.988   -9.208  1.00 40.56 ? 276 TRP A CD2   1 
ATOM   1449 N NE1   . TRP A 1 180 ? -8.118  3.811   -10.111 1.00 37.68 ? 276 TRP A NE1   1 
ATOM   1450 C CE2   . TRP A 1 180 ? -7.641  3.071   -9.063  1.00 39.56 ? 276 TRP A CE2   1 
ATOM   1451 C CE3   . TRP A 1 180 ? -5.497  2.269   -8.254  1.00 37.80 ? 276 TRP A CE3   1 
ATOM   1452 C CZ2   . TRP A 1 180 ? -8.323  2.465   -7.999  1.00 38.46 ? 276 TRP A CZ2   1 
ATOM   1453 C CZ3   . TRP A 1 180 ? -6.178  1.667   -7.196  1.00 36.92 ? 276 TRP A CZ3   1 
ATOM   1454 C CH2   . TRP A 1 180 ? -7.575  1.770   -7.079  1.00 38.29 ? 276 TRP A CH2   1 
ATOM   1455 N N     . LEU A 1 181 ? -5.471  1.255   -12.464 1.00 41.55 ? 277 LEU A N     1 
ATOM   1456 C CA    . LEU A 1 181 ? -6.460  0.654   -13.351 1.00 43.70 ? 277 LEU A CA    1 
ATOM   1457 C C     . LEU A 1 181 ? -7.420  -0.213  -12.564 1.00 45.72 ? 277 LEU A C     1 
ATOM   1458 O O     . LEU A 1 181 ? -7.036  -0.888  -11.607 1.00 45.01 ? 277 LEU A O     1 
ATOM   1459 C CB    . LEU A 1 181 ? -5.814  -0.244  -14.412 1.00 42.08 ? 277 LEU A CB    1 
ATOM   1460 C CG    . LEU A 1 181 ? -5.021  0.317   -15.587 1.00 43.73 ? 277 LEU A CG    1 
ATOM   1461 C CD1   . LEU A 1 181 ? -4.571  -0.849  -16.444 1.00 43.22 ? 277 LEU A CD1   1 
ATOM   1462 C CD2   . LEU A 1 181 ? -5.860  1.286   -16.400 1.00 41.32 ? 277 LEU A CD2   1 
ATOM   1463 N N     . ARG A 1 182 ? -8.683  -0.187  -12.965 1.00 48.19 ? 278 ARG A N     1 
ATOM   1464 C CA    . ARG A 1 182 ? -9.655  -1.041  -12.325 1.00 49.58 ? 278 ARG A CA    1 
ATOM   1465 C C     . ARG A 1 182 ? -9.270  -2.399  -12.905 1.00 50.16 ? 278 ARG A C     1 
ATOM   1466 O O     . ARG A 1 182 ? -8.749  -2.476  -14.028 1.00 50.04 ? 278 ARG A O     1 
ATOM   1467 C CB    . ARG A 1 182 ? -11.067 -0.630  -12.731 1.00 52.59 ? 278 ARG A CB    1 
ATOM   1468 C CG    . ARG A 1 182 ? -11.479 0.713   -12.151 1.00 54.71 ? 278 ARG A CG    1 
ATOM   1469 C CD    . ARG A 1 182 ? -11.382 0.696   -10.630 1.00 57.75 ? 278 ARG A CD    1 
ATOM   1470 N NE    . ARG A 1 182 ? -11.921 1.909   -10.024 1.00 60.02 ? 278 ARG A NE    1 
ATOM   1471 C CZ    . ARG A 1 182 ? -13.177 2.321   -10.173 1.00 61.34 ? 278 ARG A CZ    1 
ATOM   1472 N NH1   . ARG A 1 182 ? -13.593 3.439   -9.590  1.00 61.11 ? 278 ARG A NH1   1 
ATOM   1473 N NH2   . ARG A 1 182 ? -14.020 1.607   -10.907 1.00 63.54 ? 278 ARG A NH2   1 
ATOM   1474 N N     . PRO A 1 183 ? -9.499  -3.484  -12.151 1.00 48.61 ? 279 PRO A N     1 
ATOM   1475 C CA    . PRO A 1 183 ? -9.155  -4.834  -12.607 1.00 47.86 ? 279 PRO A CA    1 
ATOM   1476 C C     . PRO A 1 183 ? -9.736  -5.235  -13.961 1.00 49.21 ? 279 PRO A C     1 
ATOM   1477 O O     . PRO A 1 183 ? -9.018  -5.744  -14.832 1.00 48.84 ? 279 PRO A O     1 
ATOM   1478 C CB    . PRO A 1 183 ? -9.653  -5.714  -11.465 1.00 48.42 ? 279 PRO A CB    1 
ATOM   1479 C CG    . PRO A 1 183 ? -10.807 -4.942  -10.930 1.00 49.75 ? 279 PRO A CG    1 
ATOM   1480 C CD    . PRO A 1 183 ? -10.284 -3.537  -10.907 1.00 48.14 ? 279 PRO A CD    1 
ATOM   1481 N N     . TYR A 1 184 ? -11.030 -4.995  -14.142 1.00 48.19 ? 280 TYR A N     1 
ATOM   1482 C CA    . TYR A 1 184 ? -11.700 -5.347  -15.385 1.00 47.23 ? 280 TYR A CA    1 
ATOM   1483 C C     . TYR A 1 184 ? -11.254 -4.465  -16.545 1.00 47.23 ? 280 TYR A C     1 
ATOM   1484 O O     . TYR A 1 184 ? -11.906 -4.433  -17.582 1.00 49.72 ? 280 TYR A O     1 
ATOM   1485 C CB    . TYR A 1 184 ? -13.224 -5.246  -15.201 1.00 46.66 ? 280 TYR A CB    1 
ATOM   1486 C CG    . TYR A 1 184 ? -13.697 -3.885  -14.737 1.00 45.52 ? 280 TYR A CG    1 
ATOM   1487 C CD1   . TYR A 1 184 ? -13.746 -2.802  -15.618 1.00 43.95 ? 280 TYR A CD1   1 
ATOM   1488 C CD2   . TYR A 1 184 ? -14.050 -3.668  -13.403 1.00 43.80 ? 280 TYR A CD2   1 
ATOM   1489 C CE1   . TYR A 1 184 ? -14.133 -1.529  -15.184 1.00 44.51 ? 280 TYR A CE1   1 
ATOM   1490 C CE2   . TYR A 1 184 ? -14.436 -2.399  -12.953 1.00 43.79 ? 280 TYR A CE2   1 
ATOM   1491 C CZ    . TYR A 1 184 ? -14.474 -1.333  -13.850 1.00 44.29 ? 280 TYR A CZ    1 
ATOM   1492 O OH    . TYR A 1 184 ? -14.829 -0.074  -13.412 1.00 40.61 ? 280 TYR A OH    1 
ATOM   1493 N N     . MET A 1 185 ? -10.143 -3.754  -16.371 1.00 45.90 ? 281 MET A N     1 
ATOM   1494 C CA    . MET A 1 185 ? -9.630  -2.874  -17.419 1.00 45.58 ? 281 MET A CA    1 
ATOM   1495 C C     . MET A 1 185 ? -8.320  -3.333  -18.066 1.00 46.61 ? 281 MET A C     1 
ATOM   1496 O O     . MET A 1 185 ? -8.039  -2.975  -19.210 1.00 45.91 ? 281 MET A O     1 
ATOM   1497 C CB    . MET A 1 185 ? -9.403  -1.464  -16.872 1.00 44.76 ? 281 MET A CB    1 
ATOM   1498 C CG    . MET A 1 185 ? -10.644 -0.641  -16.617 1.00 47.03 ? 281 MET A CG    1 
ATOM   1499 S SD    . MET A 1 185 ? -10.198 1.026   -16.061 1.00 50.92 ? 281 MET A SD    1 
ATOM   1500 C CE    . MET A 1 185 ? -11.739 1.549   -15.301 1.00 48.47 ? 281 MET A CE    1 
ATOM   1501 N N     . VAL A 1 186 ? -7.524  -4.117  -17.345 1.00 46.75 ? 282 VAL A N     1 
ATOM   1502 C CA    . VAL A 1 186 ? -6.233  -4.557  -17.861 1.00 50.52 ? 282 VAL A CA    1 
ATOM   1503 C C     . VAL A 1 186 ? -6.262  -5.127  -19.281 1.00 52.18 ? 282 VAL A C     1 
ATOM   1504 O O     . VAL A 1 186 ? -5.399  -4.792  -20.092 1.00 53.11 ? 282 VAL A O     1 
ATOM   1505 C CB    . VAL A 1 186 ? -5.544  -5.581  -16.906 1.00 49.91 ? 282 VAL A CB    1 
ATOM   1506 C CG1   . VAL A 1 186 ? -5.852  -5.230  -15.460 1.00 47.72 ? 282 VAL A CG1   1 
ATOM   1507 C CG2   . VAL A 1 186 ? -5.971  -6.998  -17.237 1.00 51.74 ? 282 VAL A CG2   1 
ATOM   1508 N N     . SER A 1 187 ? -7.246  -5.970  -19.591 1.00 53.68 ? 283 SER A N     1 
ATOM   1509 C CA    . SER A 1 187 ? -7.348  -6.551  -20.928 1.00 55.53 ? 283 SER A CA    1 
ATOM   1510 C C     . SER A 1 187 ? -7.211  -5.512  -22.035 1.00 56.96 ? 283 SER A C     1 
ATOM   1511 O O     . SER A 1 187 ? -6.302  -5.597  -22.864 1.00 56.13 ? 283 SER A O     1 
ATOM   1512 C CB    . SER A 1 187 ? -8.683  -7.281  -21.101 1.00 56.28 ? 283 SER A CB    1 
ATOM   1513 O OG    . SER A 1 187 ? -8.660  -8.548  -20.472 1.00 57.68 ? 283 SER A OG    1 
ATOM   1514 N N     . ASP A 1 188 ? -8.117  -4.536  -22.049 1.00 58.58 ? 284 ASP A N     1 
ATOM   1515 C CA    . ASP A 1 188 ? -8.095  -3.497  -23.071 1.00 60.67 ? 284 ASP A CA    1 
ATOM   1516 C C     . ASP A 1 188 ? -6.827  -2.667  -23.077 1.00 60.98 ? 284 ASP A C     1 
ATOM   1517 O O     . ASP A 1 188 ? -6.063  -2.699  -24.041 1.00 62.36 ? 284 ASP A O     1 
ATOM   1518 C CB    . ASP A 1 188 ? -9.286  -2.548  -22.916 1.00 64.09 ? 284 ASP A CB    1 
ATOM   1519 C CG    . ASP A 1 188 ? -10.524 -3.046  -23.628 1.00 67.41 ? 284 ASP A CG    1 
ATOM   1520 O OD1   . ASP A 1 188 ? -11.147 -4.019  -23.140 1.00 67.70 ? 284 ASP A OD1   1 
ATOM   1521 O OD2   . ASP A 1 188 ? -10.864 -2.460  -24.684 1.00 67.73 ? 284 ASP A OD2   1 
ATOM   1522 N N     . VAL A 1 189 ? -6.617  -1.921  -21.998 1.00 60.49 ? 285 VAL A N     1 
ATOM   1523 C CA    . VAL A 1 189 ? -5.464  -1.039  -21.865 1.00 59.06 ? 285 VAL A CA    1 
ATOM   1524 C C     . VAL A 1 189 ? -4.097  -1.725  -21.919 1.00 59.57 ? 285 VAL A C     1 
ATOM   1525 O O     . VAL A 1 189 ? -3.144  -1.163  -22.454 1.00 58.55 ? 285 VAL A O     1 
ATOM   1526 C CB    . VAL A 1 189 ? -5.580  -0.198  -20.565 1.00 57.77 ? 285 VAL A CB    1 
ATOM   1527 C CG1   . VAL A 1 189 ? -5.981  -1.081  -19.413 1.00 58.99 ? 285 VAL A CG1   1 
ATOM   1528 C CG2   . VAL A 1 189 ? -4.269  0.495   -20.262 1.00 55.96 ? 285 VAL A CG2   1 
ATOM   1529 N N     . LEU A 1 190 ? -3.998  -2.936  -21.384 1.00 60.55 ? 286 LEU A N     1 
ATOM   1530 C CA    . LEU A 1 190 ? -2.723  -3.644  -21.387 1.00 61.45 ? 286 LEU A CA    1 
ATOM   1531 C C     . LEU A 1 190 ? -2.630  -4.686  -22.494 1.00 63.36 ? 286 LEU A C     1 
ATOM   1532 O O     . LEU A 1 190 ? -1.626  -5.380  -22.620 1.00 64.78 ? 286 LEU A O     1 
ATOM   1533 C CB    . LEU A 1 190 ? -2.478  -4.295  -20.020 1.00 59.87 ? 286 LEU A CB    1 
ATOM   1534 C CG    . LEU A 1 190 ? -1.418  -3.641  -19.120 1.00 57.83 ? 286 LEU A CG    1 
ATOM   1535 C CD1   . LEU A 1 190 ? -1.538  -2.124  -19.149 1.00 56.77 ? 286 LEU A CD1   1 
ATOM   1536 C CD2   . LEU A 1 190 ? -1.572  -4.170  -17.701 1.00 57.50 ? 286 LEU A CD2   1 
ATOM   1537 N N     . GLY A 1 191 ? -3.680  -4.787  -23.301 1.00 64.37 ? 287 GLY A N     1 
ATOM   1538 C CA    . GLY A 1 191 ? -3.683  -5.738  -24.396 1.00 64.78 ? 287 GLY A CA    1 
ATOM   1539 C C     . GLY A 1 191 ? -3.132  -7.112  -24.062 1.00 65.41 ? 287 GLY A C     1 
ATOM   1540 O O     . GLY A 1 191 ? -2.134  -7.539  -24.651 1.00 66.27 ? 287 GLY A O     1 
ATOM   1541 N N     . VAL A 1 192 ? -3.779  -7.798  -23.121 1.00 65.50 ? 288 VAL A N     1 
ATOM   1542 C CA    . VAL A 1 192 ? -3.377  -9.141  -22.711 1.00 65.25 ? 288 VAL A CA    1 
ATOM   1543 C C     . VAL A 1 192 ? -4.596  -10.004 -22.374 1.00 65.71 ? 288 VAL A C     1 
ATOM   1544 O O     . VAL A 1 192 ? -5.688  -9.491  -22.117 1.00 64.82 ? 288 VAL A O     1 
ATOM   1545 C CB    . VAL A 1 192 ? -2.440  -9.118  -21.466 1.00 65.97 ? 288 VAL A CB    1 
ATOM   1546 C CG1   . VAL A 1 192 ? -1.136  -8.403  -21.795 1.00 64.04 ? 288 VAL A CG1   1 
ATOM   1547 C CG2   . VAL A 1 192 ? -3.146  -8.454  -20.290 1.00 65.54 ? 288 VAL A CG2   1 
ATOM   1548 N N     . ALA A 1 193 ? -4.397  -11.318 -22.379 1.00 65.99 ? 289 ALA A N     1 
ATOM   1549 C CA    . ALA A 1 193 ? -5.462  -12.264 -22.067 1.00 66.56 ? 289 ALA A CA    1 
ATOM   1550 C C     . ALA A 1 193 ? -5.634  -12.278 -20.563 1.00 66.38 ? 289 ALA A C     1 
ATOM   1551 O O     . ALA A 1 193 ? -4.667  -12.083 -19.832 1.00 66.64 ? 289 ALA A O     1 
ATOM   1552 C CB    . ALA A 1 193 ? -5.085  -13.664 -22.564 1.00 67.59 ? 289 ALA A CB    1 
ATOM   1553 N N     . VAL A 1 194 ? -6.859  -12.508 -20.095 1.00 65.41 ? 290 VAL A N     1 
ATOM   1554 C CA    . VAL A 1 194 ? -7.108  -12.531 -18.660 1.00 65.89 ? 290 VAL A CA    1 
ATOM   1555 C C     . VAL A 1 194 ? -8.183  -13.533 -18.262 1.00 66.36 ? 290 VAL A C     1 
ATOM   1556 O O     . VAL A 1 194 ? -9.161  -13.734 -18.981 1.00 66.66 ? 290 VAL A O     1 
ATOM   1557 C CB    . VAL A 1 194 ? -7.527  -11.127 -18.127 1.00 66.73 ? 290 VAL A CB    1 
ATOM   1558 C CG1   . VAL A 1 194 ? -6.504  -10.076 -18.549 1.00 65.09 ? 290 VAL A CG1   1 
ATOM   1559 C CG2   . VAL A 1 194 ? -8.923  -10.763 -18.630 1.00 64.63 ? 290 VAL A CG2   1 
ATOM   1560 N N     . PRO A 1 195 ? -8.013  -14.171 -17.096 1.00 66.62 ? 291 PRO A N     1 
ATOM   1561 C CA    . PRO A 1 195 ? -8.943  -15.165 -16.552 1.00 67.37 ? 291 PRO A CA    1 
ATOM   1562 C C     . PRO A 1 195 ? -10.330 -14.589 -16.277 1.00 67.98 ? 291 PRO A C     1 
ATOM   1563 O O     . PRO A 1 195 ? -10.461 -13.600 -15.555 1.00 69.11 ? 291 PRO A O     1 
ATOM   1564 C CB    . PRO A 1 195 ? -8.255  -15.603 -15.259 1.00 67.76 ? 291 PRO A CB    1 
ATOM   1565 C CG    . PRO A 1 195 ? -6.805  -15.388 -15.546 1.00 66.66 ? 291 PRO A CG    1 
ATOM   1566 C CD    . PRO A 1 195 ? -6.821  -14.057 -16.238 1.00 67.05 ? 291 PRO A CD    1 
ATOM   1567 N N     . ALA A 1 196 ? -11.362 -15.207 -16.849 1.00 68.01 ? 292 ALA A N     1 
ATOM   1568 C CA    . ALA A 1 196 ? -12.732 -14.751 -16.625 1.00 67.52 ? 292 ALA A CA    1 
ATOM   1569 C C     . ALA A 1 196 ? -13.037 -14.911 -15.142 1.00 67.39 ? 292 ALA A C     1 
ATOM   1570 O O     . ALA A 1 196 ? -12.534 -15.828 -14.494 1.00 68.19 ? 292 ALA A O     1 
ATOM   1571 C CB    . ALA A 1 196 ? -13.708 -15.575 -17.451 1.00 66.61 ? 292 ALA A CB    1 
ATOM   1572 N N     . GLY A 1 197 ? -13.856 -14.019 -14.600 1.00 68.19 ? 293 GLY A N     1 
ATOM   1573 C CA    . GLY A 1 197 ? -14.184 -14.097 -13.189 1.00 67.20 ? 293 GLY A CA    1 
ATOM   1574 C C     . GLY A 1 197 ? -14.533 -12.744 -12.604 1.00 67.24 ? 293 GLY A C     1 
ATOM   1575 O O     . GLY A 1 197 ? -14.439 -11.726 -13.294 1.00 67.13 ? 293 GLY A O     1 
ATOM   1576 N N     . PRO A 1 198 ? -14.922 -12.700 -11.319 1.00 67.01 ? 294 PRO A N     1 
ATOM   1577 C CA    . PRO A 1 198 ? -15.300 -11.478 -10.600 1.00 66.60 ? 294 PRO A CA    1 
ATOM   1578 C C     . PRO A 1 198 ? -14.437 -10.254 -10.922 1.00 65.85 ? 294 PRO A C     1 
ATOM   1579 O O     . PRO A 1 198 ? -14.947 -9.199  -11.308 1.00 65.33 ? 294 PRO A O     1 
ATOM   1580 C CB    . PRO A 1 198 ? -15.167 -11.890 -9.135  1.00 67.15 ? 294 PRO A CB    1 
ATOM   1581 C CG    . PRO A 1 198 ? -15.520 -13.339 -9.162  1.00 67.06 ? 294 PRO A CG    1 
ATOM   1582 C CD    . PRO A 1 198 ? -14.786 -13.834 -10.386 1.00 66.49 ? 294 PRO A CD    1 
ATOM   1583 N N     . LEU A 1 199 ? -13.128 -10.418 -10.761 1.00 64.84 ? 295 LEU A N     1 
ATOM   1584 C CA    . LEU A 1 199 ? -12.147 -9.358  -10.986 1.00 64.93 ? 295 LEU A CA    1 
ATOM   1585 C C     . LEU A 1 199 ? -11.988 -8.838  -12.406 1.00 64.91 ? 295 LEU A C     1 
ATOM   1586 O O     . LEU A 1 199 ? -11.523 -7.718  -12.610 1.00 65.32 ? 295 LEU A O     1 
ATOM   1587 C CB    . LEU A 1 199 ? -10.782 -9.827  -10.492 1.00 63.58 ? 295 LEU A CB    1 
ATOM   1588 C CG    . LEU A 1 199 ? -10.598 -9.789  -8.981  1.00 63.95 ? 295 LEU A CG    1 
ATOM   1589 C CD1   . LEU A 1 199 ? -9.492  -10.736 -8.540  1.00 64.37 ? 295 LEU A CD1   1 
ATOM   1590 C CD2   . LEU A 1 199 ? -10.292 -8.364  -8.591  1.00 63.97 ? 295 LEU A CD2   1 
ATOM   1591 N N     . THR A 1 200 ? -12.361 -9.641  -13.389 1.00 64.92 ? 296 THR A N     1 
ATOM   1592 C CA    . THR A 1 200 ? -12.203 -9.217  -14.770 1.00 64.80 ? 296 THR A CA    1 
ATOM   1593 C C     . THR A 1 200 ? -13.541 -8.880  -15.436 1.00 64.45 ? 296 THR A C     1 
ATOM   1594 O O     . THR A 1 200 ? -13.579 -8.420  -16.579 1.00 61.93 ? 296 THR A O     1 
ATOM   1595 C CB    . THR A 1 200 ? -11.474 -10.311 -15.573 1.00 64.60 ? 296 THR A CB    1 
ATOM   1596 O OG1   . THR A 1 200 ? -11.042 -9.775  -16.827 1.00 67.15 ? 296 THR A OG1   1 
ATOM   1597 C CG2   . THR A 1 200 ? -12.401 -11.498 -15.823 1.00 65.35 ? 296 THR A CG2   1 
ATOM   1598 N N     . THR A 1 201 ? -14.633 -9.103  -14.711 1.00 65.36 ? 297 THR A N     1 
ATOM   1599 C CA    . THR A 1 201 ? -15.976 -8.829  -15.215 1.00 67.69 ? 297 THR A CA    1 
ATOM   1600 C C     . THR A 1 201 ? -16.235 -7.326  -15.360 1.00 69.97 ? 297 THR A C     1 
ATOM   1601 O O     . THR A 1 201 ? -16.256 -6.585  -14.376 1.00 70.48 ? 297 THR A O     1 
ATOM   1602 C CB    . THR A 1 201 ? -17.041 -9.422  -14.275 1.00 68.62 ? 297 THR A CB    1 
ATOM   1603 O OG1   . THR A 1 201 ? -16.882 -10.845 -14.202 1.00 69.42 ? 297 THR A OG1   1 
ATOM   1604 C CG2   . THR A 1 201 ? -18.438 -9.088  -14.774 1.00 67.91 ? 297 THR A CG2   1 
ATOM   1605 N N     . LYS A 1 202 ? -16.447 -6.885  -16.595 1.00 72.16 ? 298 LYS A N     1 
ATOM   1606 C CA    . LYS A 1 202 ? -16.697 -5.477  -16.875 1.00 74.82 ? 298 LYS A CA    1 
ATOM   1607 C C     . LYS A 1 202 ? -18.152 -5.091  -16.584 1.00 77.16 ? 298 LYS A C     1 
ATOM   1608 O O     . LYS A 1 202 ? -19.049 -5.939  -16.620 1.00 77.46 ? 298 LYS A O     1 
ATOM   1609 C CB    . LYS A 1 202 ? -16.357 -5.186  -18.339 1.00 74.79 ? 298 LYS A CB    1 
ATOM   1610 C CG    . LYS A 1 202 ? -14.990 -5.708  -18.756 1.00 75.16 ? 298 LYS A CG    1 
ATOM   1611 C CD    . LYS A 1 202 ? -14.736 -5.547  -20.250 1.00 76.38 ? 298 LYS A CD    1 
ATOM   1612 C CE    . LYS A 1 202 ? -13.410 -6.192  -20.646 1.00 77.74 ? 298 LYS A CE    1 
ATOM   1613 N NZ    . LYS A 1 202 ? -13.101 -6.072  -22.098 1.00 77.60 ? 298 LYS A NZ    1 
ATOM   1614 N N     . PRO A 1 203 ? -18.399 -3.807  -16.266 1.00 78.90 ? 299 PRO A N     1 
ATOM   1615 C CA    . PRO A 1 203 ? -19.750 -3.317  -15.970 1.00 81.22 ? 299 PRO A CA    1 
ATOM   1616 C C     . PRO A 1 203 ? -20.495 -2.881  -17.234 1.00 83.90 ? 299 PRO A C     1 
ATOM   1617 O O     . PRO A 1 203 ? -19.942 -2.162  -18.066 1.00 84.11 ? 299 PRO A O     1 
ATOM   1618 C CB    . PRO A 1 203 ? -19.483 -2.144  -15.034 1.00 80.44 ? 299 PRO A CB    1 
ATOM   1619 C CG    . PRO A 1 203 ? -18.235 -1.567  -15.607 1.00 79.33 ? 299 PRO A CG    1 
ATOM   1620 C CD    . PRO A 1 203 ? -17.389 -2.804  -15.875 1.00 79.01 ? 299 PRO A CD    1 
ATOM   1621 N N     . ASP A 1 204 ? -21.746 -3.319  -17.376 1.00 86.94 ? 300 ASP A N     1 
ATOM   1622 C CA    . ASP A 1 204 ? -22.557 -2.960  -18.542 1.00 89.45 ? 300 ASP A CA    1 
ATOM   1623 C C     . ASP A 1 204 ? -23.904 -2.390  -18.079 1.00 90.26 ? 300 ASP A C     1 
ATOM   1624 O O     . ASP A 1 204 ? -24.204 -2.495  -16.867 1.00 90.12 ? 300 ASP A O     1 
ATOM   1625 C CB    . ASP A 1 204 ? -22.785 -4.197  -19.430 1.00 90.76 ? 300 ASP A CB    1 
ATOM   1626 C CG    . ASP A 1 204 ? -23.131 -3.839  -20.880 1.00 92.44 ? 300 ASP A CG    1 
ATOM   1627 O OD1   . ASP A 1 204 ? -24.092 -3.068  -21.106 1.00 92.92 ? 300 ASP A OD1   1 
ATOM   1628 O OD2   . ASP A 1 204 ? -22.443 -4.339  -21.799 1.00 92.06 ? 300 ASP A OD2   1 
ATOM   1629 O OXT   . ASP A 1 204 ? -24.648 -1.850  -18.929 1.00 90.91 ? 300 ASP A OXT   1 
HETATM 1630 O OBB   . TPG B 2 .   ? -4.541  5.135   -6.600  1.00 54.16 ? 400 TPG A OBB   1 
HETATM 1631 C CBF   . TPG B 2 .   ? -5.602  5.584   -7.030  1.00 57.50 ? 400 TPG A CBF   1 
HETATM 1632 N NBE   . TPG B 2 .   ? -5.619  6.323   -8.221  1.00 57.24 ? 400 TPG A NBE   1 
HETATM 1633 C CBM   . TPG B 2 .   ? -6.833  6.833   -8.699  1.00 56.27 ? 400 TPG A CBM   1 
HETATM 1634 N NBV   . TPG B 2 .   ? -6.868  7.574   -9.805  1.00 57.49 ? 400 TPG A NBV   1 
HETATM 1635 C CBZ   . TPG B 2 .   ? -8.143  8.112   -10.299 1.00 56.80 ? 400 TPG A CBZ   1 
HETATM 1636 C CBW   . TPG B 2 .   ? -5.629  7.868   -10.541 1.00 54.93 ? 400 TPG A CBW   1 
HETATM 1637 N NBN   . TPG B 2 .   ? -7.960  6.597   -8.010  1.00 55.52 ? 400 TPG A NBN   1 
HETATM 1638 C CBO   . TPG B 2 .   ? -7.970  5.890   -6.868  1.00 59.69 ? 400 TPG A CBO   1 
HETATM 1639 C CBG   . TPG B 2 .   ? -6.792  5.363   -6.343  1.00 58.09 ? 400 TPG A CBG   1 
HETATM 1640 N NBH   . TPG B 2 .   ? -7.057  4.810   -5.161  1.00 56.41 ? 400 TPG A NBH   1 
HETATM 1641 C CBC   . TPG B 2 .   ? -6.056  4.269   -4.216  1.00 54.66 ? 400 TPG A CBC   1 
HETATM 1642 C CBI   . TPG B 2 .   ? -8.506  4.801   -4.925  1.00 59.48 ? 400 TPG A CBI   1 
HETATM 1643 N NBP   . TPG B 2 .   ? -8.976  5.649   -6.030  1.00 62.09 ? 400 TPG A NBP   1 
HETATM 1644 C CBQ   . TPG B 2 .   ? -10.366 6.144   -6.166  1.00 67.39 ? 400 TPG A CBQ   1 
HETATM 1645 O OBR   . TPG B 2 .   ? -10.425 7.409   -5.482  1.00 71.67 ? 400 TPG A OBR   1 
HETATM 1646 C CBX   . TPG B 2 .   ? -11.417 5.265   -5.484  1.00 69.39 ? 400 TPG A CBX   1 
HETATM 1647 O OCA   . TPG B 2 .   ? -12.714 5.586   -5.993  1.00 68.62 ? 400 TPG A OCA   1 
HETATM 1648 C CBY   . TPG B 2 .   ? -11.254 5.729   -4.040  1.00 72.93 ? 400 TPG A CBY   1 
HETATM 1649 O OCB   . TPG B 2 .   ? -12.412 5.379   -3.277  1.00 74.66 ? 400 TPG A OCB   1 
HETATM 1650 C CBS   . TPG B 2 .   ? -11.189 7.236   -4.277  1.00 74.46 ? 400 TPG A CBS   1 
HETATM 1651 C CBT   . TPG B 2 .   ? -10.577 7.968   -3.082  1.00 79.44 ? 400 TPG A CBT   1 
HETATM 1652 O OBU   . TPG B 2 .   ? -11.318 7.675   -1.896  1.00 86.14 ? 400 TPG A OBU   1 
HETATM 1653 P PBK   . TPG B 2 .   ? -10.602 7.761   -0.458  1.00 89.63 ? 400 TPG A PBK   1 
HETATM 1654 O OBL   . TPG B 2 .   ? -9.102  8.288   -0.721  1.00 87.98 ? 400 TPG A OBL   1 
HETATM 1655 O OBJ   . TPG B 2 .   ? -10.602 6.450   0.230   1.00 90.47 ? 400 TPG A OBJ   1 
HETATM 1656 O OBD   . TPG B 2 .   ? -11.377 8.913   0.358   1.00 90.77 ? 400 TPG A OBD   1 
HETATM 1657 P PAZ   . TPG B 2 .   ? -10.844 10.432  0.355   1.00 91.52 ? 400 TPG A PAZ   1 
HETATM 1658 O OBA   . TPG B 2 .   ? -11.683 11.360  1.370   1.00 92.95 ? 400 TPG A OBA   1 
HETATM 1659 O OAY   . TPG B 2 .   ? -9.478  10.790  -0.087  1.00 91.20 ? 400 TPG A OAY   1 
HETATM 1660 O OAX   . TPG B 2 .   ? -11.696 10.855  -0.946  1.00 91.57 ? 400 TPG A OAX   1 
HETATM 1661 P PAT   . TPG B 2 .   ? -11.332 12.191  -1.771  1.00 91.70 ? 400 TPG A PAT   1 
HETATM 1662 O OAU   . TPG B 2 .   ? -12.200 13.458  -1.284  1.00 89.52 ? 400 TPG A OAU   1 
HETATM 1663 O OAS   . TPG B 2 .   ? -10.053 12.347  -2.497  1.00 91.83 ? 400 TPG A OAS   1 
HETATM 1664 O "O5'" . TPG B 2 .   ? -12.317 11.850  -2.998  1.00 90.22 ? 400 TPG A "O5'" 1 
HETATM 1665 C "C5'" . TPG B 2 .   ? -12.060 10.762  -3.892  1.00 87.04 ? 400 TPG A "C5'" 1 
HETATM 1666 C "C4'" . TPG B 2 .   ? -11.327 11.210  -5.159  1.00 85.44 ? 400 TPG A "C4'" 1 
HETATM 1667 O "O4'" . TPG B 2 .   ? -9.941  11.520  -4.937  1.00 84.70 ? 400 TPG A "O4'" 1 
HETATM 1668 C "C3'" . TPG B 2 .   ? -11.254 10.078  -6.182  1.00 84.33 ? 400 TPG A "C3'" 1 
HETATM 1669 O "O3'" . TPG B 2 .   ? -12.529 9.924   -6.811  1.00 82.81 ? 400 TPG A "O3'" 1 
HETATM 1670 C "C2'" . TPG B 2 .   ? -10.289 10.748  -7.158  1.00 83.24 ? 400 TPG A "C2'" 1 
HETATM 1671 O "O2'" . TPG B 2 .   ? -10.954 11.815  -7.839  1.00 84.30 ? 400 TPG A "O2'" 1 
HETATM 1672 C "C1'" . TPG B 2 .   ? -9.253  11.322  -6.188  1.00 82.15 ? 400 TPG A "C1'" 1 
HETATM 1673 N N9    . TPG B 2 .   ? -8.139  10.367  -5.974  1.00 78.82 ? 400 TPG A N9    1 
HETATM 1674 C C8    . TPG B 2 .   ? -7.997  9.547   -4.936  1.00 76.77 ? 400 TPG A C8    1 
HETATM 1675 N N7    . TPG B 2 .   ? -6.838  8.899   -5.036  1.00 75.63 ? 400 TPG A N7    1 
HETATM 1676 C C5    . TPG B 2 .   ? -6.237  9.304   -6.150  1.00 75.73 ? 400 TPG A C5    1 
HETATM 1677 C C4    . TPG B 2 .   ? -7.071  10.236  -6.758  1.00 77.01 ? 400 TPG A C4    1 
HETATM 1678 N N3    . TPG B 2 .   ? -6.726  10.815  -7.918  1.00 75.45 ? 400 TPG A N3    1 
HETATM 1679 C C2    . TPG B 2 .   ? -5.571  10.527  -8.536  1.00 73.73 ? 400 TPG A C2    1 
HETATM 1680 N N2    . TPG B 2 .   ? -5.267  11.111  -9.692  1.00 71.98 ? 400 TPG A N2    1 
HETATM 1681 N N1    . TPG B 2 .   ? -4.688  9.600   -7.966  1.00 73.36 ? 400 TPG A N1    1 
HETATM 1682 C C6    . TPG B 2 .   ? -5.028  8.982   -6.756  1.00 74.26 ? 400 TPG A C6    1 
HETATM 1683 O O6    . TPG B 2 .   ? -4.255  8.185   -6.227  1.00 72.78 ? 400 TPG A O6    1 
HETATM 1684 O O     . HOH C 3 .   ? -5.599  6.967   -2.992  1.00 54.00 ? 1   HOH A O     1 
HETATM 1685 O O     . HOH C 3 .   ? -4.097  -0.495  15.992  1.00 35.67 ? 2   HOH A O     1 
HETATM 1686 O O     . HOH C 3 .   ? -10.960 4.866   -9.215  1.00 44.35 ? 3   HOH A O     1 
HETATM 1687 O O     . HOH C 3 .   ? 5.678   5.526   -4.161  1.00 51.65 ? 4   HOH A O     1 
HETATM 1688 O O     . HOH C 3 .   ? -10.608 -4.711  -20.336 1.00 53.42 ? 5   HOH A O     1 
HETATM 1689 O O     . HOH C 3 .   ? 3.027   4.376   -2.496  1.00 23.46 ? 6   HOH A O     1 
HETATM 1690 O O     . HOH C 3 .   ? -13.643 8.199   -7.957  1.00 60.97 ? 7   HOH A O     1 
HETATM 1691 O O     . HOH C 3 .   ? 17.509  2.668   -3.609  1.00 30.11 ? 8   HOH A O     1 
HETATM 1692 O O     . HOH C 3 .   ? -2.046  6.129   -5.623  1.00 38.53 ? 9   HOH A O     1 
HETATM 1693 O O     . HOH C 3 .   ? 6.671   -8.910  -7.600  1.00 31.94 ? 10  HOH A O     1 
HETATM 1694 O O     . HOH C 3 .   ? 7.614   -7.641  -13.039 1.00 41.48 ? 11  HOH A O     1 
HETATM 1695 O O     . HOH C 3 .   ? -8.196  9.909   -2.059  1.00 53.45 ? 12  HOH A O     1 
HETATM 1696 O O     . HOH C 3 .   ? -1.681  13.266  3.897   1.00 37.30 ? 13  HOH A O     1 
HETATM 1697 O O     . HOH C 3 .   ? 3.825   -4.972  -1.336  1.00 30.29 ? 14  HOH A O     1 
HETATM 1698 O O     . HOH C 3 .   ? -2.269  -6.842  -2.903  1.00 33.41 ? 15  HOH A O     1 
HETATM 1699 O O     . HOH C 3 .   ? 3.341   -2.345  -2.142  1.00 24.65 ? 16  HOH A O     1 
HETATM 1700 O O     . HOH C 3 .   ? 9.270   -8.543  -11.192 1.00 49.40 ? 17  HOH A O     1 
HETATM 1701 O O     . HOH C 3 .   ? 8.461   -7.062  -1.571  1.00 60.12 ? 18  HOH A O     1 
HETATM 1702 O O     . HOH C 3 .   ? 0.506   5.013   -5.034  1.00 34.27 ? 19  HOH A O     1 
HETATM 1703 O O     . HOH C 3 .   ? 1.734   -18.143 -20.724 1.00 48.04 ? 20  HOH A O     1 
HETATM 1704 O O     . HOH C 3 .   ? -8.592  -4.548  13.879  1.00 42.33 ? 21  HOH A O     1 
HETATM 1705 O O     . HOH C 3 .   ? 4.586   -8.444  1.352   1.00 50.60 ? 22  HOH A O     1 
HETATM 1706 O O     . HOH C 3 .   ? -11.897 2.625   -2.329  1.00 48.94 ? 23  HOH A O     1 
HETATM 1707 O O     . HOH C 3 .   ? -1.069  13.317  1.675   1.00 46.90 ? 24  HOH A O     1 
HETATM 1708 O O     . HOH C 3 .   ? -13.562 -0.278  -9.141  1.00 46.00 ? 25  HOH A O     1 
HETATM 1709 O O     . HOH C 3 .   ? 10.214  15.139  3.136   1.00 63.36 ? 26  HOH A O     1 
HETATM 1710 O O     . HOH C 3 .   ? -11.062 9.293   5.140   1.00 47.33 ? 27  HOH A O     1 
HETATM 1711 O O     . HOH C 3 .   ? -12.023 3.008   -7.181  1.00 59.41 ? 28  HOH A O     1 
HETATM 1712 O O     . HOH C 3 .   ? 8.482   8.319   24.226  1.00 52.78 ? 29  HOH A O     1 
HETATM 1713 O O     . HOH C 3 .   ? 4.060   -9.580  -1.455  1.00 45.20 ? 30  HOH A O     1 
HETATM 1714 O O     . HOH C 3 .   ? -8.683  4.210   13.101  1.00 48.22 ? 31  HOH A O     1 
HETATM 1715 O O     . HOH C 3 .   ? 19.986  5.875   -0.156  1.00 42.96 ? 32  HOH A O     1 
HETATM 1716 O O     . HOH C 3 .   ? 5.096   12.019  -6.744  1.00 64.49 ? 33  HOH A O     1 
HETATM 1717 O O     . HOH C 3 .   ? -8.380  1.604   -2.728  1.00 52.37 ? 34  HOH A O     1 
HETATM 1718 O O     . HOH C 3 .   ? 0.916   6.632   -14.765 1.00 64.94 ? 35  HOH A O     1 
HETATM 1719 O O     . HOH C 3 .   ? 3.476   6.125   -17.269 1.00 45.76 ? 36  HOH A O     1 
HETATM 1720 O O     . HOH C 3 .   ? 15.752  7.251   -5.533  1.00 50.55 ? 37  HOH A O     1 
HETATM 1721 O O     . HOH C 3 .   ? 2.771   4.753   -19.385 1.00 57.04 ? 38  HOH A O     1 
HETATM 1722 O O     . HOH C 3 .   ? 1.612   11.911  -13.131 1.00 55.45 ? 39  HOH A O     1 
HETATM 1723 O O     . HOH C 3 .   ? 6.652   15.120  -4.705  1.00 63.12 ? 40  HOH A O     1 
HETATM 1724 O O     . HOH C 3 .   ? -14.015 -6.113  -11.941 1.00 54.39 ? 41  HOH A O     1 
HETATM 1725 O O     . HOH C 3 .   ? 0.470   -15.441 -20.143 1.00 41.48 ? 42  HOH A O     1 
HETATM 1726 O O     . HOH C 3 .   ? -13.853 0.183   -18.937 1.00 51.80 ? 43  HOH A O     1 
HETATM 1727 O O     . HOH C 3 .   ? -7.811  10.473  2.555   1.00 39.08 ? 44  HOH A O     1 
HETATM 1728 O O     . HOH C 3 .   ? -10.466 11.123  3.603   1.00 57.94 ? 45  HOH A O     1 
HETATM 1729 O O     . HOH C 3 .   ? 8.055   -9.203  -2.614  1.00 32.07 ? 46  HOH A O     1 
HETATM 1730 O O     . HOH C 3 .   ? 19.908  4.786   2.046   1.00 38.08 ? 47  HOH A O     1 
HETATM 1731 O O     . HOH C 3 .   ? 8.016   1.687   26.545  1.00 62.36 ? 48  HOH A O     1 
HETATM 1732 O O     . HOH C 3 .   ? 9.919   2.599   25.038  1.00 61.62 ? 49  HOH A O     1 
HETATM 1733 O O     . HOH C 3 .   ? -0.667  4.256   22.572  1.00 49.90 ? 50  HOH A O     1 
HETATM 1734 O O     . HOH C 3 .   ? 8.779   16.632  -3.676  1.00 53.40 ? 51  HOH A O     1 
HETATM 1735 O O     . HOH C 3 .   ? -8.585  4.215   -1.557  1.00 54.16 ? 52  HOH A O     1 
HETATM 1736 O O     . HOH C 3 .   ? -9.069  -3.875  21.086  1.00 64.81 ? 53  HOH A O     1 
HETATM 1737 O O     . HOH C 3 .   ? -14.053 -4.823  1.739   1.00 37.66 ? 54  HOH A O     1 
HETATM 1738 O O     . HOH C 3 .   ? 5.727   -6.113  0.226   1.00 38.84 ? 55  HOH A O     1 
HETATM 1739 O O     . HOH C 3 .   ? 4.290   18.162  -0.325  1.00 49.10 ? 56  HOH A O     1 
HETATM 1740 O O     . HOH C 3 .   ? 0.857   1.731   -25.398 1.00 50.69 ? 57  HOH A O     1 
HETATM 1741 O O     . HOH C 3 .   ? 3.190   3.775   -24.739 1.00 58.77 ? 58  HOH A O     1 
HETATM 1742 O O     . HOH C 3 .   ? 1.457   9.641   -24.128 1.00 59.99 ? 59  HOH A O     1 
HETATM 1743 O O     . HOH C 3 .   ? -1.931  1.905   -24.428 1.00 70.42 ? 60  HOH A O     1 
HETATM 1744 O O     . HOH C 3 .   ? -5.796  3.555   21.219  1.00 53.00 ? 61  HOH A O     1 
HETATM 1745 O O     . HOH C 3 .   ? 12.378  0.142   16.536  1.00 66.38 ? 62  HOH A O     1 
HETATM 1746 O O     . HOH C 3 .   ? 15.211  -0.908  11.535  1.00 59.44 ? 63  HOH A O     1 
HETATM 1747 O O     . HOH C 3 .   ? -6.832  -9.567  5.423   1.00 37.51 ? 64  HOH A O     1 
HETATM 1748 O O     . HOH C 3 .   ? -15.993 -2.297  16.984  1.00 73.53 ? 65  HOH A O     1 
HETATM 1749 O O     . HOH C 3 .   ? 9.692   -7.597  -8.099  1.00 46.60 ? 66  HOH A O     1 
HETATM 1750 O O     . HOH C 3 .   ? -11.571 -0.256  -20.523 1.00 51.06 ? 67  HOH A O     1 
HETATM 1751 O O     . HOH C 3 .   ? 1.440   4.356   -26.444 1.00 65.56 ? 68  HOH A O     1 
HETATM 1752 O O     . HOH C 3 .   ? 5.625   -9.360  -3.216  1.00 48.38 ? 69  HOH A O     1 
HETATM 1753 O O     . HOH C 3 .   ? -11.260 9.043   -9.794  1.00 63.24 ? 70  HOH A O     1 
HETATM 1754 O O     . HOH C 3 .   ? 11.312  -2.162  15.707  1.00 53.64 ? 71  HOH A O     1 
HETATM 1755 O O     . HOH C 3 .   ? -5.511  10.272  -13.101 1.00 67.25 ? 72  HOH A O     1 
HETATM 1756 O O     . HOH C 3 .   ? -14.081 16.102  4.254   1.00 51.81 ? 73  HOH A O     1 
HETATM 1757 O O     . HOH C 3 .   ? -2.617  18.060  12.627  1.00 49.69 ? 74  HOH A O     1 
HETATM 1758 O O     . HOH C 3 .   ? 1.644   -13.300 14.322  1.00 45.01 ? 75  HOH A O     1 
HETATM 1759 O O     . HOH C 3 .   ? -12.587 6.960   -10.600 1.00 61.79 ? 76  HOH A O     1 
HETATM 1760 O O     . HOH C 3 .   ? 2.937   18.786  9.587   1.00 58.08 ? 77  HOH A O     1 
HETATM 1761 O O     . HOH C 3 .   ? -5.272  20.454  8.770   1.00 47.96 ? 78  HOH A O     1 
HETATM 1762 O O     . HOH C 3 .   ? -13.618 9.001   -2.190  1.00 64.73 ? 79  HOH A O     1 
HETATM 1763 O O     . HOH C 3 .   ? -14.452 4.356   -7.129  1.00 67.71 ? 80  HOH A O     1 
HETATM 1764 O O     . HOH C 3 .   ? 0.613   3.462   19.284  1.00 61.65 ? 81  HOH A O     1 
HETATM 1765 O O     . HOH C 3 .   ? 6.742   6.697   1.633   1.00 64.42 ? 82  HOH A O     1 
# 
